data_5AJ1
#
_entry.id   5AJ1
#
_cell.length_a   1.000
_cell.length_b   1.000
_cell.length_c   1.000
_cell.angle_alpha   90.00
_cell.angle_beta   90.00
_cell.angle_gamma   90.00
#
_symmetry.space_group_name_H-M   'P 1'
#
_entity_poly.entity_id   1
_entity_poly.type   'polypeptide(L)'
_entity_poly.pdbx_seq_one_letter_code
;GGSMMMALSKTFGQKPVKFQLEDDGEFYMIGSEVGNYLRMFRGSLYKRYPSLWRRLATVEERKKIVASSHGKKTKPNTKD
HGYTTLATSVTLLKASEVEEILDGNDEKYKAVSIS
;
_entity_poly.pdbx_strand_id   A
#
# COMPACT_ATOMS: atom_id res chain seq x y z
N GLY A 2 38.21 1.79 -12.12
CA GLY A 2 37.24 1.47 -13.21
C GLY A 2 36.05 0.66 -12.72
N SER A 3 35.33 1.21 -11.75
CA SER A 3 34.17 0.54 -11.19
C SER A 3 32.90 1.32 -11.47
N MET A 4 31.98 0.72 -12.23
CA MET A 4 30.72 1.37 -12.57
C MET A 4 29.77 1.40 -11.38
N MET A 5 29.56 2.59 -10.83
CA MET A 5 28.68 2.77 -9.68
C MET A 5 27.28 3.16 -10.12
N MET A 6 26.28 2.38 -9.71
CA MET A 6 24.90 2.65 -10.07
C MET A 6 23.96 1.70 -9.34
N ALA A 7 23.17 2.24 -8.41
CA ALA A 7 22.23 1.43 -7.64
C ALA A 7 21.10 2.29 -7.09
N LEU A 8 19.87 1.85 -7.31
CA LEU A 8 18.70 2.58 -6.82
C LEU A 8 17.97 1.78 -5.74
N SER A 9 17.60 2.46 -4.66
CA SER A 9 16.90 1.81 -3.55
C SER A 9 15.81 2.70 -3.01
N LYS A 10 14.57 2.47 -3.46
CA LYS A 10 13.43 3.27 -3.01
C LYS A 10 12.50 2.43 -2.13
N THR A 11 12.47 1.12 -2.39
CA THR A 11 11.61 0.21 -1.63
C THR A 11 12.43 -0.54 -0.58
N PHE A 12 11.84 -0.75 0.59
CA PHE A 12 12.53 -1.44 1.68
C PHE A 12 11.60 -2.43 2.39
N GLY A 13 12.02 -3.69 2.48
CA GLY A 13 11.22 -4.67 3.18
C GLY A 13 10.33 -5.47 2.24
N GLN A 14 9.43 -6.25 2.83
CA GLN A 14 8.49 -7.06 2.07
C GLN A 14 7.49 -6.14 1.35
N LYS A 15 6.89 -6.64 0.27
CA LYS A 15 5.94 -5.83 -0.49
C LYS A 15 4.68 -5.60 0.33
N PRO A 16 4.06 -4.41 0.20
CA PRO A 16 2.85 -4.06 0.94
C PRO A 16 1.71 -5.02 0.64
N VAL A 17 0.72 -5.05 1.53
CA VAL A 17 -0.42 -5.93 1.37
C VAL A 17 -1.36 -5.45 0.26
N LYS A 18 -1.49 -6.28 -0.77
CA LYS A 18 -2.36 -5.98 -1.91
C LYS A 18 -3.55 -6.93 -1.92
N PHE A 19 -4.68 -6.46 -2.44
CA PHE A 19 -5.88 -7.28 -2.49
C PHE A 19 -6.74 -6.92 -3.69
N GLN A 20 -7.74 -7.75 -3.96
CA GLN A 20 -8.64 -7.52 -5.09
C GLN A 20 -9.97 -6.97 -4.58
N LEU A 21 -10.42 -5.86 -5.14
CA LEU A 21 -11.67 -5.25 -4.74
C LEU A 21 -12.74 -5.42 -5.81
N GLU A 22 -12.33 -5.65 -7.05
CA GLU A 22 -13.27 -5.83 -8.15
C GLU A 22 -12.98 -7.11 -8.91
N ASP A 23 -14.04 -7.77 -9.37
CA ASP A 23 -13.92 -9.02 -10.12
C ASP A 23 -13.18 -8.82 -11.45
N ASP A 24 -12.98 -7.57 -11.84
CA ASP A 24 -12.30 -7.27 -13.11
C ASP A 24 -10.77 -7.36 -12.96
N GLY A 25 -10.30 -7.73 -11.78
CA GLY A 25 -8.87 -7.85 -11.57
C GLY A 25 -8.25 -6.62 -10.94
N GLU A 26 -9.08 -5.70 -10.46
CA GLU A 26 -8.58 -4.49 -9.83
C GLU A 26 -7.93 -4.81 -8.48
N PHE A 27 -6.64 -4.55 -8.38
CA PHE A 27 -5.89 -4.81 -7.16
C PHE A 27 -5.46 -3.51 -6.49
N TYR A 28 -5.66 -3.45 -5.18
CA TYR A 28 -5.29 -2.28 -4.39
C TYR A 28 -4.34 -2.66 -3.27
N MET A 29 -3.72 -1.67 -2.67
CA MET A 29 -2.78 -1.89 -1.58
C MET A 29 -3.08 -0.95 -0.43
N ILE A 30 -2.83 -1.40 0.80
CA ILE A 30 -3.08 -0.57 1.97
C ILE A 30 -1.99 0.49 2.13
N GLY A 31 -2.41 1.76 2.11
CA GLY A 31 -1.47 2.87 2.22
C GLY A 31 -0.61 2.77 3.46
N SER A 32 -1.12 2.15 4.50
CA SER A 32 -0.37 1.99 5.73
C SER A 32 0.89 1.17 5.47
N GLU A 33 0.72 0.11 4.67
CA GLU A 33 1.85 -0.75 4.32
C GLU A 33 2.81 -0.01 3.40
N VAL A 34 2.23 0.71 2.44
CA VAL A 34 3.02 1.48 1.49
C VAL A 34 3.84 2.54 2.23
N GLY A 35 3.21 3.17 3.22
CA GLY A 35 3.89 4.19 4.00
C GLY A 35 5.09 3.63 4.75
N ASN A 36 4.88 2.55 5.48
CA ASN A 36 5.98 1.93 6.23
C ASN A 36 7.02 1.37 5.26
N TYR A 37 6.55 0.91 4.11
CA TYR A 37 7.43 0.35 3.08
C TYR A 37 8.45 1.38 2.62
N LEU A 38 7.99 2.61 2.42
CA LEU A 38 8.86 3.69 2.00
C LEU A 38 9.34 4.51 3.20
N ARG A 39 8.84 4.16 4.39
CA ARG A 39 9.21 4.84 5.62
C ARG A 39 8.68 6.27 5.65
N MET A 40 7.53 6.48 5.02
CA MET A 40 6.91 7.81 5.01
C MET A 40 5.79 7.87 6.04
N PHE A 41 5.86 8.86 6.92
CA PHE A 41 4.85 9.02 7.97
C PHE A 41 4.26 10.42 7.94
N ARG A 42 3.25 10.64 8.80
CA ARG A 42 2.59 11.95 8.87
C ARG A 42 1.96 12.32 7.53
N GLY A 43 1.43 11.32 6.84
CA GLY A 43 0.81 11.55 5.56
C GLY A 43 1.80 12.01 4.50
N SER A 44 3.08 11.73 4.75
CA SER A 44 4.13 12.11 3.82
C SER A 44 3.91 11.47 2.45
N LEU A 45 3.36 10.27 2.45
CA LEU A 45 3.09 9.55 1.22
C LEU A 45 2.05 10.28 0.37
N TYR A 46 0.94 10.65 1.00
CA TYR A 46 -0.13 11.36 0.31
C TYR A 46 0.27 12.80 -0.02
N LYS A 47 0.98 13.44 0.91
CA LYS A 47 1.42 14.81 0.71
C LYS A 47 2.53 14.87 -0.33
N ARG A 48 3.31 13.80 -0.43
CA ARG A 48 4.40 13.74 -1.39
C ARG A 48 3.92 13.22 -2.75
N TYR A 49 2.81 12.48 -2.74
CA TYR A 49 2.25 11.94 -3.97
C TYR A 49 0.81 12.39 -4.17
N PRO A 50 0.61 13.67 -4.55
CA PRO A 50 -0.72 14.25 -4.77
C PRO A 50 -1.52 13.54 -5.86
N SER A 51 -0.82 13.02 -6.88
CA SER A 51 -1.49 12.34 -7.99
C SER A 51 -1.70 10.85 -7.70
N LEU A 52 -1.41 10.42 -6.47
CA LEU A 52 -1.58 9.02 -6.11
C LEU A 52 -3.02 8.74 -5.69
N TRP A 53 -3.59 7.69 -6.29
CA TRP A 53 -4.97 7.31 -5.99
C TRP A 53 -5.08 6.73 -4.58
N ARG A 54 -5.83 7.41 -3.71
CA ARG A 54 -6.01 6.95 -2.35
C ARG A 54 -7.45 7.15 -1.90
N ARG A 55 -8.00 6.16 -1.19
CA ARG A 55 -9.37 6.25 -0.70
C ARG A 55 -9.57 5.37 0.53
N LEU A 56 -10.69 5.60 1.22
CA LEU A 56 -11.00 4.83 2.42
C LEU A 56 -11.89 3.63 2.08
N ALA A 57 -11.73 2.54 2.83
CA ALA A 57 -12.51 1.33 2.59
C ALA A 57 -13.68 1.24 3.56
N THR A 58 -14.81 0.75 3.06
CA THR A 58 -16.00 0.59 3.88
C THR A 58 -15.83 -0.55 4.85
N VAL A 59 -16.72 -0.66 5.83
CA VAL A 59 -16.64 -1.73 6.81
C VAL A 59 -16.57 -3.09 6.11
N GLU A 60 -17.37 -3.23 5.06
CA GLU A 60 -17.39 -4.46 4.29
C GLU A 60 -16.07 -4.64 3.54
N GLU A 61 -15.56 -3.55 2.98
CA GLU A 61 -14.31 -3.58 2.26
C GLU A 61 -13.16 -4.01 3.18
N ARG A 62 -13.13 -3.42 4.37
CA ARG A 62 -12.09 -3.75 5.36
C ARG A 62 -12.16 -5.22 5.73
N LYS A 63 -13.38 -5.74 5.92
CA LYS A 63 -13.56 -7.13 6.26
C LYS A 63 -12.93 -8.01 5.18
N LYS A 64 -13.20 -7.67 3.93
CA LYS A 64 -12.64 -8.41 2.79
C LYS A 64 -11.14 -8.18 2.73
N ILE A 65 -10.72 -6.97 3.08
CA ILE A 65 -9.31 -6.61 3.06
C ILE A 65 -8.50 -7.52 3.99
N VAL A 66 -8.96 -7.66 5.23
CA VAL A 66 -8.27 -8.48 6.21
C VAL A 66 -8.25 -9.94 5.81
N ALA A 67 -9.40 -10.47 5.40
CA ALA A 67 -9.51 -11.87 4.99
C ALA A 67 -8.83 -12.14 3.66
N SER A 68 -9.03 -11.23 2.70
CA SER A 68 -8.45 -11.39 1.36
C SER A 68 -6.98 -11.00 1.34
N SER A 69 -6.66 -9.81 1.86
CA SER A 69 -5.28 -9.33 1.86
C SER A 69 -4.47 -10.01 2.96
N HIS A 70 -4.99 -10.01 4.17
CA HIS A 70 -4.30 -10.63 5.31
C HIS A 70 -4.87 -12.00 5.62
N GLY A 71 -4.28 -12.66 6.61
CA GLY A 71 -4.73 -13.98 7.01
C GLY A 71 -4.45 -14.27 8.46
N LYS A 72 -3.21 -14.60 8.78
CA LYS A 72 -2.80 -14.91 10.14
C LYS A 72 -1.88 -13.83 10.70
N LYS A 73 -1.07 -13.25 9.82
CA LYS A 73 -0.13 -12.20 10.21
C LYS A 73 0.86 -12.72 11.24
N THR A 74 1.87 -11.91 11.53
CA THR A 74 2.90 -12.29 12.49
C THR A 74 2.45 -11.99 13.92
N LYS A 75 3.39 -12.07 14.86
CA LYS A 75 3.09 -11.80 16.26
C LYS A 75 2.06 -12.79 16.79
N PRO A 76 1.88 -12.85 18.13
CA PRO A 76 0.92 -13.76 18.76
C PRO A 76 -0.48 -13.64 18.15
N ASN A 77 -0.90 -14.68 17.46
CA ASN A 77 -2.22 -14.68 16.82
C ASN A 77 -2.96 -15.99 17.13
N THR A 78 -4.30 -15.92 17.11
CA THR A 78 -5.12 -17.09 17.39
C THR A 78 -5.87 -17.54 16.14
N LYS A 79 -6.39 -18.76 16.17
CA LYS A 79 -7.13 -19.30 15.04
C LYS A 79 -8.62 -18.99 15.16
N ASP A 80 -9.11 -18.93 16.39
CA ASP A 80 -10.51 -18.64 16.66
C ASP A 80 -10.84 -17.19 16.31
N HIS A 81 -9.86 -16.31 16.50
CA HIS A 81 -10.04 -14.90 16.20
C HIS A 81 -9.09 -14.44 15.10
N GLY A 82 -9.40 -13.30 14.49
CA GLY A 82 -8.57 -12.77 13.42
C GLY A 82 -7.96 -11.42 13.78
N TYR A 83 -8.50 -10.37 13.17
CA TYR A 83 -8.01 -9.01 13.42
C TYR A 83 -9.17 -8.01 13.48
N THR A 84 -9.15 -7.17 14.51
CA THR A 84 -10.20 -6.17 14.67
C THR A 84 -9.60 -4.82 15.09
N THR A 85 -8.37 -4.57 14.66
CA THR A 85 -7.70 -3.32 14.99
C THR A 85 -7.56 -2.44 13.74
N LEU A 86 -7.03 -3.02 12.67
CA LEU A 86 -6.84 -2.30 11.43
C LEU A 86 -8.16 -2.16 10.65
N ALA A 87 -9.24 -2.71 11.20
CA ALA A 87 -10.54 -2.65 10.53
C ALA A 87 -11.28 -1.35 10.87
N THR A 88 -10.59 -0.43 11.54
CA THR A 88 -11.20 0.84 11.91
C THR A 88 -11.07 1.85 10.78
N SER A 89 -9.95 1.80 10.07
CA SER A 89 -9.70 2.69 8.95
C SER A 89 -8.65 2.11 8.01
N VAL A 90 -9.08 1.69 6.82
CA VAL A 90 -8.18 1.10 5.85
C VAL A 90 -8.09 1.98 4.59
N THR A 91 -6.89 2.44 4.29
CA THR A 91 -6.68 3.28 3.11
C THR A 91 -6.22 2.43 1.93
N LEU A 92 -7.00 2.45 0.85
CA LEU A 92 -6.68 1.68 -0.34
C LEU A 92 -5.97 2.52 -1.38
N LEU A 93 -5.10 1.89 -2.15
CA LEU A 93 -4.35 2.57 -3.20
C LEU A 93 -4.33 1.74 -4.48
N LYS A 94 -4.13 2.39 -5.62
CA LYS A 94 -4.09 1.70 -6.89
C LYS A 94 -2.82 0.87 -7.03
N ALA A 95 -2.98 -0.43 -7.23
CA ALA A 95 -1.84 -1.35 -7.38
C ALA A 95 -0.87 -0.85 -8.44
N SER A 96 -1.43 -0.31 -9.53
CA SER A 96 -0.62 0.19 -10.62
C SER A 96 0.20 1.40 -10.19
N GLU A 97 -0.36 2.21 -9.29
CA GLU A 97 0.34 3.39 -8.80
C GLU A 97 1.53 2.98 -7.94
N VAL A 98 1.29 2.08 -7.00
CA VAL A 98 2.34 1.60 -6.12
C VAL A 98 3.41 0.86 -6.93
N GLU A 99 2.96 0.04 -7.85
CA GLU A 99 3.87 -0.73 -8.69
C GLU A 99 4.83 0.19 -9.44
N GLU A 100 4.29 1.27 -9.99
CA GLU A 100 5.11 2.23 -10.71
C GLU A 100 6.16 2.86 -9.80
N ILE A 101 5.72 3.32 -8.63
CA ILE A 101 6.63 3.92 -7.68
C ILE A 101 7.67 2.91 -7.26
N LEU A 102 7.22 1.67 -7.09
CA LEU A 102 8.12 0.58 -6.70
C LEU A 102 9.11 0.31 -7.83
N ASP A 103 8.65 0.46 -9.06
CA ASP A 103 9.49 0.27 -10.23
C ASP A 103 10.39 1.47 -10.46
N GLY A 104 10.07 2.56 -9.76
CA GLY A 104 10.83 3.79 -9.88
C GLY A 104 10.16 4.82 -10.76
N ASN A 105 8.97 4.50 -11.24
CA ASN A 105 8.20 5.41 -12.06
C ASN A 105 7.09 6.04 -11.24
N ASP A 106 7.18 7.33 -10.96
CA ASP A 106 6.16 7.99 -10.17
C ASP A 106 6.30 9.51 -10.19
N GLU A 107 7.01 10.02 -11.18
CA GLU A 107 7.22 11.46 -11.31
C GLU A 107 5.88 12.20 -11.41
N LYS A 108 4.93 11.59 -12.10
CA LYS A 108 3.61 12.19 -12.28
C LYS A 108 2.80 12.09 -11.00
N TYR A 109 3.17 11.15 -10.12
CA TYR A 109 2.46 10.96 -8.87
C TYR A 109 2.95 11.94 -7.79
N LYS A 110 4.23 12.26 -7.85
CA LYS A 110 4.82 13.16 -6.85
C LYS A 110 4.47 14.63 -7.14
N ALA A 111 4.34 14.97 -8.41
CA ALA A 111 4.05 16.35 -8.80
C ALA A 111 2.69 16.47 -9.48
N VAL A 112 1.76 15.60 -9.13
CA VAL A 112 0.41 15.61 -9.71
C VAL A 112 0.43 15.19 -11.18
N SER A 113 1.23 15.89 -11.97
CA SER A 113 1.35 15.59 -13.39
C SER A 113 2.65 16.16 -13.97
N ILE A 114 3.02 17.35 -13.51
CA ILE A 114 4.25 18.01 -13.98
C ILE A 114 4.38 17.93 -15.51
N SER A 115 3.26 18.16 -16.20
CA SER A 115 3.25 18.11 -17.66
C SER A 115 4.14 19.19 -18.24
N GLY A 2 32.09 7.02 -7.28
CA GLY A 2 32.40 8.46 -7.50
C GLY A 2 31.61 9.37 -6.59
N SER A 3 31.22 10.53 -7.12
CA SER A 3 30.45 11.50 -6.34
C SER A 3 28.96 11.21 -6.44
N MET A 4 28.50 10.89 -7.65
CA MET A 4 27.10 10.59 -7.87
C MET A 4 26.74 9.20 -7.33
N MET A 5 25.44 8.98 -7.12
CA MET A 5 24.97 7.71 -6.60
C MET A 5 25.55 7.42 -5.23
N MET A 6 24.98 8.04 -4.20
CA MET A 6 25.45 7.86 -2.83
C MET A 6 24.55 6.89 -2.08
N ALA A 7 23.27 6.88 -2.42
CA ALA A 7 22.31 5.99 -1.78
C ALA A 7 20.98 5.97 -2.53
N LEU A 8 20.89 5.09 -3.52
CA LEU A 8 19.68 4.98 -4.33
C LEU A 8 18.73 3.93 -3.74
N SER A 9 17.76 4.38 -2.96
CA SER A 9 16.80 3.48 -2.33
C SER A 9 15.39 4.05 -2.43
N LYS A 10 14.41 3.16 -2.62
CA LYS A 10 13.02 3.57 -2.73
C LYS A 10 12.11 2.60 -1.99
N THR A 11 12.34 1.31 -2.20
CA THR A 11 11.53 0.28 -1.55
C THR A 11 12.37 -0.49 -0.53
N PHE A 12 11.81 -0.73 0.65
CA PHE A 12 12.52 -1.45 1.70
C PHE A 12 11.60 -2.46 2.40
N GLY A 13 12.03 -3.72 2.47
CA GLY A 13 11.22 -4.71 3.15
C GLY A 13 10.33 -5.49 2.20
N GLN A 14 9.43 -6.28 2.77
CA GLN A 14 8.50 -7.07 1.99
C GLN A 14 7.52 -6.15 1.27
N LYS A 15 6.93 -6.64 0.18
CA LYS A 15 5.99 -5.83 -0.59
C LYS A 15 4.71 -5.58 0.21
N PRO A 16 4.10 -4.40 0.05
CA PRO A 16 2.88 -4.04 0.78
C PRO A 16 1.73 -5.01 0.49
N VAL A 17 0.76 -5.04 1.39
CA VAL A 17 -0.38 -5.93 1.24
C VAL A 17 -1.32 -5.45 0.14
N LYS A 18 -1.44 -6.27 -0.90
CA LYS A 18 -2.31 -5.96 -2.04
C LYS A 18 -3.48 -6.94 -2.08
N PHE A 19 -4.62 -6.47 -2.56
CA PHE A 19 -5.81 -7.31 -2.64
C PHE A 19 -6.68 -6.93 -3.83
N GLN A 20 -7.65 -7.78 -4.14
CA GLN A 20 -8.56 -7.55 -5.25
C GLN A 20 -9.91 -7.07 -4.73
N LEU A 21 -10.38 -5.95 -5.27
CA LEU A 21 -11.67 -5.39 -4.84
C LEU A 21 -12.74 -5.58 -5.91
N GLU A 22 -12.33 -5.74 -7.16
CA GLU A 22 -13.27 -5.93 -8.26
C GLU A 22 -12.96 -7.20 -9.04
N ASP A 23 -14.01 -7.87 -9.50
CA ASP A 23 -13.87 -9.10 -10.27
C ASP A 23 -13.15 -8.87 -11.61
N ASP A 24 -12.97 -7.60 -11.98
CA ASP A 24 -12.31 -7.26 -13.24
C ASP A 24 -10.78 -7.32 -13.11
N GLY A 25 -10.28 -7.72 -11.93
CA GLY A 25 -8.85 -7.82 -11.73
C GLY A 25 -8.25 -6.59 -11.08
N GLU A 26 -9.10 -5.70 -10.56
CA GLU A 26 -8.63 -4.49 -9.90
C GLU A 26 -7.94 -4.82 -8.58
N PHE A 27 -6.65 -4.52 -8.50
CA PHE A 27 -5.87 -4.79 -7.30
C PHE A 27 -5.46 -3.49 -6.61
N TYR A 28 -5.63 -3.45 -5.31
CA TYR A 28 -5.26 -2.28 -4.52
C TYR A 28 -4.31 -2.65 -3.40
N MET A 29 -3.69 -1.65 -2.80
CA MET A 29 -2.75 -1.87 -1.71
C MET A 29 -3.07 -0.94 -0.54
N ILE A 30 -2.79 -1.40 0.68
CA ILE A 30 -3.06 -0.59 1.86
C ILE A 30 -1.99 0.47 2.05
N GLY A 31 -2.41 1.74 2.07
CA GLY A 31 -1.48 2.84 2.23
C GLY A 31 -0.60 2.70 3.46
N SER A 32 -1.11 2.00 4.47
CA SER A 32 -0.34 1.81 5.70
C SER A 32 0.93 1.01 5.39
N GLU A 33 0.79 -0.01 4.56
CA GLU A 33 1.92 -0.83 4.16
C GLU A 33 2.84 -0.06 3.24
N VAL A 34 2.24 0.67 2.31
CA VAL A 34 3.00 1.48 1.38
C VAL A 34 3.81 2.54 2.12
N GLY A 35 3.18 3.13 3.13
CA GLY A 35 3.85 4.15 3.91
C GLY A 35 5.06 3.61 4.66
N ASN A 36 4.87 2.51 5.38
CA ASN A 36 5.97 1.91 6.12
C ASN A 36 7.02 1.36 5.16
N TYR A 37 6.56 0.88 4.01
CA TYR A 37 7.44 0.34 2.99
C TYR A 37 8.42 1.40 2.49
N LEU A 38 7.92 2.60 2.28
CA LEU A 38 8.75 3.71 1.82
C LEU A 38 9.25 4.53 3.00
N ARG A 39 8.79 4.19 4.21
CA ARG A 39 9.20 4.90 5.42
C ARG A 39 8.63 6.31 5.45
N MET A 40 7.46 6.50 4.88
CA MET A 40 6.81 7.81 4.87
C MET A 40 5.74 7.86 5.94
N PHE A 41 5.82 8.86 6.81
CA PHE A 41 4.85 9.01 7.89
C PHE A 41 4.23 10.41 7.90
N ARG A 42 3.26 10.62 8.78
CA ARG A 42 2.59 11.91 8.88
C ARG A 42 1.96 12.31 7.55
N GLY A 43 1.39 11.33 6.85
CA GLY A 43 0.77 11.59 5.58
C GLY A 43 1.77 12.07 4.53
N SER A 44 3.05 11.81 4.77
CA SER A 44 4.10 12.22 3.86
C SER A 44 3.90 11.59 2.49
N LEU A 45 3.38 10.37 2.48
CA LEU A 45 3.13 9.65 1.23
C LEU A 45 2.07 10.36 0.39
N TYR A 46 0.93 10.64 1.01
CA TYR A 46 -0.17 11.30 0.32
C TYR A 46 0.19 12.75 0.00
N LYS A 47 0.89 13.41 0.93
CA LYS A 47 1.29 14.79 0.73
C LYS A 47 2.37 14.89 -0.34
N ARG A 48 3.24 13.87 -0.40
CA ARG A 48 4.31 13.84 -1.37
C ARG A 48 3.84 13.28 -2.70
N TYR A 49 2.70 12.58 -2.68
CA TYR A 49 2.13 11.99 -3.89
C TYR A 49 0.65 12.35 -4.03
N PRO A 50 0.35 13.63 -4.30
CA PRO A 50 -1.03 14.11 -4.45
C PRO A 50 -1.76 13.46 -5.63
N SER A 51 -1.02 13.15 -6.69
CA SER A 51 -1.62 12.53 -7.88
C SER A 51 -1.87 11.04 -7.67
N LEU A 52 -1.50 10.53 -6.49
CA LEU A 52 -1.69 9.11 -6.18
C LEU A 52 -3.14 8.83 -5.81
N TRP A 53 -3.64 7.69 -6.28
CA TRP A 53 -5.03 7.29 -6.00
C TRP A 53 -5.15 6.69 -4.61
N ARG A 54 -5.94 7.34 -3.76
CA ARG A 54 -6.14 6.88 -2.39
C ARG A 54 -7.61 7.04 -1.98
N ARG A 55 -8.14 6.04 -1.28
CA ARG A 55 -9.53 6.10 -0.83
C ARG A 55 -9.74 5.26 0.43
N LEU A 56 -10.64 5.71 1.31
CA LEU A 56 -10.93 4.99 2.53
C LEU A 56 -11.74 3.73 2.24
N ALA A 57 -11.61 2.73 3.11
CA ALA A 57 -12.32 1.47 2.94
C ALA A 57 -13.50 1.36 3.90
N THR A 58 -14.63 0.88 3.40
CA THR A 58 -15.83 0.71 4.20
C THR A 58 -15.65 -0.47 5.16
N VAL A 59 -16.60 -0.63 6.08
CA VAL A 59 -16.53 -1.73 7.04
C VAL A 59 -16.56 -3.07 6.33
N GLU A 60 -17.36 -3.15 5.27
CA GLU A 60 -17.47 -4.39 4.49
C GLU A 60 -16.18 -4.65 3.71
N GLU A 61 -15.72 -3.63 2.98
CA GLU A 61 -14.50 -3.76 2.19
C GLU A 61 -13.31 -4.05 3.08
N ARG A 62 -13.20 -3.30 4.19
CA ARG A 62 -12.09 -3.47 5.12
C ARG A 62 -12.10 -4.89 5.70
N LYS A 63 -13.29 -5.37 6.04
CA LYS A 63 -13.42 -6.71 6.59
C LYS A 63 -12.86 -7.73 5.59
N LYS A 64 -13.22 -7.55 4.32
CA LYS A 64 -12.74 -8.41 3.27
C LYS A 64 -11.24 -8.21 3.06
N ILE A 65 -10.79 -6.97 3.24
CA ILE A 65 -9.39 -6.63 3.08
C ILE A 65 -8.53 -7.43 4.05
N VAL A 66 -8.99 -7.54 5.28
CA VAL A 66 -8.26 -8.28 6.31
C VAL A 66 -8.15 -9.76 5.98
N ALA A 67 -9.29 -10.37 5.63
CA ALA A 67 -9.32 -11.78 5.30
C ALA A 67 -8.70 -12.07 3.93
N SER A 68 -8.93 -11.19 2.98
CA SER A 68 -8.40 -11.35 1.62
C SER A 68 -6.93 -10.94 1.53
N SER A 69 -6.62 -9.74 2.01
CA SER A 69 -5.26 -9.24 1.96
C SER A 69 -4.37 -9.90 3.03
N HIS A 70 -4.90 -10.03 4.24
CA HIS A 70 -4.15 -10.64 5.32
C HIS A 70 -4.70 -12.01 5.68
N GLY A 71 -3.90 -12.79 6.41
CA GLY A 71 -4.32 -14.11 6.81
C GLY A 71 -3.43 -15.19 6.24
N LYS A 72 -2.97 -15.00 5.01
CA LYS A 72 -2.10 -15.97 4.36
C LYS A 72 -0.68 -15.42 4.23
N LYS A 73 -0.57 -14.10 4.08
CA LYS A 73 0.73 -13.45 3.94
C LYS A 73 0.98 -12.50 5.11
N THR A 74 2.26 -12.22 5.38
CA THR A 74 2.64 -11.32 6.46
C THR A 74 2.13 -11.85 7.81
N LYS A 75 2.83 -12.83 8.35
CA LYS A 75 2.45 -13.42 9.63
C LYS A 75 2.95 -12.56 10.79
N PRO A 76 2.24 -12.61 11.94
CA PRO A 76 2.60 -11.83 13.13
C PRO A 76 3.90 -12.33 13.77
N ASN A 77 4.19 -13.61 13.59
CA ASN A 77 5.39 -14.21 14.16
C ASN A 77 5.82 -15.43 13.34
N THR A 78 4.94 -16.41 13.24
CA THR A 78 5.23 -17.63 12.50
C THR A 78 3.95 -18.31 12.04
N LYS A 79 2.98 -18.41 12.95
CA LYS A 79 1.71 -19.05 12.64
C LYS A 79 0.64 -17.99 12.36
N ASP A 80 -0.58 -18.46 12.08
CA ASP A 80 -1.68 -17.55 11.79
C ASP A 80 -2.22 -16.91 13.06
N HIS A 81 -2.81 -15.73 12.92
CA HIS A 81 -3.37 -15.01 14.05
C HIS A 81 -4.13 -13.77 13.59
N GLY A 82 -3.42 -12.84 12.96
CA GLY A 82 -4.04 -11.63 12.47
C GLY A 82 -3.43 -10.37 13.06
N TYR A 83 -4.19 -9.29 13.09
CA TYR A 83 -3.71 -8.02 13.63
C TYR A 83 -4.58 -7.56 14.79
N THR A 84 -4.05 -6.68 15.62
CA THR A 84 -4.78 -6.16 16.77
C THR A 84 -5.82 -5.14 16.33
N THR A 85 -5.48 -4.37 15.30
CA THR A 85 -6.39 -3.35 14.78
C THR A 85 -6.16 -3.13 13.29
N LEU A 86 -7.24 -2.91 12.55
CA LEU A 86 -7.15 -2.68 11.11
C LEU A 86 -8.53 -2.43 10.50
N ALA A 87 -9.56 -2.98 11.11
CA ALA A 87 -10.93 -2.80 10.61
C ALA A 87 -11.55 -1.51 11.11
N THR A 88 -10.72 -0.51 11.39
CA THR A 88 -11.20 0.78 11.86
C THR A 88 -10.99 1.84 10.77
N SER A 89 -9.88 1.72 10.06
CA SER A 89 -9.57 2.65 8.97
C SER A 89 -8.56 2.02 8.01
N VAL A 90 -9.04 1.66 6.82
CA VAL A 90 -8.19 1.05 5.82
C VAL A 90 -8.09 1.91 4.56
N THR A 91 -6.88 2.33 4.23
CA THR A 91 -6.65 3.17 3.05
C THR A 91 -6.26 2.32 1.86
N LEU A 92 -6.98 2.48 0.76
CA LEU A 92 -6.71 1.71 -0.46
C LEU A 92 -5.96 2.55 -1.48
N LEU A 93 -5.10 1.89 -2.26
CA LEU A 93 -4.31 2.56 -3.28
C LEU A 93 -4.31 1.74 -4.59
N LYS A 94 -4.06 2.40 -5.71
CA LYS A 94 -4.05 1.71 -7.00
C LYS A 94 -2.77 0.88 -7.17
N ALA A 95 -2.96 -0.42 -7.36
CA ALA A 95 -1.84 -1.34 -7.53
C ALA A 95 -0.85 -0.83 -8.57
N SER A 96 -1.36 -0.39 -9.71
CA SER A 96 -0.51 0.11 -10.77
C SER A 96 0.29 1.33 -10.32
N GLU A 97 -0.33 2.18 -9.50
CA GLU A 97 0.35 3.36 -9.01
C GLU A 97 1.46 2.99 -8.03
N VAL A 98 1.14 2.14 -7.07
CA VAL A 98 2.13 1.69 -6.10
C VAL A 98 3.26 0.96 -6.80
N GLU A 99 2.89 0.01 -7.66
CA GLU A 99 3.87 -0.76 -8.41
C GLU A 99 4.81 0.15 -9.20
N GLU A 100 4.26 1.22 -9.76
CA GLU A 100 5.05 2.18 -10.52
C GLU A 100 6.10 2.83 -9.64
N ILE A 101 5.67 3.31 -8.47
CA ILE A 101 6.58 3.94 -7.54
C ILE A 101 7.64 2.93 -7.09
N LEU A 102 7.19 1.69 -6.89
CA LEU A 102 8.10 0.62 -6.48
C LEU A 102 9.07 0.30 -7.61
N ASP A 103 8.60 0.44 -8.84
CA ASP A 103 9.44 0.20 -10.01
C ASP A 103 10.37 1.39 -10.24
N GLY A 104 10.06 2.50 -9.58
CA GLY A 104 10.86 3.70 -9.71
C GLY A 104 10.23 4.73 -10.62
N ASN A 105 9.03 4.42 -11.11
CA ASN A 105 8.30 5.34 -11.97
C ASN A 105 7.19 5.99 -11.16
N ASP A 106 7.31 7.29 -10.89
CA ASP A 106 6.29 7.98 -10.12
C ASP A 106 6.45 9.50 -10.16
N GLU A 107 7.19 9.99 -11.14
CA GLU A 107 7.42 11.42 -11.27
C GLU A 107 6.09 12.17 -11.39
N LYS A 108 5.14 11.57 -12.08
CA LYS A 108 3.83 12.17 -12.27
C LYS A 108 3.00 12.09 -10.99
N TYR A 109 3.34 11.14 -10.12
CA TYR A 109 2.62 10.95 -8.87
C TYR A 109 3.11 11.93 -7.80
N LYS A 110 4.40 12.25 -7.85
CA LYS A 110 4.99 13.16 -6.86
C LYS A 110 4.66 14.62 -7.17
N ALA A 111 4.52 14.93 -8.46
CA ALA A 111 4.23 16.29 -8.90
C ALA A 111 2.74 16.53 -9.12
N VAL A 112 1.90 15.74 -8.46
CA VAL A 112 0.45 15.87 -8.60
C VAL A 112 0.04 16.10 -10.06
N SER A 113 0.80 15.52 -10.98
CA SER A 113 0.52 15.66 -12.40
C SER A 113 0.00 14.35 -13.00
N ILE A 114 -0.27 14.37 -14.30
CA ILE A 114 -0.76 13.18 -14.99
C ILE A 114 -0.16 13.07 -16.39
N SER A 115 1.06 13.58 -16.55
CA SER A 115 1.75 13.53 -17.83
C SER A 115 2.88 12.51 -17.81
N GLY A 2 30.63 0.10 -7.93
CA GLY A 2 30.51 1.45 -7.31
C GLY A 2 29.30 1.56 -6.40
N SER A 3 28.40 2.48 -6.73
CA SER A 3 27.20 2.69 -5.92
C SER A 3 26.02 1.90 -6.49
N MET A 4 25.70 0.78 -5.85
CA MET A 4 24.59 -0.06 -6.29
C MET A 4 23.98 -0.81 -5.12
N MET A 5 22.71 -0.55 -4.86
CA MET A 5 22.00 -1.20 -3.76
C MET A 5 20.72 -1.85 -4.25
N MET A 6 20.84 -3.04 -4.83
CA MET A 6 19.68 -3.77 -5.33
C MET A 6 18.98 -2.97 -6.42
N ALA A 7 17.79 -3.42 -6.81
CA ALA A 7 17.01 -2.76 -7.84
C ALA A 7 15.99 -1.80 -7.23
N LEU A 8 16.43 -1.05 -6.22
CA LEU A 8 15.56 -0.09 -5.56
C LEU A 8 16.26 1.25 -5.37
N SER A 9 15.47 2.29 -5.12
CA SER A 9 16.02 3.63 -4.92
C SER A 9 15.00 4.55 -4.26
N LYS A 10 13.76 4.48 -4.74
CA LYS A 10 12.68 5.30 -4.20
C LYS A 10 11.90 4.55 -3.12
N THR A 11 11.76 3.24 -3.31
CA THR A 11 11.03 2.41 -2.36
C THR A 11 11.97 1.39 -1.70
N PHE A 12 11.79 1.19 -0.40
CA PHE A 12 12.63 0.26 0.35
C PHE A 12 11.82 -0.76 1.13
N GLY A 13 12.15 -2.03 0.98
CA GLY A 13 11.46 -3.08 1.71
C GLY A 13 10.60 -3.99 0.86
N GLN A 14 9.90 -4.90 1.54
CA GLN A 14 9.02 -5.87 0.90
C GLN A 14 7.82 -5.19 0.26
N LYS A 15 7.20 -5.87 -0.71
CA LYS A 15 6.04 -5.33 -1.41
C LYS A 15 4.85 -5.26 -0.46
N PRO A 16 4.06 -4.17 -0.54
CA PRO A 16 2.89 -3.98 0.32
C PRO A 16 1.83 -5.05 0.09
N VAL A 17 0.96 -5.21 1.08
CA VAL A 17 -0.10 -6.21 0.97
C VAL A 17 -1.17 -5.73 -0.02
N LYS A 18 -1.35 -6.51 -1.08
CA LYS A 18 -2.32 -6.19 -2.11
C LYS A 18 -3.53 -7.10 -2.02
N PHE A 19 -4.66 -6.63 -2.52
CA PHE A 19 -5.89 -7.42 -2.50
C PHE A 19 -6.82 -7.01 -3.63
N GLN A 20 -7.86 -7.79 -3.84
CA GLN A 20 -8.82 -7.51 -4.90
C GLN A 20 -10.10 -6.90 -4.32
N LEU A 21 -10.50 -5.76 -4.86
CA LEU A 21 -11.71 -5.08 -4.39
C LEU A 21 -12.87 -5.29 -5.35
N GLU A 22 -12.56 -5.45 -6.64
CA GLU A 22 -13.58 -5.65 -7.66
C GLU A 22 -13.35 -6.94 -8.43
N ASP A 23 -14.43 -7.57 -8.86
CA ASP A 23 -14.37 -8.82 -9.61
C ASP A 23 -13.72 -8.62 -10.98
N ASP A 24 -13.54 -7.37 -11.39
CA ASP A 24 -12.96 -7.07 -12.70
C ASP A 24 -11.43 -7.16 -12.67
N GLY A 25 -10.86 -7.55 -11.53
CA GLY A 25 -9.42 -7.68 -11.44
C GLY A 25 -8.75 -6.45 -10.84
N GLU A 26 -9.52 -5.64 -10.12
CA GLU A 26 -8.97 -4.44 -9.49
C GLU A 26 -8.20 -4.81 -8.23
N PHE A 27 -6.90 -4.53 -8.24
CA PHE A 27 -6.04 -4.84 -7.11
C PHE A 27 -5.55 -3.56 -6.42
N TYR A 28 -5.67 -3.54 -5.10
CA TYR A 28 -5.22 -2.39 -4.31
C TYR A 28 -4.23 -2.82 -3.25
N MET A 29 -3.55 -1.85 -2.66
CA MET A 29 -2.56 -2.11 -1.62
C MET A 29 -2.80 -1.20 -0.42
N ILE A 30 -2.48 -1.70 0.77
CA ILE A 30 -2.66 -0.90 1.98
C ILE A 30 -1.62 0.22 2.07
N GLY A 31 -2.12 1.45 2.14
CA GLY A 31 -1.25 2.61 2.22
C GLY A 31 -0.27 2.52 3.37
N SER A 32 -0.68 1.91 4.46
CA SER A 32 0.19 1.76 5.62
C SER A 32 1.43 0.96 5.23
N GLU A 33 1.21 -0.07 4.41
CA GLU A 33 2.31 -0.91 3.94
C GLU A 33 3.23 -0.09 3.04
N VAL A 34 2.61 0.66 2.14
CA VAL A 34 3.36 1.51 1.23
C VAL A 34 4.17 2.54 2.01
N GLY A 35 3.56 3.08 3.05
CA GLY A 35 4.22 4.06 3.89
C GLY A 35 5.51 3.52 4.48
N ASN A 36 5.43 2.35 5.10
CA ASN A 36 6.62 1.73 5.69
C ASN A 36 7.64 1.43 4.61
N TYR A 37 7.16 1.10 3.41
CA TYR A 37 8.02 0.79 2.27
C TYR A 37 8.91 1.98 1.95
N LEU A 38 8.34 3.18 1.95
CA LEU A 38 9.11 4.39 1.65
C LEU A 38 9.51 5.13 2.93
N ARG A 39 9.14 4.57 4.08
CA ARG A 39 9.46 5.16 5.37
C ARG A 39 8.72 6.47 5.59
N MET A 40 7.56 6.60 4.94
CA MET A 40 6.76 7.81 5.09
C MET A 40 5.61 7.57 6.05
N PHE A 41 5.51 8.42 7.07
CA PHE A 41 4.46 8.30 8.08
C PHE A 41 3.69 9.60 8.23
N ARG A 42 2.64 9.58 9.04
CA ARG A 42 1.82 10.76 9.28
C ARG A 42 1.30 11.33 7.96
N GLY A 43 0.96 10.44 7.03
CA GLY A 43 0.46 10.88 5.74
C GLY A 43 1.53 11.49 4.87
N SER A 44 2.79 11.15 5.15
CA SER A 44 3.91 11.68 4.38
C SER A 44 3.87 11.18 2.95
N LEU A 45 3.39 9.95 2.76
CA LEU A 45 3.30 9.35 1.44
C LEU A 45 2.31 10.11 0.57
N TYR A 46 1.10 10.31 1.08
CA TYR A 46 0.06 11.03 0.36
C TYR A 46 0.45 12.48 0.15
N LYS A 47 1.10 13.07 1.14
CA LYS A 47 1.53 14.47 1.05
C LYS A 47 2.59 14.64 -0.02
N ARG A 48 3.44 13.62 -0.17
CA ARG A 48 4.50 13.66 -1.17
C ARG A 48 4.05 13.04 -2.49
N TYR A 49 2.90 12.38 -2.48
CA TYR A 49 2.36 11.74 -3.68
C TYR A 49 0.87 12.07 -3.84
N PRO A 50 0.54 13.36 -4.10
CA PRO A 50 -0.85 13.78 -4.28
C PRO A 50 -1.53 13.13 -5.47
N SER A 51 -0.76 12.84 -6.51
CA SER A 51 -1.31 12.21 -7.72
C SER A 51 -1.57 10.73 -7.50
N LEU A 52 -1.25 10.21 -6.31
CA LEU A 52 -1.44 8.81 -6.00
C LEU A 52 -2.89 8.54 -5.58
N TRP A 53 -3.49 7.51 -6.15
CA TRP A 53 -4.87 7.15 -5.82
C TRP A 53 -4.98 6.60 -4.40
N ARG A 54 -5.80 7.24 -3.58
CA ARG A 54 -5.99 6.83 -2.20
C ARG A 54 -7.46 6.93 -1.79
N ARG A 55 -7.95 5.93 -1.06
CA ARG A 55 -9.34 5.92 -0.62
C ARG A 55 -9.53 5.15 0.68
N LEU A 56 -10.69 5.33 1.29
CA LEU A 56 -11.02 4.66 2.54
C LEU A 56 -11.74 3.35 2.26
N ALA A 57 -11.56 2.37 3.14
CA ALA A 57 -12.19 1.07 2.98
C ALA A 57 -13.63 1.05 3.48
N THR A 58 -14.55 0.71 2.59
CA THR A 58 -15.97 0.62 2.93
C THR A 58 -16.21 -0.60 3.80
N VAL A 59 -17.42 -0.74 4.34
CA VAL A 59 -17.74 -1.88 5.18
C VAL A 59 -17.47 -3.19 4.44
N GLU A 60 -17.83 -3.22 3.16
CA GLU A 60 -17.61 -4.41 2.35
C GLU A 60 -16.12 -4.61 2.09
N GLU A 61 -15.44 -3.54 1.70
CA GLU A 61 -14.02 -3.59 1.42
C GLU A 61 -13.24 -4.02 2.66
N ARG A 62 -13.57 -3.44 3.80
CA ARG A 62 -12.90 -3.77 5.05
C ARG A 62 -13.07 -5.24 5.40
N LYS A 63 -14.30 -5.75 5.26
CA LYS A 63 -14.54 -7.16 5.54
C LYS A 63 -13.64 -8.00 4.65
N LYS A 64 -13.48 -7.54 3.41
CA LYS A 64 -12.61 -8.20 2.46
C LYS A 64 -11.15 -8.05 2.89
N ILE A 65 -10.84 -6.89 3.48
CA ILE A 65 -9.49 -6.61 3.94
C ILE A 65 -9.15 -7.44 5.16
N VAL A 66 -10.15 -7.83 5.95
CA VAL A 66 -9.91 -8.64 7.14
C VAL A 66 -9.25 -9.96 6.75
N ALA A 67 -9.84 -10.64 5.78
CA ALA A 67 -9.30 -11.90 5.29
C ALA A 67 -8.05 -11.64 4.44
N SER A 68 -8.11 -10.55 3.69
CA SER A 68 -7.01 -10.14 2.81
C SER A 68 -5.87 -9.47 3.60
N SER A 69 -6.13 -9.13 4.85
CA SER A 69 -5.14 -8.47 5.70
C SER A 69 -3.81 -9.21 5.74
N HIS A 70 -3.78 -10.45 5.25
CA HIS A 70 -2.56 -11.25 5.24
C HIS A 70 -2.18 -11.70 6.65
N GLY A 71 -1.40 -12.76 6.74
CA GLY A 71 -0.97 -13.27 8.03
C GLY A 71 0.37 -13.97 7.96
N LYS A 72 1.16 -13.66 6.94
CA LYS A 72 2.47 -14.25 6.77
C LYS A 72 3.58 -13.20 6.85
N LYS A 73 3.29 -12.01 6.33
CA LYS A 73 4.25 -10.92 6.35
C LYS A 73 4.51 -10.45 7.78
N THR A 74 3.50 -10.55 8.62
CA THR A 74 3.62 -10.14 10.01
C THR A 74 4.20 -11.26 10.86
N LYS A 75 4.75 -10.90 12.02
CA LYS A 75 5.34 -11.88 12.92
C LYS A 75 4.69 -11.81 14.30
N PRO A 76 4.00 -12.88 14.73
CA PRO A 76 3.33 -12.93 16.04
C PRO A 76 4.27 -12.57 17.18
N ASN A 77 5.56 -12.81 16.98
CA ASN A 77 6.56 -12.52 17.99
C ASN A 77 6.57 -11.02 18.33
N THR A 78 6.68 -10.18 17.31
CA THR A 78 6.70 -8.74 17.50
C THR A 78 5.41 -8.27 18.16
N LYS A 79 4.37 -8.12 17.37
CA LYS A 79 3.07 -7.67 17.87
C LYS A 79 1.93 -8.43 17.20
N ASP A 80 1.09 -9.05 18.02
CA ASP A 80 -0.05 -9.81 17.51
C ASP A 80 -0.89 -10.36 18.66
N HIS A 81 -2.04 -9.73 18.89
CA HIS A 81 -2.94 -10.16 19.96
C HIS A 81 -4.40 -9.96 19.55
N GLY A 82 -4.70 -8.78 19.02
CA GLY A 82 -6.05 -8.48 18.60
C GLY A 82 -6.13 -7.28 17.68
N TYR A 83 -6.82 -7.43 16.55
CA TYR A 83 -6.96 -6.35 15.59
C TYR A 83 -8.27 -5.61 15.78
N THR A 84 -8.21 -4.29 15.88
CA THR A 84 -9.39 -3.47 16.07
C THR A 84 -9.26 -2.12 15.36
N THR A 85 -8.29 -2.03 14.46
CA THR A 85 -8.06 -0.78 13.72
C THR A 85 -8.06 -1.03 12.20
N LEU A 86 -7.94 -2.29 11.80
CA LEU A 86 -7.91 -2.64 10.39
C LEU A 86 -9.32 -2.65 9.79
N ALA A 87 -10.33 -2.33 10.60
CA ALA A 87 -11.70 -2.30 10.13
C ALA A 87 -12.33 -0.93 10.31
N THR A 88 -11.83 -0.16 11.29
CA THR A 88 -12.36 1.17 11.56
C THR A 88 -11.98 2.15 10.46
N SER A 89 -10.74 2.02 9.98
CA SER A 89 -10.25 2.90 8.92
C SER A 89 -9.06 2.28 8.20
N VAL A 90 -9.26 1.94 6.93
CA VAL A 90 -8.20 1.33 6.12
C VAL A 90 -7.95 2.15 4.86
N THR A 91 -6.69 2.47 4.62
CA THR A 91 -6.31 3.26 3.45
C THR A 91 -5.95 2.33 2.28
N LEU A 92 -6.64 2.49 1.17
CA LEU A 92 -6.39 1.67 -0.01
C LEU A 92 -5.72 2.47 -1.11
N LEU A 93 -4.89 1.80 -1.91
CA LEU A 93 -4.19 2.44 -3.01
C LEU A 93 -4.24 1.58 -4.26
N LYS A 94 -4.07 2.21 -5.43
CA LYS A 94 -4.10 1.49 -6.70
C LYS A 94 -2.79 0.74 -6.92
N ALA A 95 -2.88 -0.57 -7.09
CA ALA A 95 -1.70 -1.39 -7.33
C ALA A 95 -0.84 -0.82 -8.43
N SER A 96 -1.47 -0.19 -9.41
CA SER A 96 -0.75 0.40 -10.53
C SER A 96 0.15 1.54 -10.06
N GLU A 97 -0.37 2.37 -9.16
CA GLU A 97 0.40 3.49 -8.63
C GLU A 97 1.57 3.00 -7.80
N VAL A 98 1.28 2.08 -6.87
CA VAL A 98 2.32 1.53 -6.02
C VAL A 98 3.36 0.80 -6.83
N GLU A 99 2.90 -0.08 -7.72
CA GLU A 99 3.79 -0.84 -8.58
C GLU A 99 4.71 0.09 -9.37
N GLU A 100 4.17 1.20 -9.83
CA GLU A 100 4.96 2.16 -10.61
C GLU A 100 6.08 2.74 -9.74
N ILE A 101 5.75 3.17 -8.54
CA ILE A 101 6.73 3.72 -7.63
C ILE A 101 7.78 2.67 -7.31
N LEU A 102 7.32 1.42 -7.12
CA LEU A 102 8.21 0.31 -6.83
C LEU A 102 9.12 0.04 -8.03
N ASP A 103 8.58 0.26 -9.22
CA ASP A 103 9.34 0.06 -10.45
C ASP A 103 10.27 1.24 -10.68
N GLY A 104 10.02 2.33 -9.95
CA GLY A 104 10.84 3.52 -10.06
C GLY A 104 10.17 4.60 -10.90
N ASN A 105 8.94 4.32 -11.32
CA ASN A 105 8.18 5.29 -12.10
C ASN A 105 7.12 5.93 -11.20
N ASP A 106 7.28 7.20 -10.89
CA ASP A 106 6.32 7.87 -10.03
C ASP A 106 6.47 9.40 -10.06
N GLU A 107 7.18 9.91 -11.05
CA GLU A 107 7.38 11.36 -11.17
C GLU A 107 6.05 12.08 -11.23
N LYS A 108 5.09 11.49 -11.94
CA LYS A 108 3.76 12.08 -12.07
C LYS A 108 3.02 12.04 -10.74
N TYR A 109 3.38 11.09 -9.89
CA TYR A 109 2.74 10.94 -8.59
C TYR A 109 3.35 11.89 -7.56
N LYS A 110 4.67 12.08 -7.62
CA LYS A 110 5.36 12.96 -6.69
C LYS A 110 5.11 14.43 -7.00
N ALA A 111 4.66 14.71 -8.22
CA ALA A 111 4.41 16.10 -8.64
C ALA A 111 2.94 16.36 -8.94
N VAL A 112 2.06 15.51 -8.41
CA VAL A 112 0.62 15.68 -8.64
C VAL A 112 0.31 16.04 -10.08
N SER A 113 1.00 15.38 -11.01
CA SER A 113 0.82 15.63 -12.44
C SER A 113 -0.65 15.75 -12.81
N ILE A 114 -1.31 14.61 -13.01
CA ILE A 114 -2.72 14.59 -13.37
C ILE A 114 -3.45 13.42 -12.73
N SER A 115 -3.89 13.61 -11.50
CA SER A 115 -4.60 12.57 -10.77
C SER A 115 -5.11 13.08 -9.42
N GLY A 2 23.02 23.49 -10.32
CA GLY A 2 23.47 22.12 -9.91
C GLY A 2 22.46 21.42 -9.03
N SER A 3 22.96 20.58 -8.12
CA SER A 3 22.09 19.85 -7.20
C SER A 3 21.12 18.96 -7.97
N MET A 4 21.50 17.69 -8.14
CA MET A 4 20.66 16.74 -8.85
C MET A 4 20.41 15.50 -8.00
N MET A 5 21.47 14.99 -7.38
CA MET A 5 21.37 13.80 -6.54
C MET A 5 20.89 12.60 -7.35
N MET A 6 20.90 11.43 -6.72
CA MET A 6 20.47 10.20 -7.38
C MET A 6 19.92 9.20 -6.37
N ALA A 7 18.68 8.78 -6.57
CA ALA A 7 18.03 7.82 -5.68
C ALA A 7 18.78 6.49 -5.68
N LEU A 8 18.62 5.74 -4.59
CA LEU A 8 19.29 4.46 -4.46
C LEU A 8 18.35 3.42 -3.86
N SER A 9 17.67 3.81 -2.78
CA SER A 9 16.73 2.92 -2.10
C SER A 9 15.33 3.52 -2.09
N LYS A 10 14.38 2.83 -2.73
CA LYS A 10 13.00 3.29 -2.80
C LYS A 10 12.06 2.33 -2.08
N THR A 11 12.42 1.05 -2.08
CA THR A 11 11.59 0.03 -1.42
C THR A 11 12.41 -0.75 -0.39
N PHE A 12 11.83 -0.97 0.78
CA PHE A 12 12.51 -1.70 1.85
C PHE A 12 11.57 -2.67 2.55
N GLY A 13 11.96 -3.94 2.62
CA GLY A 13 11.12 -4.91 3.30
C GLY A 13 10.22 -5.68 2.35
N GLN A 14 9.29 -6.43 2.92
CA GLN A 14 8.33 -7.21 2.15
C GLN A 14 7.38 -6.26 1.42
N LYS A 15 6.77 -6.73 0.34
CA LYS A 15 5.86 -5.91 -0.45
C LYS A 15 4.60 -5.62 0.36
N PRO A 16 4.01 -4.41 0.20
CA PRO A 16 2.81 -4.02 0.93
C PRO A 16 1.63 -4.95 0.64
N VAL A 17 0.67 -4.97 1.55
CA VAL A 17 -0.50 -5.83 1.40
C VAL A 17 -1.43 -5.32 0.32
N LYS A 18 -1.64 -6.16 -0.70
CA LYS A 18 -2.52 -5.83 -1.81
C LYS A 18 -3.73 -6.76 -1.80
N PHE A 19 -4.80 -6.34 -2.47
CA PHE A 19 -6.01 -7.15 -2.52
C PHE A 19 -6.88 -6.77 -3.72
N GLN A 20 -7.88 -7.61 -4.00
CA GLN A 20 -8.79 -7.37 -5.11
C GLN A 20 -10.12 -6.82 -4.60
N LEU A 21 -10.55 -5.70 -5.17
CA LEU A 21 -11.80 -5.07 -4.77
C LEU A 21 -12.87 -5.25 -5.83
N GLU A 22 -12.46 -5.49 -7.07
CA GLU A 22 -13.40 -5.68 -8.17
C GLU A 22 -13.12 -6.98 -8.92
N ASP A 23 -14.18 -7.64 -9.37
CA ASP A 23 -14.06 -8.89 -10.10
C ASP A 23 -13.37 -8.70 -11.46
N ASP A 24 -13.21 -7.45 -11.87
CA ASP A 24 -12.58 -7.14 -13.15
C ASP A 24 -11.05 -7.20 -13.06
N GLY A 25 -10.52 -7.51 -11.89
CA GLY A 25 -9.08 -7.60 -11.73
C GLY A 25 -8.47 -6.35 -11.13
N GLU A 26 -9.26 -5.60 -10.36
CA GLU A 26 -8.77 -4.38 -9.74
C GLU A 26 -8.05 -4.71 -8.42
N PHE A 27 -6.76 -4.40 -8.36
CA PHE A 27 -5.98 -4.67 -7.17
C PHE A 27 -5.55 -3.38 -6.50
N TYR A 28 -5.72 -3.31 -5.18
CA TYR A 28 -5.34 -2.14 -4.41
C TYR A 28 -4.39 -2.52 -3.29
N MET A 29 -3.76 -1.51 -2.70
CA MET A 29 -2.81 -1.73 -1.62
C MET A 29 -3.10 -0.78 -0.46
N ILE A 30 -2.85 -1.23 0.76
CA ILE A 30 -3.09 -0.40 1.94
C ILE A 30 -1.97 0.63 2.11
N GLY A 31 -2.36 1.91 2.10
CA GLY A 31 -1.39 2.98 2.24
C GLY A 31 -0.52 2.85 3.47
N SER A 32 -1.04 2.18 4.50
CA SER A 32 -0.29 1.99 5.72
C SER A 32 0.95 1.14 5.44
N GLU A 33 0.77 0.11 4.63
CA GLU A 33 1.87 -0.78 4.26
C GLU A 33 2.83 -0.06 3.32
N VAL A 34 2.25 0.69 2.39
CA VAL A 34 3.04 1.44 1.42
C VAL A 34 3.88 2.49 2.13
N GLY A 35 3.28 3.13 3.13
CA GLY A 35 3.98 4.15 3.88
C GLY A 35 5.16 3.59 4.65
N ASN A 36 4.93 2.52 5.40
CA ASN A 36 6.01 1.90 6.17
C ASN A 36 7.06 1.32 5.21
N TYR A 37 6.60 0.84 4.06
CA TYR A 37 7.47 0.27 3.05
C TYR A 37 8.48 1.30 2.55
N LEU A 38 8.00 2.51 2.33
CA LEU A 38 8.86 3.60 1.86
C LEU A 38 9.38 4.42 3.04
N ARG A 39 8.93 4.08 4.25
CA ARG A 39 9.36 4.77 5.46
C ARG A 39 8.83 6.20 5.51
N MET A 40 7.64 6.41 4.94
CA MET A 40 7.02 7.72 4.93
C MET A 40 5.93 7.78 6.00
N PHE A 41 6.01 8.78 6.87
CA PHE A 41 5.04 8.94 7.95
C PHE A 41 4.44 10.34 7.94
N ARG A 42 3.47 10.57 8.81
CA ARG A 42 2.81 11.87 8.90
C ARG A 42 2.20 12.26 7.57
N GLY A 43 1.72 11.28 6.82
CA GLY A 43 1.12 11.55 5.53
C GLY A 43 2.15 11.91 4.48
N SER A 44 3.41 11.56 4.73
CA SER A 44 4.49 11.86 3.80
C SER A 44 4.23 11.24 2.44
N LEU A 45 3.60 10.06 2.44
CA LEU A 45 3.29 9.35 1.21
C LEU A 45 2.30 10.16 0.36
N TYR A 46 1.22 10.60 0.99
CA TYR A 46 0.20 11.38 0.29
C TYR A 46 0.71 12.77 -0.03
N LYS A 47 1.52 13.33 0.87
CA LYS A 47 2.10 14.66 0.66
C LYS A 47 3.10 14.62 -0.49
N ARG A 48 3.82 13.51 -0.59
CA ARG A 48 4.81 13.34 -1.65
C ARG A 48 4.16 12.81 -2.93
N TYR A 49 2.97 12.23 -2.78
CA TYR A 49 2.24 11.68 -3.92
C TYR A 49 0.77 12.10 -3.87
N PRO A 50 0.48 13.41 -3.92
CA PRO A 50 -0.90 13.91 -3.87
C PRO A 50 -1.72 13.50 -5.09
N SER A 51 -1.04 13.30 -6.22
CA SER A 51 -1.72 12.90 -7.45
C SER A 51 -2.04 11.40 -7.43
N LEU A 52 -1.60 10.72 -6.38
CA LEU A 52 -1.82 9.29 -6.23
C LEU A 52 -3.27 8.99 -5.82
N TRP A 53 -3.82 7.94 -6.40
CA TRP A 53 -5.19 7.52 -6.10
C TRP A 53 -5.30 6.98 -4.67
N ARG A 54 -6.16 7.59 -3.88
CA ARG A 54 -6.36 7.17 -2.49
C ARG A 54 -7.84 7.19 -2.12
N ARG A 55 -8.29 6.17 -1.40
CA ARG A 55 -9.69 6.08 -0.99
C ARG A 55 -9.84 5.35 0.34
N LEU A 56 -11.02 5.48 0.93
CA LEU A 56 -11.31 4.82 2.20
C LEU A 56 -12.03 3.50 1.96
N ALA A 57 -11.86 2.56 2.88
CA ALA A 57 -12.49 1.25 2.77
C ALA A 57 -13.64 1.08 3.75
N THR A 58 -14.76 0.58 3.26
CA THR A 58 -15.95 0.34 4.08
C THR A 58 -15.72 -0.84 5.02
N VAL A 59 -16.64 -1.05 5.95
CA VAL A 59 -16.52 -2.16 6.88
C VAL A 59 -16.48 -3.49 6.12
N GLU A 60 -17.19 -3.53 5.00
CA GLU A 60 -17.22 -4.73 4.17
C GLU A 60 -15.87 -4.91 3.48
N GLU A 61 -15.37 -3.82 2.91
CA GLU A 61 -14.09 -3.84 2.23
C GLU A 61 -12.95 -4.18 3.19
N ARG A 62 -12.93 -3.52 4.34
CA ARG A 62 -11.90 -3.77 5.34
C ARG A 62 -11.96 -5.21 5.81
N LYS A 63 -13.17 -5.74 5.96
CA LYS A 63 -13.35 -7.12 6.37
C LYS A 63 -12.65 -8.05 5.38
N LYS A 64 -12.90 -7.81 4.09
CA LYS A 64 -12.28 -8.60 3.04
C LYS A 64 -10.78 -8.33 2.99
N ILE A 65 -10.41 -7.08 3.27
CA ILE A 65 -9.01 -6.68 3.27
C ILE A 65 -8.19 -7.49 4.26
N VAL A 66 -8.77 -7.72 5.44
CA VAL A 66 -8.10 -8.48 6.48
C VAL A 66 -7.98 -9.97 6.13
N ALA A 67 -9.10 -10.56 5.72
CA ALA A 67 -9.14 -11.97 5.36
C ALA A 67 -8.44 -12.26 4.04
N SER A 68 -8.68 -11.40 3.05
CA SER A 68 -8.09 -11.59 1.73
C SER A 68 -6.62 -11.16 1.67
N SER A 69 -6.33 -9.95 2.14
CA SER A 69 -4.97 -9.43 2.11
C SER A 69 -4.11 -10.06 3.20
N HIS A 70 -4.66 -10.17 4.40
CA HIS A 70 -3.93 -10.73 5.53
C HIS A 70 -4.42 -12.14 5.86
N GLY A 71 -3.55 -12.92 6.50
CA GLY A 71 -3.91 -14.27 6.86
C GLY A 71 -2.70 -15.17 7.06
N LYS A 72 -2.35 -15.91 6.02
CA LYS A 72 -1.20 -16.81 6.07
C LYS A 72 -0.10 -16.36 5.12
N LYS A 73 0.99 -15.85 5.68
CA LYS A 73 2.11 -15.37 4.87
C LYS A 73 3.38 -16.17 5.16
N THR A 74 3.54 -16.58 6.42
CA THR A 74 4.71 -17.35 6.83
C THR A 74 4.43 -18.86 6.75
N LYS A 75 5.47 -19.65 6.96
CA LYS A 75 5.34 -21.10 6.92
C LYS A 75 4.51 -21.62 8.09
N PRO A 76 4.99 -21.39 9.33
CA PRO A 76 4.28 -21.84 10.54
C PRO A 76 2.94 -21.15 10.72
N ASN A 77 1.86 -21.89 10.49
CA ASN A 77 0.51 -21.35 10.64
C ASN A 77 -0.40 -22.33 11.35
N THR A 78 -0.85 -21.95 12.55
CA THR A 78 -1.73 -22.80 13.34
C THR A 78 -2.67 -21.96 14.19
N LYS A 79 -2.12 -20.96 14.86
CA LYS A 79 -2.91 -20.08 15.72
C LYS A 79 -4.02 -19.41 14.92
N ASP A 80 -5.17 -19.20 15.57
CA ASP A 80 -6.31 -18.57 14.93
C ASP A 80 -6.77 -17.36 15.71
N HIS A 81 -6.47 -16.17 15.21
CA HIS A 81 -6.85 -14.92 15.87
C HIS A 81 -7.74 -14.07 14.95
N GLY A 82 -8.30 -13.01 15.52
CA GLY A 82 -9.16 -12.14 14.74
C GLY A 82 -8.38 -11.06 14.01
N TYR A 83 -7.38 -10.50 14.69
CA TYR A 83 -6.55 -9.45 14.11
C TYR A 83 -7.40 -8.22 13.78
N THR A 84 -7.06 -7.09 14.42
CA THR A 84 -7.79 -5.85 14.20
C THR A 84 -6.86 -4.65 14.29
N THR A 85 -6.10 -4.41 13.22
CA THR A 85 -5.17 -3.29 13.19
C THR A 85 -5.62 -2.23 12.18
N LEU A 86 -6.43 -2.64 11.20
CA LEU A 86 -6.93 -1.73 10.19
C LEU A 86 -8.31 -2.15 9.70
N ALA A 87 -9.28 -2.15 10.61
CA ALA A 87 -10.65 -2.53 10.27
C ALA A 87 -11.60 -1.35 10.36
N THR A 88 -11.26 -0.38 11.21
CA THR A 88 -12.10 0.80 11.40
C THR A 88 -12.01 1.72 10.18
N SER A 89 -10.81 1.81 9.60
CA SER A 89 -10.60 2.65 8.43
C SER A 89 -9.36 2.20 7.66
N VAL A 90 -9.57 1.70 6.45
CA VAL A 90 -8.47 1.22 5.62
C VAL A 90 -8.28 2.13 4.40
N THR A 91 -7.05 2.59 4.21
CA THR A 91 -6.73 3.46 3.09
C THR A 91 -6.27 2.62 1.89
N LEU A 92 -7.06 2.64 0.82
CA LEU A 92 -6.74 1.87 -0.37
C LEU A 92 -6.03 2.72 -1.42
N LEU A 93 -5.15 2.08 -2.17
CA LEU A 93 -4.40 2.77 -3.23
C LEU A 93 -4.37 1.92 -4.50
N LYS A 94 -4.16 2.57 -5.64
CA LYS A 94 -4.12 1.86 -6.92
C LYS A 94 -2.86 0.99 -7.01
N ALA A 95 -3.05 -0.31 -7.20
CA ALA A 95 -1.92 -1.24 -7.30
C ALA A 95 -0.90 -0.77 -8.33
N SER A 96 -1.39 -0.44 -9.52
CA SER A 96 -0.52 0.03 -10.59
C SER A 96 0.29 1.23 -10.15
N GLU A 97 -0.32 2.08 -9.31
CA GLU A 97 0.37 3.27 -8.83
C GLU A 97 1.54 2.91 -7.93
N VAL A 98 1.26 2.04 -6.96
CA VAL A 98 2.30 1.60 -6.04
C VAL A 98 3.40 0.85 -6.79
N GLU A 99 3.00 0.12 -7.82
CA GLU A 99 3.93 -0.64 -8.63
C GLU A 99 4.92 0.30 -9.31
N GLU A 100 4.41 1.38 -9.88
CA GLU A 100 5.24 2.36 -10.56
C GLU A 100 6.23 2.98 -9.58
N ILE A 101 5.72 3.42 -8.42
CA ILE A 101 6.58 4.02 -7.42
C ILE A 101 7.62 3.02 -6.95
N LEU A 102 7.20 1.77 -6.82
CA LEU A 102 8.09 0.69 -6.40
C LEU A 102 9.17 0.46 -7.45
N ASP A 103 8.80 0.61 -8.72
CA ASP A 103 9.74 0.42 -9.82
C ASP A 103 10.63 1.66 -9.94
N GLY A 104 10.20 2.74 -9.31
CA GLY A 104 10.94 3.99 -9.32
C GLY A 104 10.37 4.99 -10.28
N ASN A 105 9.26 4.64 -10.91
CA ASN A 105 8.57 5.55 -11.81
C ASN A 105 7.32 6.09 -11.12
N ASP A 106 7.33 7.35 -10.77
CA ASP A 106 6.20 7.94 -10.07
C ASP A 106 6.14 9.47 -10.17
N GLU A 107 7.01 10.05 -11.00
CA GLU A 107 7.06 11.49 -11.17
C GLU A 107 5.68 12.07 -11.47
N LYS A 108 4.85 11.29 -12.15
CA LYS A 108 3.49 11.73 -12.50
C LYS A 108 2.63 11.85 -11.25
N TYR A 109 2.87 10.98 -10.28
CA TYR A 109 2.11 10.99 -9.03
C TYR A 109 2.64 12.04 -8.07
N LYS A 110 3.94 12.31 -8.15
CA LYS A 110 4.57 13.31 -7.27
C LYS A 110 4.43 14.71 -7.87
N ALA A 111 3.89 14.79 -9.08
CA ALA A 111 3.71 16.06 -9.77
C ALA A 111 2.26 16.53 -9.74
N VAL A 112 1.54 16.17 -8.68
CA VAL A 112 0.13 16.55 -8.54
C VAL A 112 -0.12 17.98 -9.03
N SER A 113 0.87 18.85 -8.86
CA SER A 113 0.75 20.24 -9.28
C SER A 113 -0.35 20.96 -8.49
N ILE A 114 -0.05 22.17 -8.05
CA ILE A 114 -1.01 22.96 -7.29
C ILE A 114 -1.46 24.18 -8.09
N SER A 115 -1.62 24.01 -9.39
CA SER A 115 -2.05 25.08 -10.27
C SER A 115 -3.49 25.49 -9.98
N GLY A 2 33.54 -3.93 -0.90
CA GLY A 2 32.98 -4.07 0.47
C GLY A 2 32.34 -5.41 0.70
N SER A 3 31.49 -5.50 1.72
CA SER A 3 30.79 -6.74 2.05
C SER A 3 29.31 -6.63 1.76
N MET A 4 28.74 -7.67 1.16
CA MET A 4 27.33 -7.69 0.82
C MET A 4 26.98 -6.56 -0.14
N MET A 5 25.73 -6.54 -0.60
CA MET A 5 25.27 -5.51 -1.52
C MET A 5 23.75 -5.54 -1.65
N MET A 6 23.10 -4.44 -1.31
CA MET A 6 21.65 -4.33 -1.39
C MET A 6 21.24 -3.10 -2.19
N ALA A 7 20.95 -3.30 -3.48
CA ALA A 7 20.54 -2.20 -4.34
C ALA A 7 19.07 -1.87 -4.15
N LEU A 8 18.80 -0.70 -3.57
CA LEU A 8 17.45 -0.26 -3.32
C LEU A 8 17.35 1.26 -3.31
N SER A 9 16.33 1.79 -3.98
CA SER A 9 16.12 3.23 -4.05
C SER A 9 14.64 3.58 -4.04
N LYS A 10 14.33 4.80 -3.62
CA LYS A 10 12.93 5.26 -3.55
C LYS A 10 12.13 4.44 -2.55
N THR A 11 11.76 3.23 -2.95
CA THR A 11 10.99 2.34 -2.10
C THR A 11 11.91 1.36 -1.36
N PHE A 12 11.65 1.18 -0.06
CA PHE A 12 12.46 0.29 0.76
C PHE A 12 11.62 -0.72 1.53
N GLY A 13 11.98 -2.00 1.44
CA GLY A 13 11.27 -3.02 2.18
C GLY A 13 10.43 -3.94 1.33
N GLN A 14 9.70 -4.83 2.00
CA GLN A 14 8.83 -5.81 1.36
C GLN A 14 7.64 -5.13 0.68
N LYS A 15 7.04 -5.83 -0.28
CA LYS A 15 5.90 -5.29 -1.02
C LYS A 15 4.70 -5.19 -0.10
N PRO A 16 3.90 -4.11 -0.25
CA PRO A 16 2.71 -3.89 0.58
C PRO A 16 1.64 -4.95 0.36
N VAL A 17 0.75 -5.07 1.33
CA VAL A 17 -0.32 -6.04 1.23
C VAL A 17 -1.35 -5.60 0.19
N LYS A 18 -1.50 -6.41 -0.86
CA LYS A 18 -2.43 -6.11 -1.94
C LYS A 18 -3.64 -7.01 -1.86
N PHE A 19 -4.75 -6.57 -2.45
CA PHE A 19 -5.98 -7.35 -2.44
C PHE A 19 -6.88 -6.98 -3.60
N GLN A 20 -7.88 -7.79 -3.86
CA GLN A 20 -8.81 -7.54 -4.95
C GLN A 20 -10.13 -6.99 -4.40
N LEU A 21 -10.57 -5.86 -4.95
CA LEU A 21 -11.81 -5.24 -4.50
C LEU A 21 -12.90 -5.37 -5.56
N GLU A 22 -12.50 -5.51 -6.82
CA GLU A 22 -13.46 -5.65 -7.92
C GLU A 22 -13.26 -6.98 -8.65
N ASP A 23 -14.37 -7.57 -9.09
CA ASP A 23 -14.32 -8.84 -9.81
C ASP A 23 -13.65 -8.70 -11.18
N ASP A 24 -13.43 -7.45 -11.61
CA ASP A 24 -12.80 -7.19 -12.91
C ASP A 24 -11.29 -7.31 -12.84
N GLY A 25 -10.76 -7.62 -11.66
CA GLY A 25 -9.32 -7.77 -11.50
C GLY A 25 -8.66 -6.53 -10.93
N GLU A 26 -9.41 -5.75 -10.16
CA GLU A 26 -8.86 -4.54 -9.55
C GLU A 26 -8.11 -4.88 -8.27
N PHE A 27 -6.81 -4.62 -8.26
CA PHE A 27 -5.98 -4.91 -7.10
C PHE A 27 -5.52 -3.61 -6.42
N TYR A 28 -5.67 -3.56 -5.11
CA TYR A 28 -5.27 -2.40 -4.34
C TYR A 28 -4.31 -2.80 -3.22
N MET A 29 -3.66 -1.81 -2.64
CA MET A 29 -2.71 -2.04 -1.55
C MET A 29 -3.00 -1.10 -0.39
N ILE A 30 -2.72 -1.56 0.83
CA ILE A 30 -2.96 -0.73 2.01
C ILE A 30 -1.91 0.37 2.15
N GLY A 31 -2.37 1.62 2.19
CA GLY A 31 -1.47 2.75 2.30
C GLY A 31 -0.53 2.64 3.49
N SER A 32 -0.98 1.99 4.54
CA SER A 32 -0.15 1.82 5.73
C SER A 32 1.09 1.02 5.37
N GLU A 33 0.91 -0.01 4.55
CA GLU A 33 2.02 -0.84 4.13
C GLU A 33 2.94 -0.03 3.23
N VAL A 34 2.35 0.71 2.29
CA VAL A 34 3.12 1.54 1.39
C VAL A 34 3.91 2.58 2.17
N GLY A 35 3.27 3.14 3.20
CA GLY A 35 3.91 4.13 4.03
C GLY A 35 5.18 3.60 4.67
N ASN A 36 5.09 2.42 5.30
CA ASN A 36 6.26 1.83 5.93
C ASN A 36 7.32 1.51 4.87
N TYR A 37 6.86 1.17 3.67
CA TYR A 37 7.75 0.85 2.56
C TYR A 37 8.66 2.04 2.24
N LEU A 38 8.08 3.23 2.22
CA LEU A 38 8.86 4.43 1.93
C LEU A 38 9.22 5.18 3.21
N ARG A 39 8.83 4.64 4.36
CA ARG A 39 9.12 5.25 5.64
C ARG A 39 8.39 6.58 5.81
N MET A 40 7.26 6.72 5.12
CA MET A 40 6.47 7.94 5.22
C MET A 40 5.28 7.74 6.15
N PHE A 41 5.16 8.61 7.14
CA PHE A 41 4.07 8.52 8.11
C PHE A 41 3.32 9.85 8.21
N ARG A 42 2.23 9.85 8.97
CA ARG A 42 1.42 11.05 9.16
C ARG A 42 0.98 11.62 7.82
N GLY A 43 0.55 10.74 6.92
CA GLY A 43 0.11 11.18 5.60
C GLY A 43 1.24 11.75 4.77
N SER A 44 2.46 11.37 5.11
CA SER A 44 3.64 11.85 4.39
C SER A 44 3.66 11.30 2.96
N LEU A 45 3.15 10.08 2.80
CA LEU A 45 3.10 9.44 1.49
C LEU A 45 2.17 10.20 0.55
N TYR A 46 0.95 10.48 1.01
CA TYR A 46 -0.02 11.20 0.22
C TYR A 46 0.43 12.64 -0.02
N LYS A 47 1.07 13.23 0.99
CA LYS A 47 1.56 14.60 0.88
C LYS A 47 2.62 14.71 -0.19
N ARG A 48 3.46 13.68 -0.29
CA ARG A 48 4.53 13.66 -1.29
C ARG A 48 4.05 13.01 -2.59
N TYR A 49 2.90 12.36 -2.54
CA TYR A 49 2.34 11.69 -3.72
C TYR A 49 0.84 11.99 -3.86
N PRO A 50 0.48 13.27 -4.04
CA PRO A 50 -0.93 13.68 -4.19
C PRO A 50 -1.63 13.03 -5.38
N SER A 51 -0.86 12.77 -6.44
CA SER A 51 -1.41 12.16 -7.65
C SER A 51 -1.72 10.69 -7.43
N LEU A 52 -1.19 10.11 -6.35
CA LEU A 52 -1.42 8.71 -6.04
C LEU A 52 -2.88 8.45 -5.69
N TRP A 53 -3.46 7.41 -6.27
CA TRP A 53 -4.85 7.05 -6.00
C TRP A 53 -5.00 6.51 -4.59
N ARG A 54 -5.78 7.21 -3.77
CA ARG A 54 -6.00 6.79 -2.39
C ARG A 54 -7.45 6.99 -1.99
N ARG A 55 -8.01 6.03 -1.26
CA ARG A 55 -9.40 6.13 -0.80
C ARG A 55 -9.62 5.33 0.48
N LEU A 56 -10.64 5.71 1.24
CA LEU A 56 -10.97 5.03 2.49
C LEU A 56 -11.74 3.75 2.24
N ALA A 57 -11.62 2.80 3.15
CA ALA A 57 -12.32 1.52 3.01
C ALA A 57 -13.45 1.38 4.02
N THR A 58 -14.60 0.91 3.54
CA THR A 58 -15.77 0.72 4.38
C THR A 58 -15.61 -0.50 5.27
N VAL A 59 -16.54 -0.68 6.20
CA VAL A 59 -16.49 -1.84 7.10
C VAL A 59 -16.43 -3.13 6.31
N GLU A 60 -17.32 -3.26 5.33
CA GLU A 60 -17.33 -4.45 4.48
C GLU A 60 -16.01 -4.55 3.73
N GLU A 61 -15.50 -3.41 3.30
CA GLU A 61 -14.24 -3.36 2.58
C GLU A 61 -13.10 -3.90 3.43
N ARG A 62 -13.02 -3.45 4.68
CA ARG A 62 -11.98 -3.91 5.58
C ARG A 62 -12.07 -5.42 5.79
N LYS A 63 -13.30 -5.93 5.88
CA LYS A 63 -13.51 -7.36 6.05
C LYS A 63 -12.87 -8.11 4.89
N LYS A 64 -13.14 -7.66 3.67
CA LYS A 64 -12.57 -8.27 2.48
C LYS A 64 -11.07 -8.02 2.42
N ILE A 65 -10.66 -6.84 2.90
CA ILE A 65 -9.25 -6.47 2.91
C ILE A 65 -8.43 -7.44 3.76
N VAL A 66 -8.87 -7.66 4.99
CA VAL A 66 -8.18 -8.56 5.91
C VAL A 66 -8.14 -10.00 5.37
N ALA A 67 -9.29 -10.48 4.91
CA ALA A 67 -9.40 -11.84 4.39
C ALA A 67 -8.71 -11.99 3.04
N SER A 68 -8.94 -11.03 2.14
CA SER A 68 -8.37 -11.08 0.80
C SER A 68 -6.88 -10.73 0.83
N SER A 69 -6.55 -9.61 1.45
CA SER A 69 -5.15 -9.17 1.52
C SER A 69 -4.33 -10.03 2.48
N HIS A 70 -4.80 -10.11 3.72
CA HIS A 70 -4.10 -10.89 4.73
C HIS A 70 -4.70 -12.28 4.89
N GLY A 71 -3.95 -13.17 5.54
CA GLY A 71 -4.41 -14.52 5.75
C GLY A 71 -3.29 -15.46 6.13
N LYS A 72 -2.81 -15.32 7.36
CA LYS A 72 -1.72 -16.16 7.86
C LYS A 72 -0.46 -15.97 7.03
N LYS A 73 0.58 -15.42 7.66
CA LYS A 73 1.84 -15.16 6.99
C LYS A 73 3.00 -15.16 8.00
N THR A 74 4.20 -14.87 7.49
CA THR A 74 5.38 -14.83 8.34
C THR A 74 5.41 -13.56 9.17
N LYS A 75 5.08 -13.69 10.45
CA LYS A 75 5.06 -12.54 11.36
C LYS A 75 5.76 -12.88 12.68
N PRO A 76 6.43 -11.90 13.30
CA PRO A 76 7.13 -12.11 14.57
C PRO A 76 6.24 -12.73 15.64
N ASN A 77 4.94 -12.48 15.53
CA ASN A 77 3.98 -13.02 16.48
C ASN A 77 3.64 -14.47 16.16
N THR A 78 3.90 -15.36 17.10
CA THR A 78 3.62 -16.78 16.91
C THR A 78 2.56 -17.28 17.88
N LYS A 79 2.62 -16.75 19.11
CA LYS A 79 1.66 -17.13 20.14
C LYS A 79 0.40 -16.27 20.07
N ASP A 80 0.58 -15.00 19.68
CA ASP A 80 -0.54 -14.07 19.57
C ASP A 80 -0.83 -13.75 18.12
N HIS A 81 -2.03 -13.23 17.86
CA HIS A 81 -2.43 -12.87 16.50
C HIS A 81 -2.99 -11.45 16.45
N GLY A 82 -2.21 -10.55 15.87
CA GLY A 82 -2.65 -9.16 15.77
C GLY A 82 -2.94 -8.75 14.34
N TYR A 83 -3.94 -9.39 13.74
CA TYR A 83 -4.32 -9.08 12.36
C TYR A 83 -5.27 -7.88 12.31
N THR A 84 -6.04 -7.69 13.37
CA THR A 84 -6.98 -6.59 13.44
C THR A 84 -6.26 -5.28 13.75
N THR A 85 -5.62 -4.71 12.74
CA THR A 85 -4.88 -3.46 12.90
C THR A 85 -5.38 -2.38 11.94
N LEU A 86 -6.36 -2.73 11.11
CA LEU A 86 -6.92 -1.79 10.15
C LEU A 86 -8.38 -2.11 9.86
N ALA A 87 -9.26 -1.73 10.78
CA ALA A 87 -10.69 -1.98 10.61
C ALA A 87 -11.48 -0.68 10.71
N THR A 88 -11.04 0.23 11.58
CA THR A 88 -11.72 1.51 11.76
C THR A 88 -11.50 2.41 10.55
N SER A 89 -10.33 2.29 9.93
CA SER A 89 -10.00 3.09 8.76
C SER A 89 -8.89 2.44 7.94
N VAL A 90 -9.25 1.91 6.78
CA VAL A 90 -8.29 1.26 5.89
C VAL A 90 -8.08 2.09 4.63
N THR A 91 -6.83 2.46 4.38
CA THR A 91 -6.49 3.26 3.21
C THR A 91 -6.13 2.37 2.03
N LEU A 92 -6.87 2.49 0.94
CA LEU A 92 -6.63 1.69 -0.25
C LEU A 92 -5.88 2.49 -1.31
N LEU A 93 -5.03 1.80 -2.06
CA LEU A 93 -4.24 2.42 -3.12
C LEU A 93 -4.23 1.53 -4.36
N LYS A 94 -4.12 2.15 -5.54
CA LYS A 94 -4.10 1.40 -6.79
C LYS A 94 -2.78 0.67 -6.97
N ALA A 95 -2.85 -0.65 -7.12
CA ALA A 95 -1.66 -1.47 -7.30
C ALA A 95 -0.76 -0.92 -8.38
N SER A 96 -1.36 -0.33 -9.41
CA SER A 96 -0.61 0.25 -10.51
C SER A 96 0.27 1.41 -10.03
N GLU A 97 -0.28 2.25 -9.17
CA GLU A 97 0.47 3.39 -8.64
C GLU A 97 1.60 2.91 -7.74
N VAL A 98 1.27 2.04 -6.80
CA VAL A 98 2.26 1.50 -5.87
C VAL A 98 3.34 0.74 -6.62
N GLU A 99 2.92 -0.16 -7.48
CA GLU A 99 3.86 -0.97 -8.27
C GLU A 99 4.82 -0.07 -9.04
N GLU A 100 4.29 1.00 -9.62
CA GLU A 100 5.11 1.94 -10.37
C GLU A 100 6.19 2.56 -9.49
N ILE A 101 5.79 3.05 -8.32
CA ILE A 101 6.75 3.64 -7.40
C ILE A 101 7.77 2.59 -6.98
N LEU A 102 7.28 1.37 -6.77
CA LEU A 102 8.15 0.26 -6.38
C LEU A 102 9.14 -0.03 -7.51
N ASP A 103 8.67 0.09 -8.74
CA ASP A 103 9.51 -0.15 -9.91
C ASP A 103 10.44 1.05 -10.15
N GLY A 104 10.14 2.15 -9.49
CA GLY A 104 10.93 3.36 -9.63
C GLY A 104 10.30 4.37 -10.55
N ASN A 105 9.10 4.06 -11.02
CA ASN A 105 8.37 4.99 -11.88
C ASN A 105 7.26 5.64 -11.08
N ASP A 106 7.39 6.93 -10.81
CA ASP A 106 6.38 7.64 -10.02
C ASP A 106 6.51 9.16 -10.15
N GLU A 107 7.25 9.61 -11.15
CA GLU A 107 7.44 11.04 -11.37
C GLU A 107 6.10 11.76 -11.46
N LYS A 108 5.17 11.17 -12.19
CA LYS A 108 3.84 11.76 -12.36
C LYS A 108 3.12 11.84 -11.02
N TYR A 109 3.45 10.92 -10.11
CA TYR A 109 2.85 10.88 -8.80
C TYR A 109 3.49 11.90 -7.86
N LYS A 110 4.82 11.98 -7.89
CA LYS A 110 5.56 12.90 -7.03
C LYS A 110 5.33 14.35 -7.47
N ALA A 111 4.75 14.54 -8.65
CA ALA A 111 4.48 15.88 -9.18
C ALA A 111 3.07 16.34 -8.86
N VAL A 112 2.47 15.76 -7.81
CA VAL A 112 1.12 16.13 -7.39
C VAL A 112 0.07 15.65 -8.39
N SER A 113 0.23 16.07 -9.63
CA SER A 113 -0.69 15.69 -10.70
C SER A 113 0.06 15.24 -11.94
N ILE A 114 -0.65 14.58 -12.86
CA ILE A 114 -0.06 14.09 -14.09
C ILE A 114 0.23 15.24 -15.05
N SER A 115 -0.60 16.27 -15.00
CA SER A 115 -0.44 17.44 -15.87
C SER A 115 -0.60 18.73 -15.07
N GLY A 2 25.68 -3.43 -24.13
CA GLY A 2 24.47 -2.58 -23.96
C GLY A 2 24.34 -2.01 -22.56
N SER A 3 23.30 -1.21 -22.34
CA SER A 3 23.08 -0.60 -21.03
C SER A 3 22.39 -1.59 -20.09
N MET A 4 23.04 -1.87 -18.97
CA MET A 4 22.49 -2.79 -17.97
C MET A 4 21.43 -2.11 -17.13
N MET A 5 21.86 -1.17 -16.30
CA MET A 5 20.95 -0.44 -15.43
C MET A 5 20.37 0.78 -16.14
N MET A 6 19.16 1.19 -15.75
CA MET A 6 18.51 2.34 -16.36
C MET A 6 17.24 2.69 -15.60
N ALA A 7 17.27 2.52 -14.28
CA ALA A 7 16.12 2.82 -13.43
C ALA A 7 16.53 3.02 -11.98
N LEU A 8 15.78 3.85 -11.26
CA LEU A 8 16.07 4.13 -9.86
C LEU A 8 14.79 4.27 -9.06
N SER A 9 14.59 3.38 -8.09
CA SER A 9 13.40 3.40 -7.26
C SER A 9 13.77 3.42 -5.78
N LYS A 10 12.78 3.63 -4.92
CA LYS A 10 13.00 3.67 -3.49
C LYS A 10 12.04 2.73 -2.76
N THR A 11 12.57 1.62 -2.27
CA THR A 11 11.77 0.63 -1.56
C THR A 11 12.63 -0.13 -0.55
N PHE A 12 12.05 -0.41 0.63
CA PHE A 12 12.78 -1.12 1.67
C PHE A 12 11.90 -2.17 2.34
N GLY A 13 12.37 -3.42 2.39
CA GLY A 13 11.61 -4.46 3.04
C GLY A 13 10.75 -5.25 2.08
N GLN A 14 9.89 -6.09 2.64
CA GLN A 14 8.97 -6.91 1.85
C GLN A 14 7.95 -6.01 1.16
N LYS A 15 7.36 -6.48 0.08
CA LYS A 15 6.37 -5.69 -0.66
C LYS A 15 5.10 -5.54 0.17
N PRO A 16 4.45 -4.36 0.12
CA PRO A 16 3.23 -4.10 0.88
C PRO A 16 2.12 -5.07 0.49
N VAL A 17 1.11 -5.17 1.35
CA VAL A 17 0.00 -6.08 1.11
C VAL A 17 -0.96 -5.55 0.05
N LYS A 18 -1.12 -6.34 -1.01
CA LYS A 18 -2.02 -6.00 -2.11
C LYS A 18 -3.16 -7.00 -2.17
N PHE A 19 -4.31 -6.57 -2.68
CA PHE A 19 -5.47 -7.45 -2.77
C PHE A 19 -6.38 -7.05 -3.92
N GLN A 20 -7.34 -7.90 -4.23
CA GLN A 20 -8.29 -7.64 -5.30
C GLN A 20 -9.63 -7.19 -4.73
N LEU A 21 -10.14 -6.07 -5.22
CA LEU A 21 -11.41 -5.54 -4.74
C LEU A 21 -12.51 -5.68 -5.80
N GLU A 22 -12.11 -5.84 -7.05
CA GLU A 22 -13.06 -5.98 -8.14
C GLU A 22 -12.75 -7.20 -9.00
N ASP A 23 -13.79 -7.87 -9.48
CA ASP A 23 -13.65 -9.06 -10.31
C ASP A 23 -12.95 -8.75 -11.64
N ASP A 24 -12.80 -7.46 -11.95
CA ASP A 24 -12.17 -7.06 -13.21
C ASP A 24 -10.65 -7.09 -13.11
N GLY A 25 -10.12 -7.52 -11.97
CA GLY A 25 -8.68 -7.59 -11.80
C GLY A 25 -8.09 -6.39 -11.09
N GLU A 26 -8.95 -5.54 -10.54
CA GLU A 26 -8.49 -4.34 -9.84
C GLU A 26 -7.80 -4.72 -8.54
N PHE A 27 -6.50 -4.40 -8.46
CA PHE A 27 -5.70 -4.71 -7.28
C PHE A 27 -5.31 -3.44 -6.53
N TYR A 28 -5.50 -3.46 -5.22
CA TYR A 28 -5.16 -2.32 -4.38
C TYR A 28 -4.17 -2.73 -3.29
N MET A 29 -3.59 -1.73 -2.65
CA MET A 29 -2.62 -1.98 -1.59
C MET A 29 -2.91 -1.09 -0.39
N ILE A 30 -2.62 -1.58 0.80
CA ILE A 30 -2.86 -0.81 2.02
C ILE A 30 -1.83 0.31 2.16
N GLY A 31 -2.30 1.55 2.18
CA GLY A 31 -1.43 2.70 2.30
C GLY A 31 -0.51 2.63 3.51
N SER A 32 -0.99 2.01 4.58
CA SER A 32 -0.19 1.88 5.79
C SER A 32 1.05 1.04 5.49
N GLU A 33 0.87 -0.01 4.69
CA GLU A 33 1.97 -0.88 4.31
C GLU A 33 2.93 -0.13 3.39
N VAL A 34 2.38 0.65 2.48
CA VAL A 34 3.18 1.43 1.55
C VAL A 34 3.97 2.50 2.30
N GLY A 35 3.32 3.12 3.28
CA GLY A 35 3.97 4.15 4.06
C GLY A 35 5.18 3.64 4.81
N ASN A 36 5.00 2.54 5.54
CA ASN A 36 6.12 1.95 6.28
C ASN A 36 7.19 1.45 5.31
N TYR A 37 6.74 0.99 4.16
CA TYR A 37 7.63 0.47 3.12
C TYR A 37 8.60 1.55 2.66
N LEU A 38 8.09 2.76 2.49
CA LEU A 38 8.92 3.88 2.07
C LEU A 38 9.37 4.70 3.28
N ARG A 39 8.91 4.31 4.47
CA ARG A 39 9.28 5.00 5.70
C ARG A 39 8.67 6.40 5.76
N MET A 40 7.51 6.56 5.11
CA MET A 40 6.82 7.85 5.11
C MET A 40 5.66 7.82 6.09
N PHE A 41 5.65 8.80 7.00
CA PHE A 41 4.59 8.87 8.00
C PHE A 41 3.93 10.26 8.00
N ARG A 42 2.88 10.41 8.81
CA ARG A 42 2.17 11.67 8.90
C ARG A 42 1.61 12.09 7.54
N GLY A 43 1.05 11.12 6.82
CA GLY A 43 0.50 11.41 5.51
C GLY A 43 1.53 11.94 4.54
N SER A 44 2.80 11.61 4.79
CA SER A 44 3.88 12.06 3.93
C SER A 44 3.76 11.47 2.53
N LEU A 45 3.25 10.23 2.46
CA LEU A 45 3.09 9.55 1.18
C LEU A 45 2.07 10.27 0.31
N TYR A 46 0.93 10.65 0.91
CA TYR A 46 -0.12 11.35 0.18
C TYR A 46 0.31 12.78 -0.17
N LYS A 47 1.00 13.42 0.77
CA LYS A 47 1.47 14.78 0.56
C LYS A 47 2.51 14.83 -0.55
N ARG A 48 3.40 13.86 -0.56
CA ARG A 48 4.46 13.78 -1.57
C ARG A 48 3.89 13.30 -2.90
N TYR A 49 2.81 12.52 -2.86
CA TYR A 49 2.20 12.00 -4.06
C TYR A 49 0.71 12.34 -4.12
N PRO A 50 0.37 13.61 -4.41
CA PRO A 50 -1.02 14.06 -4.50
C PRO A 50 -1.76 13.39 -5.66
N SER A 51 -1.04 13.04 -6.70
CA SER A 51 -1.63 12.39 -7.87
C SER A 51 -1.85 10.90 -7.63
N LEU A 52 -1.44 10.41 -6.46
CA LEU A 52 -1.59 9.01 -6.12
C LEU A 52 -3.02 8.70 -5.67
N TRP A 53 -3.59 7.64 -6.24
CA TRP A 53 -4.95 7.24 -5.89
C TRP A 53 -5.02 6.68 -4.48
N ARG A 54 -5.76 7.36 -3.61
CA ARG A 54 -5.90 6.92 -2.23
C ARG A 54 -7.34 7.12 -1.74
N ARG A 55 -7.87 6.13 -1.02
CA ARG A 55 -9.23 6.23 -0.50
C ARG A 55 -9.42 5.38 0.75
N LEU A 56 -10.50 5.65 1.49
CA LEU A 56 -10.80 4.91 2.69
C LEU A 56 -11.79 3.79 2.41
N ALA A 57 -11.53 2.61 2.95
CA ALA A 57 -12.40 1.45 2.73
C ALA A 57 -13.57 1.45 3.70
N THR A 58 -14.73 1.01 3.21
CA THR A 58 -15.94 0.94 4.03
C THR A 58 -15.82 -0.22 5.02
N VAL A 59 -16.73 -0.27 5.99
CA VAL A 59 -16.72 -1.34 6.98
C VAL A 59 -16.72 -2.70 6.29
N GLU A 60 -17.49 -2.80 5.20
CA GLU A 60 -17.56 -4.02 4.43
C GLU A 60 -16.24 -4.29 3.72
N GLU A 61 -15.68 -3.24 3.13
CA GLU A 61 -14.41 -3.36 2.44
C GLU A 61 -13.30 -3.81 3.39
N ARG A 62 -13.28 -3.22 4.58
CA ARG A 62 -12.28 -3.57 5.59
C ARG A 62 -12.41 -5.04 5.98
N LYS A 63 -13.64 -5.49 6.17
CA LYS A 63 -13.89 -6.89 6.52
C LYS A 63 -13.30 -7.79 5.46
N LYS A 64 -13.53 -7.44 4.20
CA LYS A 64 -13.00 -8.21 3.08
C LYS A 64 -11.48 -8.06 3.03
N ILE A 65 -10.99 -6.88 3.40
CA ILE A 65 -9.56 -6.62 3.41
C ILE A 65 -8.84 -7.59 4.35
N VAL A 66 -9.41 -7.79 5.52
CA VAL A 66 -8.81 -8.69 6.51
C VAL A 66 -8.73 -10.13 5.99
N ALA A 67 -9.85 -10.63 5.48
CA ALA A 67 -9.92 -11.99 4.95
C ALA A 67 -9.18 -12.14 3.63
N SER A 68 -9.40 -11.19 2.72
CA SER A 68 -8.78 -11.23 1.40
C SER A 68 -7.29 -10.89 1.44
N SER A 69 -6.95 -9.76 2.05
CA SER A 69 -5.56 -9.33 2.13
C SER A 69 -4.71 -10.30 2.95
N HIS A 70 -5.12 -10.55 4.19
CA HIS A 70 -4.39 -11.45 5.07
C HIS A 70 -5.13 -11.68 6.38
N GLY A 71 -4.82 -10.88 7.40
CA GLY A 71 -5.47 -11.02 8.69
C GLY A 71 -4.54 -11.57 9.74
N LYS A 72 -3.79 -12.62 9.38
CA LYS A 72 -2.86 -13.24 10.31
C LYS A 72 -1.48 -12.60 10.21
N LYS A 73 -1.14 -12.13 9.02
CA LYS A 73 0.15 -11.48 8.79
C LYS A 73 0.23 -10.14 9.50
N THR A 74 -0.44 -9.14 8.94
CA THR A 74 -0.46 -7.80 9.51
C THR A 74 0.96 -7.25 9.67
N LYS A 75 1.07 -6.05 10.22
CA LYS A 75 2.36 -5.41 10.43
C LYS A 75 3.25 -6.28 11.34
N PRO A 76 4.31 -6.89 10.78
CA PRO A 76 5.23 -7.73 11.54
C PRO A 76 6.13 -6.92 12.47
N ASN A 77 5.51 -6.21 13.42
CA ASN A 77 6.26 -5.40 14.36
C ASN A 77 5.56 -5.36 15.72
N THR A 78 4.25 -5.11 15.69
CA THR A 78 3.46 -5.04 16.91
C THR A 78 3.57 -6.34 17.70
N LYS A 79 2.93 -6.38 18.87
CA LYS A 79 2.95 -7.57 19.72
C LYS A 79 1.90 -8.57 19.28
N ASP A 80 2.34 -9.74 18.84
CA ASP A 80 1.44 -10.79 18.38
C ASP A 80 0.58 -10.30 17.21
N HIS A 81 -0.23 -11.21 16.66
CA HIS A 81 -1.09 -10.87 15.54
C HIS A 81 -2.56 -10.93 15.95
N GLY A 82 -3.14 -9.76 16.22
CA GLY A 82 -4.53 -9.70 16.62
C GLY A 82 -5.42 -9.16 15.52
N TYR A 83 -6.69 -9.58 15.52
CA TYR A 83 -7.65 -9.12 14.51
C TYR A 83 -8.81 -8.37 15.16
N THR A 84 -8.77 -8.24 16.48
CA THR A 84 -9.82 -7.53 17.21
C THR A 84 -9.98 -6.10 16.69
N THR A 85 -8.85 -5.48 16.36
CA THR A 85 -8.86 -4.11 15.85
C THR A 85 -8.10 -4.02 14.53
N LEU A 86 -8.79 -3.55 13.50
CA LEU A 86 -8.19 -3.40 12.17
C LEU A 86 -9.21 -2.87 11.17
N ALA A 87 -10.47 -3.26 11.34
CA ALA A 87 -11.55 -2.83 10.45
C ALA A 87 -12.15 -1.51 10.92
N THR A 88 -11.29 -0.55 11.28
CA THR A 88 -11.75 0.76 11.74
C THR A 88 -11.38 1.83 10.73
N SER A 89 -10.20 1.68 10.13
CA SER A 89 -9.72 2.63 9.14
C SER A 89 -8.65 2.00 8.26
N VAL A 90 -9.00 1.73 7.02
CA VAL A 90 -8.07 1.11 6.07
C VAL A 90 -7.87 1.98 4.84
N THR A 91 -6.61 2.31 4.56
CA THR A 91 -6.29 3.14 3.40
C THR A 91 -6.00 2.25 2.19
N LEU A 92 -6.62 2.58 1.06
CA LEU A 92 -6.43 1.81 -0.16
C LEU A 92 -5.73 2.63 -1.23
N LEU A 93 -4.91 1.93 -2.02
CA LEU A 93 -4.15 2.57 -3.10
C LEU A 93 -4.20 1.70 -4.37
N LYS A 94 -4.05 2.33 -5.52
CA LYS A 94 -4.08 1.59 -6.79
C LYS A 94 -2.77 0.85 -7.01
N ALA A 95 -2.87 -0.48 -7.17
CA ALA A 95 -1.69 -1.30 -7.40
C ALA A 95 -0.83 -0.75 -8.54
N SER A 96 -1.50 -0.14 -9.51
CA SER A 96 -0.82 0.44 -10.65
C SER A 96 0.10 1.59 -10.23
N GLU A 97 -0.40 2.44 -9.33
CA GLU A 97 0.37 3.57 -8.85
C GLU A 97 1.56 3.09 -8.04
N VAL A 98 1.30 2.20 -7.08
CA VAL A 98 2.36 1.67 -6.24
C VAL A 98 3.38 0.90 -7.06
N GLU A 99 2.89 0.14 -8.03
CA GLU A 99 3.74 -0.66 -8.90
C GLU A 99 4.73 0.24 -9.65
N GLU A 100 4.23 1.34 -10.19
CA GLU A 100 5.06 2.27 -10.93
C GLU A 100 6.14 2.85 -10.03
N ILE A 101 5.74 3.31 -8.84
CA ILE A 101 6.69 3.89 -7.90
C ILE A 101 7.73 2.85 -7.51
N LEU A 102 7.27 1.61 -7.34
CA LEU A 102 8.16 0.52 -6.99
C LEU A 102 9.13 0.26 -8.14
N ASP A 103 8.62 0.41 -9.35
CA ASP A 103 9.45 0.22 -10.55
C ASP A 103 10.34 1.43 -10.79
N GLY A 104 10.04 2.52 -10.08
CA GLY A 104 10.81 3.74 -10.20
C GLY A 104 10.13 4.78 -11.06
N ASN A 105 8.92 4.47 -11.50
CA ASN A 105 8.15 5.40 -12.31
C ASN A 105 7.04 6.02 -11.45
N ASP A 106 7.16 7.31 -11.16
CA ASP A 106 6.16 7.97 -10.32
C ASP A 106 6.27 9.49 -10.40
N GLU A 107 6.96 10.00 -11.40
CA GLU A 107 7.13 11.44 -11.58
C GLU A 107 5.78 12.14 -11.65
N LYS A 108 4.86 11.55 -12.40
CA LYS A 108 3.52 12.12 -12.55
C LYS A 108 2.78 12.13 -11.23
N TYR A 109 3.17 11.24 -10.32
CA TYR A 109 2.53 11.14 -9.02
C TYR A 109 3.14 12.14 -8.04
N LYS A 110 4.47 12.20 -8.01
CA LYS A 110 5.16 13.12 -7.10
C LYS A 110 4.89 14.58 -7.46
N ALA A 111 4.36 14.82 -8.66
CA ALA A 111 4.07 16.17 -9.10
C ALA A 111 2.59 16.42 -9.31
N VAL A 112 1.75 15.64 -8.63
CA VAL A 112 0.30 15.77 -8.74
C VAL A 112 -0.14 15.98 -10.19
N SER A 113 0.50 15.26 -11.10
CA SER A 113 0.19 15.36 -12.53
C SER A 113 -1.31 15.18 -12.78
N ILE A 114 -1.93 16.17 -13.41
CA ILE A 114 -3.35 16.11 -13.71
C ILE A 114 -3.60 15.85 -15.20
N SER A 115 -2.70 16.37 -16.04
CA SER A 115 -2.82 16.19 -17.48
C SER A 115 -2.27 14.83 -17.91
N GLY A 2 14.89 -5.64 -19.25
CA GLY A 2 14.64 -4.26 -18.76
C GLY A 2 15.32 -3.99 -17.43
N SER A 3 14.88 -4.69 -16.39
CA SER A 3 15.44 -4.51 -15.06
C SER A 3 15.71 -5.86 -14.41
N MET A 4 16.84 -5.98 -13.70
CA MET A 4 17.21 -7.21 -13.04
C MET A 4 16.38 -7.40 -11.76
N MET A 5 16.47 -8.60 -11.18
CA MET A 5 15.74 -8.92 -9.97
C MET A 5 16.66 -8.95 -8.76
N MET A 6 17.66 -8.07 -8.78
CA MET A 6 18.63 -8.00 -7.68
C MET A 6 18.98 -6.55 -7.37
N ALA A 7 18.02 -5.65 -7.60
CA ALA A 7 18.23 -4.23 -7.33
C ALA A 7 17.07 -3.65 -6.53
N LEU A 8 17.40 -2.92 -5.47
CA LEU A 8 16.40 -2.30 -4.61
C LEU A 8 16.57 -0.79 -4.57
N SER A 9 15.47 -0.07 -4.82
CA SER A 9 15.50 1.39 -4.81
C SER A 9 14.12 1.96 -4.51
N LYS A 10 14.04 2.83 -3.51
CA LYS A 10 12.78 3.46 -3.12
C LYS A 10 11.85 2.45 -2.42
N THR A 11 12.37 1.26 -2.15
CA THR A 11 11.58 0.22 -1.49
C THR A 11 12.44 -0.54 -0.48
N PHE A 12 11.88 -0.79 0.70
CA PHE A 12 12.60 -1.52 1.74
C PHE A 12 11.69 -2.51 2.45
N GLY A 13 12.12 -3.77 2.51
CA GLY A 13 11.32 -4.76 3.20
C GLY A 13 10.42 -5.55 2.27
N GLN A 14 9.52 -6.33 2.86
CA GLN A 14 8.56 -7.12 2.09
C GLN A 14 7.58 -6.19 1.37
N LYS A 15 6.98 -6.67 0.30
CA LYS A 15 6.04 -5.86 -0.47
C LYS A 15 4.77 -5.60 0.35
N PRO A 16 4.16 -4.41 0.19
CA PRO A 16 2.96 -4.05 0.94
C PRO A 16 1.81 -5.01 0.66
N VAL A 17 0.86 -5.06 1.59
CA VAL A 17 -0.29 -5.95 1.45
C VAL A 17 -1.26 -5.45 0.39
N LYS A 18 -1.42 -6.22 -0.68
CA LYS A 18 -2.32 -5.89 -1.76
C LYS A 18 -3.54 -6.82 -1.73
N PHE A 19 -4.64 -6.37 -2.30
CA PHE A 19 -5.86 -7.17 -2.32
C PHE A 19 -6.75 -6.82 -3.50
N GLN A 20 -7.74 -7.66 -3.76
CA GLN A 20 -8.67 -7.43 -4.86
C GLN A 20 -9.99 -6.90 -4.34
N LEU A 21 -10.44 -5.79 -4.91
CA LEU A 21 -11.70 -5.18 -4.50
C LEU A 21 -12.77 -5.35 -5.58
N GLU A 22 -12.35 -5.50 -6.82
CA GLU A 22 -13.28 -5.68 -7.92
C GLU A 22 -13.03 -7.00 -8.64
N ASP A 23 -14.11 -7.63 -9.09
CA ASP A 23 -14.03 -8.91 -9.80
C ASP A 23 -13.33 -8.77 -11.16
N ASP A 24 -13.14 -7.52 -11.60
CA ASP A 24 -12.50 -7.27 -12.89
C ASP A 24 -10.97 -7.34 -12.78
N GLY A 25 -10.46 -7.62 -11.59
CA GLY A 25 -9.02 -7.72 -11.41
C GLY A 25 -8.41 -6.47 -10.80
N GLU A 26 -9.22 -5.69 -10.10
CA GLU A 26 -8.73 -4.46 -9.47
C GLU A 26 -7.99 -4.79 -8.18
N PHE A 27 -6.70 -4.47 -8.15
CA PHE A 27 -5.88 -4.74 -6.98
C PHE A 27 -5.47 -3.43 -6.30
N TYR A 28 -5.61 -3.40 -4.99
CA TYR A 28 -5.23 -2.23 -4.20
C TYR A 28 -4.26 -2.61 -3.11
N MET A 29 -3.64 -1.60 -2.51
CA MET A 29 -2.67 -1.81 -1.44
C MET A 29 -2.97 -0.90 -0.26
N ILE A 30 -2.73 -1.39 0.95
CA ILE A 30 -2.98 -0.58 2.14
C ILE A 30 -1.90 0.48 2.32
N GLY A 31 -2.33 1.74 2.35
CA GLY A 31 -1.39 2.84 2.49
C GLY A 31 -0.50 2.72 3.70
N SER A 32 -0.97 2.02 4.72
CA SER A 32 -0.18 1.82 5.93
C SER A 32 1.08 1.01 5.59
N GLU A 33 0.90 -0.01 4.77
CA GLU A 33 2.02 -0.84 4.36
C GLU A 33 2.94 -0.08 3.42
N VAL A 34 2.33 0.64 2.48
CA VAL A 34 3.08 1.44 1.54
C VAL A 34 3.91 2.50 2.25
N GLY A 35 3.29 3.12 3.27
CA GLY A 35 3.97 4.14 4.02
C GLY A 35 5.19 3.60 4.76
N ASN A 36 5.01 2.52 5.50
CA ASN A 36 6.12 1.93 6.23
C ASN A 36 7.16 1.37 5.26
N TYR A 37 6.68 0.88 4.12
CA TYR A 37 7.55 0.31 3.09
C TYR A 37 8.52 1.36 2.57
N LEU A 38 8.02 2.56 2.35
CA LEU A 38 8.85 3.66 1.87
C LEU A 38 9.36 4.52 3.03
N ARG A 39 8.92 4.19 4.24
CA ARG A 39 9.33 4.93 5.44
C ARG A 39 8.76 6.34 5.45
N MET A 40 7.58 6.51 4.86
CA MET A 40 6.93 7.81 4.83
C MET A 40 5.83 7.87 5.88
N PHE A 41 5.89 8.88 6.74
CA PHE A 41 4.90 9.04 7.80
C PHE A 41 4.27 10.42 7.77
N ARG A 42 3.29 10.64 8.63
CA ARG A 42 2.60 11.93 8.72
C ARG A 42 1.99 12.30 7.36
N GLY A 43 1.34 11.33 6.73
CA GLY A 43 0.73 11.57 5.44
C GLY A 43 1.74 12.03 4.39
N SER A 44 3.02 11.76 4.65
CA SER A 44 4.08 12.14 3.72
C SER A 44 3.84 11.54 2.34
N LEU A 45 3.28 10.34 2.32
CA LEU A 45 3.00 9.66 1.07
C LEU A 45 1.97 10.41 0.24
N TYR A 46 0.84 10.73 0.87
CA TYR A 46 -0.23 11.46 0.18
C TYR A 46 0.19 12.90 -0.12
N LYS A 47 0.91 13.51 0.81
CA LYS A 47 1.37 14.88 0.64
C LYS A 47 2.43 14.97 -0.45
N ARG A 48 3.24 13.91 -0.55
CA ARG A 48 4.30 13.86 -1.55
C ARG A 48 3.81 13.27 -2.86
N TYR A 49 2.68 12.58 -2.81
CA TYR A 49 2.09 11.96 -4.00
C TYR A 49 0.61 12.29 -4.13
N PRO A 50 0.28 13.56 -4.41
CA PRO A 50 -1.12 14.01 -4.56
C PRO A 50 -1.84 13.32 -5.71
N SER A 51 -1.11 12.98 -6.76
CA SER A 51 -1.71 12.31 -7.91
C SER A 51 -1.98 10.84 -7.63
N LEU A 52 -1.56 10.37 -6.46
CA LEU A 52 -1.77 8.97 -6.08
C LEU A 52 -3.21 8.73 -5.63
N TRP A 53 -3.79 7.64 -6.12
CA TRP A 53 -5.17 7.29 -5.79
C TRP A 53 -5.26 6.71 -4.38
N ARG A 54 -6.03 7.37 -3.52
CA ARG A 54 -6.20 6.91 -2.14
C ARG A 54 -7.66 7.07 -1.70
N ARG A 55 -8.18 6.07 -0.99
CA ARG A 55 -9.56 6.13 -0.50
C ARG A 55 -9.75 5.28 0.76
N LEU A 56 -10.78 5.59 1.52
CA LEU A 56 -11.07 4.86 2.76
C LEU A 56 -11.91 3.62 2.47
N ALA A 57 -11.56 2.51 3.12
CA ALA A 57 -12.26 1.25 2.93
C ALA A 57 -13.46 1.13 3.87
N THR A 58 -14.59 0.71 3.32
CA THR A 58 -15.82 0.53 4.10
C THR A 58 -15.71 -0.70 4.98
N VAL A 59 -16.68 -0.90 5.87
CA VAL A 59 -16.68 -2.05 6.76
C VAL A 59 -16.56 -3.34 5.95
N GLU A 60 -17.39 -3.46 4.92
CA GLU A 60 -17.36 -4.64 4.06
C GLU A 60 -16.01 -4.73 3.36
N GLU A 61 -15.51 -3.58 2.91
CA GLU A 61 -14.23 -3.53 2.24
C GLU A 61 -13.11 -4.04 3.15
N ARG A 62 -13.12 -3.60 4.41
CA ARG A 62 -12.11 -4.03 5.36
C ARG A 62 -12.17 -5.54 5.55
N LYS A 63 -13.38 -6.09 5.57
CA LYS A 63 -13.56 -7.53 5.72
C LYS A 63 -12.83 -8.24 4.58
N LYS A 64 -13.06 -7.78 3.36
CA LYS A 64 -12.41 -8.36 2.19
C LYS A 64 -10.92 -8.06 2.20
N ILE A 65 -10.56 -6.89 2.72
CA ILE A 65 -9.17 -6.48 2.80
C ILE A 65 -8.36 -7.44 3.66
N VAL A 66 -8.85 -7.72 4.86
CA VAL A 66 -8.16 -8.63 5.77
C VAL A 66 -8.08 -10.05 5.20
N ALA A 67 -9.18 -10.53 4.64
CA ALA A 67 -9.23 -11.87 4.08
C ALA A 67 -8.45 -11.97 2.77
N SER A 68 -8.61 -10.98 1.90
CA SER A 68 -7.94 -10.96 0.61
C SER A 68 -6.48 -10.53 0.73
N SER A 69 -6.25 -9.39 1.38
CA SER A 69 -4.90 -8.87 1.55
C SER A 69 -4.08 -9.73 2.50
N HIS A 70 -4.67 -10.07 3.64
CA HIS A 70 -3.99 -10.88 4.64
C HIS A 70 -4.56 -12.29 4.71
N GLY A 71 -3.75 -13.22 5.22
CA GLY A 71 -4.20 -14.60 5.33
C GLY A 71 -3.05 -15.56 5.53
N LYS A 72 -2.72 -15.83 6.79
CA LYS A 72 -1.63 -16.74 7.12
C LYS A 72 -0.31 -16.23 6.55
N LYS A 73 0.58 -15.80 7.43
CA LYS A 73 1.89 -15.29 7.02
C LYS A 73 3.02 -16.13 7.61
N THR A 74 2.85 -16.56 8.86
CA THR A 74 3.85 -17.37 9.53
C THR A 74 3.19 -18.32 10.53
N LYS A 75 3.49 -19.61 10.39
CA LYS A 75 2.92 -20.62 11.27
C LYS A 75 1.41 -20.66 11.15
N PRO A 76 0.78 -21.76 11.58
CA PRO A 76 -0.68 -21.93 11.53
C PRO A 76 -1.40 -20.97 12.46
N ASN A 77 -2.55 -20.48 12.03
CA ASN A 77 -3.35 -19.55 12.83
C ASN A 77 -4.49 -20.27 13.53
N THR A 78 -4.85 -19.80 14.71
CA THR A 78 -5.94 -20.41 15.49
C THR A 78 -6.75 -19.33 16.20
N LYS A 79 -6.19 -18.84 17.31
CA LYS A 79 -6.86 -17.81 18.10
C LYS A 79 -6.32 -16.42 17.76
N ASP A 80 -5.04 -16.36 17.40
CA ASP A 80 -4.40 -15.10 17.06
C ASP A 80 -4.18 -15.00 15.54
N HIS A 81 -3.75 -13.84 15.09
CA HIS A 81 -3.49 -13.62 13.67
C HIS A 81 -2.23 -12.80 13.46
N GLY A 82 -2.31 -11.50 13.76
CA GLY A 82 -1.16 -10.64 13.60
C GLY A 82 -1.52 -9.28 13.04
N TYR A 83 -2.41 -8.57 13.73
CA TYR A 83 -2.85 -7.25 13.30
C TYR A 83 -3.36 -6.43 14.47
N THR A 84 -2.96 -5.17 14.53
CA THR A 84 -3.37 -4.28 15.60
C THR A 84 -4.66 -3.54 15.23
N THR A 85 -4.56 -2.68 14.22
CA THR A 85 -5.71 -1.92 13.76
C THR A 85 -5.75 -1.89 12.23
N LEU A 86 -6.93 -2.18 11.69
CA LEU A 86 -7.11 -2.19 10.24
C LEU A 86 -8.56 -2.47 9.87
N ALA A 87 -9.48 -1.94 10.67
CA ALA A 87 -10.91 -2.12 10.44
C ALA A 87 -11.68 -0.82 10.56
N THR A 88 -11.29 0.01 11.53
CA THR A 88 -11.95 1.29 11.74
C THR A 88 -11.58 2.28 10.64
N SER A 89 -10.41 2.10 10.06
CA SER A 89 -9.94 2.98 8.99
C SER A 89 -8.86 2.30 8.15
N VAL A 90 -9.23 1.93 6.92
CA VAL A 90 -8.29 1.28 6.01
C VAL A 90 -8.08 2.14 4.76
N THR A 91 -6.83 2.54 4.54
CA THR A 91 -6.50 3.37 3.38
C THR A 91 -6.09 2.49 2.19
N LEU A 92 -6.86 2.55 1.12
CA LEU A 92 -6.57 1.77 -0.08
C LEU A 92 -5.90 2.62 -1.14
N LEU A 93 -5.03 1.99 -1.92
CA LEU A 93 -4.31 2.67 -2.99
C LEU A 93 -4.34 1.83 -4.27
N LYS A 94 -4.16 2.48 -5.41
CA LYS A 94 -4.17 1.78 -6.69
C LYS A 94 -2.89 0.96 -6.87
N ALA A 95 -3.05 -0.35 -7.06
CA ALA A 95 -1.91 -1.24 -7.24
C ALA A 95 -0.95 -0.72 -8.30
N SER A 96 -1.50 -0.24 -9.41
CA SER A 96 -0.70 0.28 -10.50
C SER A 96 0.16 1.46 -10.03
N GLU A 97 -0.41 2.30 -9.17
CA GLU A 97 0.31 3.45 -8.65
C GLU A 97 1.46 3.03 -7.75
N VAL A 98 1.16 2.14 -6.81
CA VAL A 98 2.18 1.64 -5.89
C VAL A 98 3.25 0.90 -6.65
N GLU A 99 2.84 -0.04 -7.48
CA GLU A 99 3.76 -0.82 -8.29
C GLU A 99 4.69 0.08 -9.10
N GLU A 100 4.13 1.17 -9.62
CA GLU A 100 4.91 2.11 -10.42
C GLU A 100 6.01 2.74 -9.58
N ILE A 101 5.64 3.22 -8.40
CA ILE A 101 6.61 3.83 -7.49
C ILE A 101 7.63 2.78 -7.08
N LEU A 102 7.15 1.56 -6.85
CA LEU A 102 8.02 0.45 -6.47
C LEU A 102 8.98 0.13 -7.62
N ASP A 103 8.48 0.29 -8.85
CA ASP A 103 9.29 0.03 -10.03
C ASP A 103 10.24 1.20 -10.28
N GLY A 104 9.95 2.32 -9.61
CA GLY A 104 10.77 3.52 -9.75
C GLY A 104 10.15 4.54 -10.66
N ASN A 105 8.94 4.25 -11.14
CA ASN A 105 8.21 5.17 -11.99
C ASN A 105 7.12 5.85 -11.18
N ASP A 106 7.26 7.13 -10.92
CA ASP A 106 6.26 7.84 -10.13
C ASP A 106 6.37 9.36 -10.25
N GLU A 107 7.12 9.83 -11.23
CA GLU A 107 7.32 11.26 -11.43
C GLU A 107 5.97 11.97 -11.59
N LYS A 108 5.03 11.32 -12.27
CA LYS A 108 3.71 11.89 -12.48
C LYS A 108 2.93 11.96 -11.16
N TYR A 109 3.24 11.05 -10.25
CA TYR A 109 2.58 11.00 -8.96
C TYR A 109 3.16 12.03 -8.00
N LYS A 110 4.49 12.10 -7.94
CA LYS A 110 5.16 13.03 -7.04
C LYS A 110 4.88 14.49 -7.43
N ALA A 111 4.37 14.69 -8.64
CA ALA A 111 4.09 16.04 -9.12
C ALA A 111 2.60 16.27 -9.37
N VAL A 112 1.76 15.50 -8.70
CA VAL A 112 0.31 15.63 -8.84
C VAL A 112 -0.09 15.80 -10.31
N SER A 113 0.69 15.22 -11.21
CA SER A 113 0.42 15.32 -12.64
C SER A 113 -0.59 14.27 -13.09
N ILE A 114 -1.11 14.44 -14.30
CA ILE A 114 -2.09 13.50 -14.84
C ILE A 114 -1.44 12.61 -15.89
N SER A 115 -0.46 13.16 -16.62
CA SER A 115 0.23 12.41 -17.65
C SER A 115 -0.74 11.93 -18.72
N GLY A 2 29.24 -13.81 -7.18
CA GLY A 2 30.48 -13.36 -6.52
C GLY A 2 30.24 -12.77 -5.14
N SER A 3 30.64 -11.52 -4.95
CA SER A 3 30.45 -10.84 -3.68
C SER A 3 30.76 -9.35 -3.81
N MET A 4 30.43 -8.77 -4.96
CA MET A 4 30.67 -7.36 -5.20
C MET A 4 29.57 -6.50 -4.59
N MET A 5 29.66 -5.20 -4.80
CA MET A 5 28.66 -4.27 -4.27
C MET A 5 27.35 -4.37 -5.05
N MET A 6 26.34 -3.65 -4.59
CA MET A 6 25.03 -3.65 -5.23
C MET A 6 24.37 -2.27 -5.15
N ALA A 7 23.41 -2.03 -6.03
CA ALA A 7 22.71 -0.77 -6.07
C ALA A 7 21.66 -0.69 -4.96
N LEU A 8 21.01 0.47 -4.84
CA LEU A 8 20.01 0.68 -3.81
C LEU A 8 18.62 0.76 -4.44
N SER A 9 17.61 1.02 -3.60
CA SER A 9 16.23 1.11 -4.07
C SER A 9 15.38 1.91 -3.08
N LYS A 10 14.45 2.69 -3.61
CA LYS A 10 13.56 3.49 -2.77
C LYS A 10 12.66 2.61 -1.92
N THR A 11 12.54 1.34 -2.29
CA THR A 11 11.70 0.40 -1.56
C THR A 11 12.52 -0.35 -0.51
N PHE A 12 11.91 -0.57 0.66
CA PHE A 12 12.61 -1.28 1.74
C PHE A 12 11.68 -2.28 2.42
N GLY A 13 12.12 -3.53 2.51
CA GLY A 13 11.32 -4.54 3.18
C GLY A 13 10.44 -5.33 2.23
N GLN A 14 9.55 -6.13 2.79
CA GLN A 14 8.63 -6.94 2.01
C GLN A 14 7.65 -6.03 1.28
N LYS A 15 7.06 -6.52 0.19
CA LYS A 15 6.12 -5.72 -0.57
C LYS A 15 4.83 -5.49 0.23
N PRO A 16 4.21 -4.32 0.09
CA PRO A 16 2.98 -4.00 0.83
C PRO A 16 1.86 -4.98 0.50
N VAL A 17 0.90 -5.09 1.41
CA VAL A 17 -0.21 -6.00 1.22
C VAL A 17 -1.19 -5.48 0.16
N LYS A 18 -1.33 -6.27 -0.90
CA LYS A 18 -2.23 -5.94 -2.00
C LYS A 18 -3.39 -6.92 -2.03
N PHE A 19 -4.48 -6.53 -2.67
CA PHE A 19 -5.66 -7.39 -2.75
C PHE A 19 -6.55 -7.00 -3.91
N GLN A 20 -7.52 -7.84 -4.22
CA GLN A 20 -8.46 -7.59 -5.31
C GLN A 20 -9.79 -7.11 -4.76
N LEU A 21 -10.29 -5.99 -5.29
CA LEU A 21 -11.55 -5.43 -4.84
C LEU A 21 -12.64 -5.58 -5.91
N GLU A 22 -12.22 -5.84 -7.16
CA GLU A 22 -13.17 -5.99 -8.25
C GLU A 22 -12.85 -7.24 -9.07
N ASP A 23 -13.90 -7.91 -9.54
CA ASP A 23 -13.76 -9.12 -10.35
C ASP A 23 -13.08 -8.83 -11.69
N ASP A 24 -12.95 -7.55 -12.04
CA ASP A 24 -12.34 -7.17 -13.31
C ASP A 24 -10.81 -7.18 -13.24
N GLY A 25 -10.27 -7.57 -12.08
CA GLY A 25 -8.82 -7.63 -11.94
C GLY A 25 -8.23 -6.38 -11.32
N GLU A 26 -9.03 -5.67 -10.53
CA GLU A 26 -8.55 -4.46 -9.86
C GLU A 26 -7.84 -4.80 -8.56
N PHE A 27 -6.55 -4.49 -8.50
CA PHE A 27 -5.75 -4.76 -7.31
C PHE A 27 -5.36 -3.48 -6.60
N TYR A 28 -5.56 -3.46 -5.29
CA TYR A 28 -5.21 -2.30 -4.48
C TYR A 28 -4.25 -2.69 -3.37
N MET A 29 -3.65 -1.68 -2.75
CA MET A 29 -2.71 -1.90 -1.67
C MET A 29 -3.05 -1.01 -0.48
N ILE A 30 -2.72 -1.46 0.72
CA ILE A 30 -3.00 -0.67 1.92
C ILE A 30 -1.96 0.43 2.10
N GLY A 31 -2.44 1.68 2.14
CA GLY A 31 -1.55 2.81 2.29
C GLY A 31 -0.64 2.71 3.49
N SER A 32 -1.13 2.09 4.56
CA SER A 32 -0.32 1.93 5.76
C SER A 32 0.93 1.12 5.44
N GLU A 33 0.76 0.10 4.60
CA GLU A 33 1.88 -0.75 4.21
C GLU A 33 2.83 0.02 3.31
N VAL A 34 2.25 0.76 2.37
CA VAL A 34 3.05 1.57 1.45
C VAL A 34 3.83 2.63 2.20
N GLY A 35 3.19 3.24 3.20
CA GLY A 35 3.84 4.26 3.99
C GLY A 35 5.05 3.73 4.74
N ASN A 36 4.87 2.63 5.46
CA ASN A 36 5.97 2.04 6.21
C ASN A 36 7.04 1.51 5.24
N TYR A 37 6.58 1.03 4.09
CA TYR A 37 7.48 0.50 3.07
C TYR A 37 8.47 1.56 2.62
N LEU A 38 7.98 2.77 2.41
CA LEU A 38 8.83 3.87 2.00
C LEU A 38 9.29 4.70 3.20
N ARG A 39 8.78 4.34 4.38
CA ARG A 39 9.14 5.03 5.62
C ARG A 39 8.59 6.45 5.64
N MET A 40 7.43 6.64 5.02
CA MET A 40 6.78 7.94 4.99
C MET A 40 5.64 7.99 6.01
N PHE A 41 5.68 8.98 6.90
CA PHE A 41 4.66 9.11 7.93
C PHE A 41 4.04 10.50 7.91
N ARG A 42 3.02 10.72 8.74
CA ARG A 42 2.34 12.00 8.82
C ARG A 42 1.83 12.43 7.45
N GLY A 43 1.24 11.50 6.72
CA GLY A 43 0.72 11.81 5.40
C GLY A 43 1.81 12.24 4.44
N SER A 44 3.06 11.92 4.78
CA SER A 44 4.19 12.28 3.93
C SER A 44 4.06 11.65 2.55
N LEU A 45 3.49 10.46 2.50
CA LEU A 45 3.31 9.74 1.24
C LEU A 45 2.34 10.49 0.34
N TYR A 46 1.17 10.83 0.87
CA TYR A 46 0.15 11.55 0.12
C TYR A 46 0.64 12.96 -0.24
N LYS A 47 1.33 13.59 0.69
CA LYS A 47 1.86 14.93 0.47
C LYS A 47 2.88 14.94 -0.66
N ARG A 48 3.74 13.92 -0.66
CA ARG A 48 4.77 13.80 -1.70
C ARG A 48 4.21 13.17 -2.96
N TYR A 49 3.04 12.55 -2.85
CA TYR A 49 2.39 11.90 -3.99
C TYR A 49 0.92 12.27 -4.07
N PRO A 50 0.61 13.56 -4.34
CA PRO A 50 -0.78 14.04 -4.44
C PRO A 50 -1.55 13.36 -5.57
N SER A 51 -0.84 12.99 -6.63
CA SER A 51 -1.48 12.34 -7.77
C SER A 51 -1.72 10.85 -7.52
N LEU A 52 -1.40 10.39 -6.31
CA LEU A 52 -1.59 8.99 -5.95
C LEU A 52 -3.04 8.69 -5.59
N TRP A 53 -3.58 7.62 -6.16
CA TRP A 53 -4.95 7.21 -5.89
C TRP A 53 -5.09 6.67 -4.47
N ARG A 54 -5.88 7.37 -3.65
CA ARG A 54 -6.09 6.94 -2.27
C ARG A 54 -7.55 7.12 -1.86
N ARG A 55 -8.08 6.14 -1.13
CA ARG A 55 -9.47 6.21 -0.67
C ARG A 55 -9.67 5.37 0.60
N LEU A 56 -10.61 5.79 1.44
CA LEU A 56 -10.90 5.07 2.67
C LEU A 56 -11.78 3.85 2.39
N ALA A 57 -11.47 2.73 3.02
CA ALA A 57 -12.24 1.51 2.83
C ALA A 57 -13.43 1.43 3.78
N THR A 58 -14.57 1.02 3.26
CA THR A 58 -15.78 0.89 4.05
C THR A 58 -15.68 -0.29 4.99
N VAL A 59 -16.58 -0.36 5.97
CA VAL A 59 -16.58 -1.46 6.93
C VAL A 59 -16.61 -2.81 6.19
N GLU A 60 -17.41 -2.87 5.14
CA GLU A 60 -17.52 -4.08 4.34
C GLU A 60 -16.20 -4.34 3.62
N GLU A 61 -15.62 -3.29 3.07
CA GLU A 61 -14.35 -3.40 2.36
C GLU A 61 -13.27 -3.92 3.31
N ARG A 62 -13.22 -3.37 4.51
CA ARG A 62 -12.24 -3.79 5.51
C ARG A 62 -12.42 -5.25 5.83
N LYS A 63 -13.67 -5.70 5.94
CA LYS A 63 -13.96 -7.09 6.23
C LYS A 63 -13.34 -7.98 5.18
N LYS A 64 -13.55 -7.63 3.91
CA LYS A 64 -12.98 -8.38 2.80
C LYS A 64 -11.46 -8.21 2.78
N ILE A 65 -11.01 -7.01 3.15
CA ILE A 65 -9.58 -6.71 3.19
C ILE A 65 -8.84 -7.64 4.16
N VAL A 66 -9.35 -7.72 5.38
CA VAL A 66 -8.73 -8.57 6.39
C VAL A 66 -8.73 -10.03 5.98
N ALA A 67 -9.84 -10.49 5.40
CA ALA A 67 -9.96 -11.87 4.97
C ALA A 67 -9.14 -12.16 3.73
N SER A 68 -9.19 -11.27 2.74
CA SER A 68 -8.45 -11.45 1.49
C SER A 68 -6.99 -11.07 1.64
N SER A 69 -6.71 -9.88 2.17
CA SER A 69 -5.34 -9.42 2.33
C SER A 69 -4.54 -10.32 3.27
N HIS A 70 -5.05 -10.50 4.49
CA HIS A 70 -4.36 -11.33 5.47
C HIS A 70 -5.22 -11.50 6.73
N GLY A 71 -5.03 -10.61 7.70
CA GLY A 71 -5.81 -10.69 8.92
C GLY A 71 -5.34 -11.80 9.85
N LYS A 72 -4.49 -11.45 10.82
CA LYS A 72 -3.98 -12.42 11.79
C LYS A 72 -2.82 -13.24 11.22
N LYS A 73 -2.74 -13.36 9.90
CA LYS A 73 -1.68 -14.12 9.26
C LYS A 73 -1.75 -15.59 9.65
N THR A 74 -1.23 -15.91 10.84
CA THR A 74 -1.23 -17.28 11.34
C THR A 74 -2.18 -17.41 12.53
N LYS A 75 -2.69 -18.62 12.74
CA LYS A 75 -3.60 -18.89 13.84
C LYS A 75 -2.85 -19.02 15.16
N PRO A 76 -3.06 -18.07 16.10
CA PRO A 76 -2.39 -18.09 17.41
C PRO A 76 -2.67 -19.38 18.17
N ASN A 77 -2.41 -19.36 19.47
CA ASN A 77 -2.62 -20.53 20.32
C ASN A 77 -4.05 -20.56 20.85
N THR A 78 -4.38 -19.59 21.69
CA THR A 78 -5.71 -19.50 22.29
C THR A 78 -6.77 -19.27 21.21
N LYS A 79 -8.02 -19.18 21.63
CA LYS A 79 -9.13 -18.97 20.71
C LYS A 79 -9.75 -17.59 20.92
N ASP A 80 -10.33 -17.04 19.85
CA ASP A 80 -10.96 -15.72 19.92
C ASP A 80 -12.09 -15.60 18.89
N HIS A 81 -11.81 -16.03 17.67
CA HIS A 81 -12.79 -15.97 16.60
C HIS A 81 -13.12 -14.53 16.25
N GLY A 82 -12.11 -13.67 16.31
CA GLY A 82 -12.32 -12.27 15.99
C GLY A 82 -11.02 -11.55 15.66
N TYR A 83 -11.02 -10.80 14.57
CA TYR A 83 -9.84 -10.06 14.13
C TYR A 83 -9.90 -8.61 14.60
N THR A 84 -8.76 -7.93 14.57
CA THR A 84 -8.69 -6.54 14.99
C THR A 84 -7.35 -5.93 14.61
N THR A 85 -6.84 -6.30 13.44
CA THR A 85 -5.57 -5.80 12.96
C THR A 85 -5.73 -4.41 12.33
N LEU A 86 -6.81 -4.24 11.57
CA LEU A 86 -7.09 -2.97 10.92
C LEU A 86 -8.52 -2.94 10.38
N ALA A 87 -9.47 -3.38 11.19
CA ALA A 87 -10.87 -3.41 10.78
C ALA A 87 -11.61 -2.15 11.23
N THR A 88 -10.87 -1.09 11.50
CA THR A 88 -11.46 0.18 11.93
C THR A 88 -11.30 1.25 10.86
N SER A 89 -10.14 1.26 10.21
CA SER A 89 -9.86 2.22 9.16
C SER A 89 -8.74 1.71 8.25
N VAL A 90 -9.09 1.39 7.01
CA VAL A 90 -8.11 0.89 6.05
C VAL A 90 -7.98 1.83 4.85
N THR A 91 -6.74 2.20 4.55
CA THR A 91 -6.48 3.08 3.41
C THR A 91 -6.23 2.27 2.15
N LEU A 92 -6.93 2.60 1.08
CA LEU A 92 -6.78 1.87 -0.17
C LEU A 92 -5.97 2.66 -1.19
N LEU A 93 -5.18 1.93 -1.98
CA LEU A 93 -4.34 2.53 -3.01
C LEU A 93 -4.34 1.67 -4.27
N LYS A 94 -4.17 2.28 -5.43
CA LYS A 94 -4.15 1.54 -6.69
C LYS A 94 -2.81 0.85 -6.89
N ALA A 95 -2.85 -0.48 -7.04
CA ALA A 95 -1.64 -1.27 -7.24
C ALA A 95 -0.78 -0.69 -8.36
N SER A 96 -1.43 -0.10 -9.35
CA SER A 96 -0.73 0.50 -10.48
C SER A 96 0.14 1.67 -10.02
N GLU A 97 -0.40 2.49 -9.15
CA GLU A 97 0.34 3.65 -8.64
C GLU A 97 1.50 3.21 -7.78
N VAL A 98 1.22 2.32 -6.83
CA VAL A 98 2.25 1.82 -5.93
C VAL A 98 3.31 1.07 -6.70
N GLU A 99 2.87 0.12 -7.53
CA GLU A 99 3.79 -0.67 -8.35
C GLU A 99 4.68 0.23 -9.18
N GLU A 100 4.12 1.31 -9.71
CA GLU A 100 4.88 2.24 -10.52
C GLU A 100 6.00 2.88 -9.71
N ILE A 101 5.66 3.37 -8.52
CA ILE A 101 6.65 3.99 -7.65
C ILE A 101 7.68 2.95 -7.24
N LEU A 102 7.21 1.73 -6.99
CA LEU A 102 8.10 0.63 -6.61
C LEU A 102 9.02 0.29 -7.78
N ASP A 103 8.50 0.43 -9.00
CA ASP A 103 9.28 0.16 -10.20
C ASP A 103 10.21 1.33 -10.48
N GLY A 104 9.94 2.46 -9.83
CA GLY A 104 10.75 3.64 -10.00
C GLY A 104 10.11 4.66 -10.92
N ASN A 105 8.89 4.36 -11.36
CA ASN A 105 8.14 5.28 -12.20
C ASN A 105 7.06 5.94 -11.36
N ASP A 106 7.20 7.23 -11.12
CA ASP A 106 6.21 7.94 -10.31
C ASP A 106 6.33 9.46 -10.42
N GLU A 107 7.06 9.93 -11.42
CA GLU A 107 7.24 11.36 -11.63
C GLU A 107 5.90 12.07 -11.74
N LYS A 108 4.94 11.42 -12.39
CA LYS A 108 3.61 11.99 -12.56
C LYS A 108 2.88 12.06 -11.23
N TYR A 109 3.22 11.14 -10.33
CA TYR A 109 2.60 11.10 -9.02
C TYR A 109 3.21 12.14 -8.08
N LYS A 110 4.52 12.32 -8.18
CA LYS A 110 5.21 13.29 -7.33
C LYS A 110 4.97 14.73 -7.82
N ALA A 111 4.31 14.87 -8.96
CA ALA A 111 4.02 16.18 -9.52
C ALA A 111 2.52 16.47 -9.58
N VAL A 112 1.72 15.66 -8.91
CA VAL A 112 0.27 15.83 -8.89
C VAL A 112 -0.28 16.15 -10.27
N SER A 113 0.36 15.59 -11.30
CA SER A 113 -0.06 15.83 -12.68
C SER A 113 -0.08 14.53 -13.48
N ILE A 114 -0.80 14.53 -14.59
CA ILE A 114 -0.90 13.36 -15.45
C ILE A 114 -0.73 13.73 -16.91
N SER A 115 0.07 14.77 -17.16
CA SER A 115 0.32 15.23 -18.53
C SER A 115 1.54 14.53 -19.12
N GLY A 2 24.53 5.49 -20.54
CA GLY A 2 24.63 6.89 -20.09
C GLY A 2 24.69 7.03 -18.58
N SER A 3 23.56 7.37 -17.97
CA SER A 3 23.50 7.53 -16.52
C SER A 3 23.00 6.25 -15.86
N MET A 4 23.64 5.87 -14.76
CA MET A 4 23.26 4.66 -14.03
C MET A 4 22.76 5.01 -12.63
N MET A 5 23.45 5.94 -11.98
CA MET A 5 23.06 6.35 -10.63
C MET A 5 21.86 7.29 -10.67
N MET A 6 21.26 7.53 -9.50
CA MET A 6 20.10 8.41 -9.41
C MET A 6 18.95 7.88 -10.27
N ALA A 7 17.78 8.48 -10.11
CA ALA A 7 16.60 8.07 -10.86
C ALA A 7 16.27 6.60 -10.61
N LEU A 8 16.41 6.18 -9.35
CA LEU A 8 16.13 4.81 -8.97
C LEU A 8 14.83 4.71 -8.19
N SER A 9 14.49 3.50 -7.76
CA SER A 9 13.26 3.28 -6.99
C SER A 9 13.56 3.20 -5.50
N LYS A 10 12.62 3.66 -4.69
CA LYS A 10 12.77 3.63 -3.24
C LYS A 10 11.84 2.60 -2.61
N THR A 11 12.43 1.51 -2.14
CA THR A 11 11.65 0.44 -1.52
C THR A 11 12.49 -0.31 -0.49
N PHE A 12 11.91 -0.58 0.68
CA PHE A 12 12.62 -1.29 1.74
C PHE A 12 11.73 -2.31 2.43
N GLY A 13 12.19 -3.56 2.50
CA GLY A 13 11.42 -4.58 3.17
C GLY A 13 10.55 -5.39 2.22
N GLN A 14 9.68 -6.21 2.80
CA GLN A 14 8.76 -7.02 2.03
C GLN A 14 7.74 -6.12 1.34
N LYS A 15 7.15 -6.59 0.25
CA LYS A 15 6.18 -5.79 -0.49
C LYS A 15 4.90 -5.61 0.34
N PRO A 16 4.32 -4.40 0.30
CA PRO A 16 3.11 -4.09 1.07
C PRO A 16 1.94 -4.99 0.69
N VAL A 17 0.93 -5.04 1.55
CA VAL A 17 -0.22 -5.89 1.33
C VAL A 17 -1.12 -5.37 0.22
N LYS A 18 -1.28 -6.19 -0.82
CA LYS A 18 -2.12 -5.86 -1.96
C LYS A 18 -3.28 -6.86 -2.03
N PHE A 19 -4.39 -6.45 -2.62
CA PHE A 19 -5.55 -7.33 -2.72
C PHE A 19 -6.46 -6.93 -3.87
N GLN A 20 -7.42 -7.79 -4.18
CA GLN A 20 -8.38 -7.54 -5.25
C GLN A 20 -9.72 -7.11 -4.67
N LEU A 21 -10.26 -6.01 -5.19
CA LEU A 21 -11.53 -5.48 -4.69
C LEU A 21 -12.65 -5.66 -5.73
N GLU A 22 -12.28 -5.88 -6.99
CA GLU A 22 -13.26 -6.07 -8.05
C GLU A 22 -12.92 -7.26 -8.92
N ASP A 23 -13.96 -7.95 -9.39
CA ASP A 23 -13.80 -9.13 -10.24
C ASP A 23 -13.14 -8.78 -11.58
N ASP A 24 -13.02 -7.49 -11.88
CA ASP A 24 -12.42 -7.05 -13.14
C ASP A 24 -10.89 -7.07 -13.07
N GLY A 25 -10.34 -7.49 -11.93
CA GLY A 25 -8.90 -7.54 -11.79
C GLY A 25 -8.30 -6.30 -11.16
N GLU A 26 -9.11 -5.56 -10.41
CA GLU A 26 -8.63 -4.36 -9.75
C GLU A 26 -7.88 -4.70 -8.46
N PHE A 27 -6.60 -4.38 -8.44
CA PHE A 27 -5.76 -4.65 -7.28
C PHE A 27 -5.38 -3.36 -6.56
N TYR A 28 -5.50 -3.38 -5.24
CA TYR A 28 -5.18 -2.23 -4.42
C TYR A 28 -4.23 -2.63 -3.30
N MET A 29 -3.65 -1.63 -2.66
CA MET A 29 -2.72 -1.86 -1.55
C MET A 29 -3.04 -0.93 -0.40
N ILE A 30 -2.82 -1.42 0.83
CA ILE A 30 -3.09 -0.60 2.00
C ILE A 30 -2.05 0.49 2.16
N GLY A 31 -2.49 1.74 2.18
CA GLY A 31 -1.59 2.87 2.28
C GLY A 31 -0.68 2.78 3.48
N SER A 32 -1.16 2.21 4.56
CA SER A 32 -0.34 2.06 5.77
C SER A 32 0.86 1.17 5.48
N GLU A 33 0.62 0.13 4.68
CA GLU A 33 1.68 -0.80 4.31
C GLU A 33 2.66 -0.15 3.35
N VAL A 34 2.12 0.57 2.38
CA VAL A 34 2.93 1.27 1.40
C VAL A 34 3.76 2.34 2.08
N GLY A 35 3.13 3.03 3.02
CA GLY A 35 3.82 4.08 3.76
C GLY A 35 5.02 3.56 4.51
N ASN A 36 4.82 2.49 5.29
CA ASN A 36 5.91 1.89 6.03
C ASN A 36 6.99 1.38 5.08
N TYR A 37 6.57 0.91 3.91
CA TYR A 37 7.48 0.39 2.91
C TYR A 37 8.45 1.49 2.45
N LEU A 38 7.91 2.68 2.24
CA LEU A 38 8.73 3.81 1.82
C LEU A 38 9.22 4.61 3.03
N ARG A 39 8.78 4.21 4.22
CA ARG A 39 9.17 4.88 5.46
C ARG A 39 8.57 6.28 5.53
N MET A 40 7.41 6.45 4.93
CA MET A 40 6.72 7.74 4.96
C MET A 40 5.59 7.71 5.99
N PHE A 41 5.62 8.69 6.90
CA PHE A 41 4.60 8.77 7.94
C PHE A 41 3.94 10.13 7.96
N ARG A 42 2.89 10.27 8.78
CA ARG A 42 2.17 11.53 8.89
C ARG A 42 1.62 11.97 7.53
N GLY A 43 1.06 11.02 6.79
CA GLY A 43 0.51 11.33 5.48
C GLY A 43 1.58 11.80 4.51
N SER A 44 2.84 11.47 4.81
CA SER A 44 3.96 11.86 3.96
C SER A 44 3.81 11.27 2.56
N LEU A 45 3.25 10.07 2.49
CA LEU A 45 3.06 9.39 1.20
C LEU A 45 2.08 10.17 0.32
N TYR A 46 0.94 10.53 0.90
CA TYR A 46 -0.09 11.26 0.17
C TYR A 46 0.35 12.71 -0.06
N LYS A 47 1.15 13.23 0.86
CA LYS A 47 1.65 14.59 0.76
C LYS A 47 2.68 14.69 -0.36
N ARG A 48 3.55 13.70 -0.45
CA ARG A 48 4.58 13.66 -1.48
C ARG A 48 4.01 13.15 -2.80
N TYR A 49 2.89 12.45 -2.73
CA TYR A 49 2.23 11.91 -3.91
C TYR A 49 0.76 12.31 -3.95
N PRO A 50 0.45 13.61 -4.04
CA PRO A 50 -0.93 14.10 -4.08
C PRO A 50 -1.70 13.61 -5.31
N SER A 51 -0.97 13.27 -6.37
CA SER A 51 -1.60 12.80 -7.59
C SER A 51 -1.84 11.29 -7.56
N LEU A 52 -1.61 10.67 -6.41
CA LEU A 52 -1.80 9.24 -6.27
C LEU A 52 -3.22 8.91 -5.85
N TRP A 53 -3.78 7.84 -6.42
CA TRP A 53 -5.14 7.43 -6.10
C TRP A 53 -5.22 6.87 -4.69
N ARG A 54 -6.02 7.50 -3.85
CA ARG A 54 -6.19 7.04 -2.47
C ARG A 54 -7.65 7.14 -2.05
N ARG A 55 -8.14 6.13 -1.33
CA ARG A 55 -9.52 6.13 -0.88
C ARG A 55 -9.69 5.26 0.37
N LEU A 56 -10.74 5.53 1.13
CA LEU A 56 -11.02 4.78 2.35
C LEU A 56 -12.04 3.67 2.09
N ALA A 57 -11.73 2.47 2.52
CA ALA A 57 -12.63 1.33 2.32
C ALA A 57 -13.73 1.29 3.39
N THR A 58 -14.89 0.78 3.01
CA THR A 58 -16.02 0.66 3.92
C THR A 58 -15.75 -0.43 4.95
N VAL A 59 -16.58 -0.47 6.00
CA VAL A 59 -16.42 -1.49 7.03
C VAL A 59 -16.40 -2.88 6.40
N GLU A 60 -17.22 -3.04 5.37
CA GLU A 60 -17.29 -4.31 4.65
C GLU A 60 -16.00 -4.54 3.87
N GLU A 61 -15.52 -3.48 3.23
CA GLU A 61 -14.29 -3.56 2.45
C GLU A 61 -13.11 -3.94 3.36
N ARG A 62 -13.02 -3.28 4.52
CA ARG A 62 -11.95 -3.55 5.47
C ARG A 62 -12.01 -5.00 5.93
N LYS A 63 -13.22 -5.48 6.20
CA LYS A 63 -13.40 -6.86 6.64
C LYS A 63 -12.82 -7.81 5.60
N LYS A 64 -13.13 -7.53 4.33
CA LYS A 64 -12.63 -8.34 3.23
C LYS A 64 -11.11 -8.15 3.10
N ILE A 65 -10.66 -6.93 3.37
CA ILE A 65 -9.24 -6.61 3.28
C ILE A 65 -8.41 -7.49 4.22
N VAL A 66 -8.90 -7.67 5.44
CA VAL A 66 -8.20 -8.49 6.44
C VAL A 66 -8.26 -9.97 6.09
N ALA A 67 -9.45 -10.47 5.79
CA ALA A 67 -9.63 -11.87 5.46
C ALA A 67 -9.08 -12.23 4.07
N SER A 68 -9.36 -11.39 3.08
CA SER A 68 -8.91 -11.63 1.72
C SER A 68 -7.44 -11.30 1.54
N SER A 69 -7.03 -10.10 1.94
CA SER A 69 -5.65 -9.68 1.80
C SER A 69 -4.76 -10.26 2.90
N HIS A 70 -5.12 -10.02 4.16
CA HIS A 70 -4.35 -10.53 5.28
C HIS A 70 -4.83 -11.92 5.69
N GLY A 71 -4.16 -12.50 6.68
CA GLY A 71 -4.53 -13.82 7.15
C GLY A 71 -3.33 -14.60 7.67
N LYS A 72 -2.68 -15.33 6.78
CA LYS A 72 -1.52 -16.14 7.15
C LYS A 72 -0.24 -15.56 6.53
N LYS A 73 -0.39 -14.92 5.37
CA LYS A 73 0.75 -14.32 4.68
C LYS A 73 1.78 -15.39 4.31
N THR A 74 2.86 -14.95 3.68
CA THR A 74 3.92 -15.87 3.27
C THR A 74 5.20 -15.63 4.08
N LYS A 75 5.35 -16.38 5.17
CA LYS A 75 6.52 -16.24 6.02
C LYS A 75 6.85 -17.58 6.69
N PRO A 76 8.15 -17.91 6.81
CA PRO A 76 8.59 -19.15 7.44
C PRO A 76 8.47 -19.12 8.95
N ASN A 77 8.56 -17.92 9.52
CA ASN A 77 8.46 -17.75 10.97
C ASN A 77 7.58 -16.56 11.32
N THR A 78 6.74 -16.72 12.33
CA THR A 78 5.84 -15.66 12.76
C THR A 78 6.15 -15.22 14.19
N LYS A 79 5.92 -13.95 14.47
CA LYS A 79 6.18 -13.40 15.81
C LYS A 79 4.88 -13.14 16.54
N ASP A 80 3.84 -12.76 15.81
CA ASP A 80 2.54 -12.47 16.39
C ASP A 80 1.51 -13.52 15.97
N HIS A 81 0.46 -13.68 16.77
CA HIS A 81 -0.58 -14.64 16.48
C HIS A 81 -1.59 -14.07 15.47
N GLY A 82 -1.99 -12.82 15.70
CA GLY A 82 -2.94 -12.18 14.81
C GLY A 82 -2.78 -10.67 14.78
N TYR A 83 -3.79 -9.98 14.28
CA TYR A 83 -3.75 -8.51 14.18
C TYR A 83 -4.34 -7.88 15.44
N THR A 84 -4.23 -6.56 15.53
CA THR A 84 -4.75 -5.83 16.69
C THR A 84 -5.84 -4.85 16.27
N THR A 85 -5.62 -4.20 15.13
CA THR A 85 -6.59 -3.23 14.62
C THR A 85 -6.34 -2.94 13.14
N LEU A 86 -7.41 -2.72 12.39
CA LEU A 86 -7.31 -2.44 10.97
C LEU A 86 -8.69 -2.18 10.36
N ALA A 87 -9.69 -2.91 10.84
CA ALA A 87 -11.05 -2.77 10.35
C ALA A 87 -11.63 -1.39 10.69
N THR A 88 -10.96 -0.65 11.58
CA THR A 88 -11.43 0.67 11.97
C THR A 88 -11.21 1.68 10.85
N SER A 89 -10.07 1.56 10.17
CA SER A 89 -9.74 2.46 9.07
C SER A 89 -8.70 1.85 8.15
N VAL A 90 -9.04 1.72 6.87
CA VAL A 90 -8.14 1.14 5.89
C VAL A 90 -8.01 2.02 4.65
N THR A 91 -6.79 2.46 4.39
CA THR A 91 -6.52 3.30 3.22
C THR A 91 -6.14 2.45 2.02
N LEU A 92 -6.73 2.74 0.87
CA LEU A 92 -6.46 1.98 -0.33
C LEU A 92 -5.75 2.80 -1.39
N LEU A 93 -4.88 2.13 -2.15
CA LEU A 93 -4.12 2.78 -3.22
C LEU A 93 -4.17 1.93 -4.49
N LYS A 94 -3.99 2.57 -5.64
CA LYS A 94 -4.01 1.87 -6.92
C LYS A 94 -2.76 1.02 -7.10
N ALA A 95 -2.96 -0.29 -7.28
CA ALA A 95 -1.86 -1.23 -7.45
C ALA A 95 -0.86 -0.74 -8.49
N SER A 96 -1.37 -0.43 -9.68
CA SER A 96 -0.53 0.04 -10.77
C SER A 96 0.26 1.28 -10.36
N GLU A 97 -0.34 2.12 -9.52
CA GLU A 97 0.33 3.33 -9.06
C GLU A 97 1.49 2.99 -8.14
N VAL A 98 1.24 2.14 -7.17
CA VAL A 98 2.28 1.72 -6.24
C VAL A 98 3.37 0.96 -6.98
N GLU A 99 2.96 0.13 -7.92
CA GLU A 99 3.88 -0.67 -8.71
C GLU A 99 4.87 0.24 -9.45
N GLU A 100 4.35 1.30 -10.05
CA GLU A 100 5.19 2.24 -10.78
C GLU A 100 6.18 2.91 -9.85
N ILE A 101 5.68 3.41 -8.72
CA ILE A 101 6.55 4.06 -7.74
C ILE A 101 7.59 3.07 -7.25
N LEU A 102 7.15 1.83 -7.07
CA LEU A 102 8.05 0.77 -6.62
C LEU A 102 9.08 0.46 -7.71
N ASP A 103 8.65 0.56 -8.96
CA ASP A 103 9.52 0.31 -10.10
C ASP A 103 10.43 1.51 -10.35
N GLY A 104 10.10 2.63 -9.69
CA GLY A 104 10.87 3.85 -9.82
C GLY A 104 10.23 4.84 -10.76
N ASN A 105 9.03 4.51 -11.25
CA ASN A 105 8.29 5.41 -12.11
C ASN A 105 7.16 6.04 -11.31
N ASP A 106 7.25 7.34 -11.05
CA ASP A 106 6.21 8.01 -10.27
C ASP A 106 6.37 9.52 -10.28
N GLU A 107 7.10 10.04 -11.26
CA GLU A 107 7.30 11.49 -11.36
C GLU A 107 5.95 12.18 -11.48
N LYS A 108 5.01 11.51 -12.14
CA LYS A 108 3.66 12.04 -12.32
C LYS A 108 2.87 11.97 -11.01
N TYR A 109 3.22 11.00 -10.17
CA TYR A 109 2.54 10.85 -8.89
C TYR A 109 3.11 11.81 -7.85
N LYS A 110 4.40 12.08 -7.98
CA LYS A 110 5.08 12.99 -7.06
C LYS A 110 5.00 14.44 -7.54
N ALA A 111 4.48 14.63 -8.76
CA ALA A 111 4.35 15.96 -9.33
C ALA A 111 2.95 16.54 -9.16
N VAL A 112 2.23 16.02 -8.17
CA VAL A 112 0.86 16.49 -7.90
C VAL A 112 0.05 16.60 -9.19
N SER A 113 0.37 15.77 -10.16
CA SER A 113 -0.33 15.78 -11.44
C SER A 113 -1.32 14.61 -11.52
N ILE A 114 -2.60 14.94 -11.48
CA ILE A 114 -3.65 13.92 -11.55
C ILE A 114 -4.44 14.04 -12.85
N SER A 115 -3.72 14.17 -13.96
CA SER A 115 -4.34 14.30 -15.27
C SER A 115 -3.65 13.38 -16.29
N GLY A 2 33.72 7.64 1.28
CA GLY A 2 32.92 8.85 1.62
C GLY A 2 33.01 9.22 3.09
N SER A 3 33.18 10.52 3.35
CA SER A 3 33.28 11.01 4.72
C SER A 3 31.99 10.74 5.49
N MET A 4 30.85 11.00 4.85
CA MET A 4 29.56 10.79 5.49
C MET A 4 28.89 9.52 4.94
N MET A 5 29.01 9.32 3.63
CA MET A 5 28.42 8.16 2.98
C MET A 5 26.90 8.14 3.17
N MET A 6 26.17 8.38 2.10
CA MET A 6 24.71 8.39 2.14
C MET A 6 24.13 7.35 1.19
N ALA A 7 23.57 6.29 1.77
CA ALA A 7 22.97 5.22 0.98
C ALA A 7 21.45 5.26 1.07
N LEU A 8 20.80 5.47 -0.08
CA LEU A 8 19.34 5.53 -0.13
C LEU A 8 18.79 4.51 -1.11
N SER A 9 17.46 4.47 -1.23
CA SER A 9 16.80 3.54 -2.13
C SER A 9 15.36 3.99 -2.42
N LYS A 10 14.58 3.10 -3.01
CA LYS A 10 13.19 3.41 -3.34
C LYS A 10 12.23 2.51 -2.57
N THR A 11 12.61 1.25 -2.41
CA THR A 11 11.78 0.28 -1.70
C THR A 11 12.60 -0.47 -0.66
N PHE A 12 12.03 -0.68 0.53
CA PHE A 12 12.72 -1.39 1.59
C PHE A 12 11.81 -2.37 2.32
N GLY A 13 12.22 -3.63 2.40
CA GLY A 13 11.41 -4.61 3.11
C GLY A 13 10.50 -5.40 2.17
N GLN A 14 9.60 -6.17 2.78
CA GLN A 14 8.64 -6.97 2.02
C GLN A 14 7.66 -6.05 1.31
N LYS A 15 7.03 -6.54 0.24
CA LYS A 15 6.09 -5.74 -0.52
C LYS A 15 4.83 -5.49 0.31
N PRO A 16 4.21 -4.30 0.16
CA PRO A 16 3.01 -3.95 0.92
C PRO A 16 1.86 -4.91 0.65
N VAL A 17 0.89 -4.95 1.57
CA VAL A 17 -0.25 -5.83 1.44
C VAL A 17 -1.22 -5.34 0.37
N LYS A 18 -1.39 -6.15 -0.67
CA LYS A 18 -2.28 -5.84 -1.77
C LYS A 18 -3.50 -6.75 -1.72
N PHE A 19 -4.59 -6.34 -2.35
CA PHE A 19 -5.81 -7.15 -2.35
C PHE A 19 -6.69 -6.81 -3.54
N GLN A 20 -7.68 -7.67 -3.81
CA GLN A 20 -8.59 -7.46 -4.92
C GLN A 20 -9.93 -6.94 -4.41
N LEU A 21 -10.39 -5.83 -5.00
CA LEU A 21 -11.66 -5.23 -4.59
C LEU A 21 -12.73 -5.47 -5.66
N GLU A 22 -12.30 -5.62 -6.91
CA GLU A 22 -13.23 -5.84 -8.01
C GLU A 22 -12.93 -7.16 -8.72
N ASP A 23 -13.99 -7.83 -9.16
CA ASP A 23 -13.87 -9.11 -9.86
C ASP A 23 -13.18 -8.95 -11.21
N ASP A 24 -13.03 -7.71 -11.67
CA ASP A 24 -12.39 -7.45 -12.95
C ASP A 24 -10.87 -7.49 -12.87
N GLY A 25 -10.34 -7.74 -11.67
CA GLY A 25 -8.90 -7.82 -11.51
C GLY A 25 -8.29 -6.56 -10.92
N GLU A 26 -9.09 -5.80 -10.18
CA GLU A 26 -8.61 -4.57 -9.57
C GLU A 26 -7.89 -4.86 -8.26
N PHE A 27 -6.60 -4.55 -8.22
CA PHE A 27 -5.80 -4.79 -7.02
C PHE A 27 -5.37 -3.49 -6.37
N TYR A 28 -5.55 -3.40 -5.05
CA TYR A 28 -5.19 -2.23 -4.29
C TYR A 28 -4.22 -2.59 -3.18
N MET A 29 -3.60 -1.58 -2.60
CA MET A 29 -2.64 -1.78 -1.52
C MET A 29 -2.94 -0.84 -0.35
N ILE A 30 -2.66 -1.28 0.86
CA ILE A 30 -2.91 -0.44 2.04
C ILE A 30 -1.81 0.60 2.20
N GLY A 31 -2.21 1.87 2.21
CA GLY A 31 -1.25 2.96 2.34
C GLY A 31 -0.37 2.83 3.56
N SER A 32 -0.86 2.15 4.58
CA SER A 32 -0.09 1.96 5.79
C SER A 32 1.17 1.15 5.49
N GLU A 33 1.00 0.12 4.67
CA GLU A 33 2.12 -0.73 4.28
C GLU A 33 3.03 0.02 3.33
N VAL A 34 2.42 0.75 2.40
CA VAL A 34 3.18 1.54 1.44
C VAL A 34 4.01 2.59 2.16
N GLY A 35 3.41 3.21 3.17
CA GLY A 35 4.12 4.24 3.92
C GLY A 35 5.32 3.68 4.65
N ASN A 36 5.13 2.60 5.40
CA ASN A 36 6.24 1.99 6.13
C ASN A 36 7.27 1.45 5.15
N TYR A 37 6.79 0.98 4.00
CA TYR A 37 7.66 0.44 2.96
C TYR A 37 8.64 1.49 2.46
N LEU A 38 8.12 2.70 2.25
CA LEU A 38 8.94 3.80 1.79
C LEU A 38 9.49 4.62 2.96
N ARG A 39 9.07 4.26 4.18
CA ARG A 39 9.51 4.94 5.38
C ARG A 39 8.95 6.37 5.46
N MET A 40 7.75 6.54 4.90
CA MET A 40 7.10 7.85 4.91
C MET A 40 5.99 7.85 5.96
N PHE A 41 6.04 8.83 6.86
CA PHE A 41 5.04 8.94 7.91
C PHE A 41 4.41 10.33 7.93
N ARG A 42 3.41 10.50 8.79
CA ARG A 42 2.72 11.79 8.91
C ARG A 42 2.11 12.20 7.57
N GLY A 43 1.49 11.24 6.90
CA GLY A 43 0.88 11.52 5.60
C GLY A 43 1.89 12.04 4.59
N SER A 44 3.16 11.78 4.83
CA SER A 44 4.21 12.23 3.93
C SER A 44 4.05 11.61 2.54
N LEU A 45 3.54 10.38 2.50
CA LEU A 45 3.33 9.68 1.24
C LEU A 45 2.27 10.39 0.40
N TYR A 46 1.11 10.64 1.02
CA TYR A 46 0.01 11.31 0.33
C TYR A 46 0.40 12.74 -0.03
N LYS A 47 1.15 13.39 0.85
CA LYS A 47 1.58 14.77 0.61
C LYS A 47 2.61 14.81 -0.51
N ARG A 48 3.50 13.83 -0.53
CA ARG A 48 4.54 13.75 -1.56
C ARG A 48 4.00 13.12 -2.84
N TYR A 49 2.82 12.51 -2.74
CA TYR A 49 2.20 11.86 -3.90
C TYR A 49 0.72 12.21 -4.00
N PRO A 50 0.39 13.49 -4.19
CA PRO A 50 -1.01 13.96 -4.28
C PRO A 50 -1.74 13.34 -5.48
N SER A 51 -1.03 13.06 -6.55
CA SER A 51 -1.63 12.47 -7.74
C SER A 51 -1.89 10.98 -7.56
N LEU A 52 -1.44 10.44 -6.43
CA LEU A 52 -1.61 9.03 -6.13
C LEU A 52 -3.05 8.71 -5.74
N TRP A 53 -3.59 7.65 -6.31
CA TRP A 53 -4.96 7.24 -6.01
C TRP A 53 -5.07 6.70 -4.59
N ARG A 54 -5.82 7.40 -3.74
CA ARG A 54 -5.99 6.98 -2.36
C ARG A 54 -7.43 7.18 -1.90
N ARG A 55 -7.97 6.20 -1.17
CA ARG A 55 -9.35 6.29 -0.68
C ARG A 55 -9.53 5.44 0.58
N LEU A 56 -10.64 5.66 1.28
CA LEU A 56 -10.93 4.90 2.49
C LEU A 56 -11.85 3.72 2.17
N ALA A 57 -11.62 2.60 2.84
CA ALA A 57 -12.42 1.40 2.61
C ALA A 57 -13.60 1.33 3.58
N THR A 58 -14.74 0.87 3.08
CA THR A 58 -15.93 0.74 3.90
C THR A 58 -15.77 -0.42 4.88
N VAL A 59 -16.65 -0.51 5.87
CA VAL A 59 -16.57 -1.58 6.85
C VAL A 59 -16.53 -2.94 6.16
N GLU A 60 -17.31 -3.07 5.10
CA GLU A 60 -17.36 -4.31 4.32
C GLU A 60 -16.05 -4.50 3.57
N GLU A 61 -15.54 -3.43 2.99
CA GLU A 61 -14.28 -3.48 2.25
C GLU A 61 -13.12 -3.85 3.17
N ARG A 62 -13.12 -3.28 4.38
CA ARG A 62 -12.07 -3.56 5.34
C ARG A 62 -12.08 -5.03 5.74
N LYS A 63 -13.27 -5.56 6.05
CA LYS A 63 -13.39 -6.95 6.43
C LYS A 63 -12.83 -7.85 5.32
N LYS A 64 -13.18 -7.51 4.08
CA LYS A 64 -12.69 -8.27 2.94
C LYS A 64 -11.18 -8.05 2.76
N ILE A 65 -10.74 -6.83 3.08
CA ILE A 65 -9.34 -6.46 2.97
C ILE A 65 -8.46 -7.36 3.84
N VAL A 66 -8.91 -7.60 5.06
CA VAL A 66 -8.16 -8.43 6.00
C VAL A 66 -8.13 -9.89 5.55
N ALA A 67 -9.28 -10.43 5.19
CA ALA A 67 -9.38 -11.81 4.76
C ALA A 67 -8.77 -12.01 3.36
N SER A 68 -8.96 -11.03 2.49
CA SER A 68 -8.43 -11.10 1.14
C SER A 68 -6.95 -10.78 1.09
N SER A 69 -6.56 -9.65 1.69
CA SER A 69 -5.16 -9.24 1.71
C SER A 69 -4.38 -10.00 2.76
N HIS A 70 -4.84 -9.93 4.01
CA HIS A 70 -4.16 -10.60 5.11
C HIS A 70 -4.75 -11.99 5.35
N GLY A 71 -4.18 -12.69 6.32
CA GLY A 71 -4.64 -14.03 6.64
C GLY A 71 -3.55 -15.07 6.53
N LYS A 72 -2.84 -15.07 5.41
CA LYS A 72 -1.77 -16.02 5.18
C LYS A 72 -0.46 -15.53 5.81
N LYS A 73 -0.34 -14.21 5.94
CA LYS A 73 0.86 -13.62 6.54
C LYS A 73 0.51 -12.79 7.76
N THR A 74 1.36 -12.86 8.78
CA THR A 74 1.14 -12.11 10.02
C THR A 74 2.45 -11.58 10.57
N LYS A 75 2.61 -10.26 10.58
CA LYS A 75 3.81 -9.63 11.08
C LYS A 75 3.58 -8.14 11.36
N PRO A 76 3.25 -7.78 12.61
CA PRO A 76 3.00 -6.39 12.99
C PRO A 76 4.27 -5.55 12.96
N ASN A 77 4.25 -4.49 12.16
CA ASN A 77 5.41 -3.60 12.04
C ASN A 77 5.03 -2.29 11.35
N THR A 78 3.81 -1.82 11.63
CA THR A 78 3.33 -0.58 11.04
C THR A 78 3.30 0.54 12.06
N LYS A 79 2.28 0.53 12.91
CA LYS A 79 2.13 1.56 13.95
C LYS A 79 1.69 0.93 15.26
N ASP A 80 0.69 0.06 15.19
CA ASP A 80 0.17 -0.62 16.38
C ASP A 80 -0.33 -2.01 16.04
N HIS A 81 -0.53 -2.83 17.06
CA HIS A 81 -1.00 -4.20 16.87
C HIS A 81 -2.43 -4.21 16.32
N GLY A 82 -2.64 -4.99 15.26
CA GLY A 82 -3.95 -5.07 14.66
C GLY A 82 -3.97 -5.95 13.42
N TYR A 83 -4.90 -6.90 13.39
CA TYR A 83 -5.02 -7.81 12.25
C TYR A 83 -6.28 -8.66 12.38
N THR A 84 -6.58 -9.11 13.59
CA THR A 84 -7.76 -9.93 13.84
C THR A 84 -9.03 -9.22 13.36
N THR A 85 -9.04 -7.89 13.50
CA THR A 85 -10.18 -7.09 13.10
C THR A 85 -9.80 -6.16 11.95
N LEU A 86 -9.09 -5.09 12.28
CA LEU A 86 -8.65 -4.10 11.29
C LEU A 86 -9.80 -3.71 10.37
N ALA A 87 -10.93 -3.33 10.96
CA ALA A 87 -12.10 -2.93 10.19
C ALA A 87 -12.65 -1.60 10.66
N THR A 88 -11.74 -0.69 11.03
CA THR A 88 -12.14 0.64 11.50
C THR A 88 -11.72 1.71 10.51
N SER A 89 -10.54 1.56 9.94
CA SER A 89 -10.02 2.52 8.97
C SER A 89 -8.93 1.91 8.11
N VAL A 90 -9.22 1.73 6.82
CA VAL A 90 -8.24 1.16 5.90
C VAL A 90 -8.09 2.02 4.65
N THR A 91 -6.88 2.50 4.41
CA THR A 91 -6.60 3.35 3.26
C THR A 91 -6.16 2.49 2.07
N LEU A 92 -6.94 2.52 0.99
CA LEU A 92 -6.63 1.75 -0.20
C LEU A 92 -5.90 2.59 -1.24
N LEU A 93 -5.06 1.92 -2.01
CA LEU A 93 -4.29 2.58 -3.07
C LEU A 93 -4.26 1.70 -4.32
N LYS A 94 -4.19 2.32 -5.50
CA LYS A 94 -4.17 1.56 -6.74
C LYS A 94 -2.83 0.84 -6.92
N ALA A 95 -2.89 -0.49 -7.04
CA ALA A 95 -1.70 -1.30 -7.21
C ALA A 95 -0.83 -0.76 -8.35
N SER A 96 -1.47 -0.20 -9.36
CA SER A 96 -0.77 0.36 -10.50
C SER A 96 0.11 1.53 -10.09
N GLU A 97 -0.41 2.39 -9.23
CA GLU A 97 0.35 3.54 -8.76
C GLU A 97 1.51 3.11 -7.89
N VAL A 98 1.23 2.24 -6.92
CA VAL A 98 2.25 1.74 -6.02
C VAL A 98 3.32 0.97 -6.80
N GLU A 99 2.85 0.10 -7.68
CA GLU A 99 3.76 -0.71 -8.50
C GLU A 99 4.73 0.17 -9.27
N GLU A 100 4.21 1.25 -9.86
CA GLU A 100 5.04 2.16 -10.62
C GLU A 100 6.11 2.80 -9.75
N ILE A 101 5.70 3.29 -8.58
CA ILE A 101 6.64 3.92 -7.65
C ILE A 101 7.68 2.90 -7.22
N LEU A 102 7.23 1.67 -7.01
CA LEU A 102 8.12 0.59 -6.62
C LEU A 102 9.10 0.29 -7.75
N ASP A 103 8.62 0.40 -8.99
CA ASP A 103 9.45 0.18 -10.17
C ASP A 103 10.35 1.39 -10.42
N GLY A 104 10.03 2.49 -9.74
CA GLY A 104 10.80 3.72 -9.90
C GLY A 104 10.13 4.72 -10.82
N ASN A 105 8.92 4.39 -11.27
CA ASN A 105 8.16 5.29 -12.12
C ASN A 105 7.05 5.92 -11.30
N ASP A 106 7.14 7.21 -11.04
CA ASP A 106 6.12 7.89 -10.24
C ASP A 106 6.22 9.41 -10.33
N GLU A 107 6.93 9.90 -11.33
CA GLU A 107 7.10 11.34 -11.51
C GLU A 107 5.75 12.04 -11.61
N LYS A 108 4.80 11.38 -12.28
CA LYS A 108 3.46 11.93 -12.45
C LYS A 108 2.71 11.94 -11.13
N TYR A 109 3.08 11.02 -10.24
CA TYR A 109 2.44 10.92 -8.94
C TYR A 109 2.99 11.93 -7.95
N LYS A 110 4.27 12.28 -8.12
CA LYS A 110 4.92 13.24 -7.23
C LYS A 110 4.67 14.68 -7.70
N ALA A 111 4.08 14.83 -8.88
CA ALA A 111 3.81 16.16 -9.42
C ALA A 111 2.32 16.43 -9.57
N VAL A 112 1.50 15.75 -8.78
CA VAL A 112 0.05 15.93 -8.83
C VAL A 112 -0.47 15.93 -10.27
N SER A 113 0.16 15.12 -11.12
CA SER A 113 -0.24 15.04 -12.52
C SER A 113 -1.01 13.75 -12.79
N ILE A 114 -2.34 13.87 -12.84
CA ILE A 114 -3.19 12.71 -13.09
C ILE A 114 -3.96 12.88 -14.40
N SER A 115 -3.28 13.41 -15.41
CA SER A 115 -3.89 13.63 -16.72
C SER A 115 -3.02 13.05 -17.83
N GLY A 2 26.50 8.61 -15.43
CA GLY A 2 27.19 7.39 -14.90
C GLY A 2 27.65 7.57 -13.47
N SER A 3 26.75 8.02 -12.60
CA SER A 3 27.08 8.23 -11.20
C SER A 3 26.62 7.04 -10.35
N MET A 4 27.54 6.51 -9.54
CA MET A 4 27.22 5.38 -8.68
C MET A 4 26.88 5.84 -7.27
N MET A 5 26.22 4.98 -6.52
CA MET A 5 25.82 5.31 -5.14
C MET A 5 25.76 4.05 -4.28
N MET A 6 25.48 4.23 -3.00
CA MET A 6 25.39 3.11 -2.06
C MET A 6 23.95 2.60 -1.97
N ALA A 7 23.00 3.52 -2.10
CA ALA A 7 21.59 3.16 -2.03
C ALA A 7 21.01 2.89 -3.41
N LEU A 8 20.06 1.96 -3.49
CA LEU A 8 19.43 1.61 -4.75
C LEU A 8 17.93 1.42 -4.58
N SER A 9 17.15 1.88 -5.55
CA SER A 9 15.70 1.75 -5.50
C SER A 9 15.13 2.48 -4.30
N LYS A 10 13.83 2.73 -4.32
CA LYS A 10 13.16 3.43 -3.23
C LYS A 10 12.29 2.46 -2.41
N THR A 11 12.39 1.18 -2.72
CA THR A 11 11.60 0.17 -2.01
C THR A 11 12.48 -0.61 -1.04
N PHE A 12 11.97 -0.86 0.16
CA PHE A 12 12.72 -1.60 1.17
C PHE A 12 11.84 -2.61 1.90
N GLY A 13 12.26 -3.86 1.94
CA GLY A 13 11.48 -4.87 2.64
C GLY A 13 10.54 -5.63 1.73
N GLN A 14 9.66 -6.41 2.34
CA GLN A 14 8.68 -7.20 1.60
C GLN A 14 7.67 -6.26 0.94
N LYS A 15 7.01 -6.73 -0.11
CA LYS A 15 6.05 -5.90 -0.83
C LYS A 15 4.83 -5.63 0.06
N PRO A 16 4.25 -4.42 -0.03
CA PRO A 16 3.09 -4.04 0.78
C PRO A 16 1.91 -4.97 0.54
N VAL A 17 1.01 -5.04 1.51
CA VAL A 17 -0.15 -5.91 1.40
C VAL A 17 -1.16 -5.38 0.39
N LYS A 18 -1.35 -6.15 -0.68
CA LYS A 18 -2.29 -5.81 -1.73
C LYS A 18 -3.48 -6.75 -1.67
N PHE A 19 -4.57 -6.38 -2.31
CA PHE A 19 -5.77 -7.20 -2.33
C PHE A 19 -6.66 -6.81 -3.49
N GLN A 20 -7.54 -7.71 -3.90
CA GLN A 20 -8.44 -7.41 -5.00
C GLN A 20 -9.82 -7.06 -4.48
N LEU A 21 -10.33 -5.92 -4.91
CA LEU A 21 -11.66 -5.47 -4.48
C LEU A 21 -12.71 -5.96 -5.47
N GLU A 22 -12.26 -6.27 -6.68
CA GLU A 22 -13.14 -6.77 -7.72
C GLU A 22 -12.55 -8.02 -8.37
N ASP A 23 -13.41 -8.95 -8.71
CA ASP A 23 -12.99 -10.20 -9.33
C ASP A 23 -12.44 -9.96 -10.75
N ASP A 24 -12.64 -8.76 -11.26
CA ASP A 24 -12.21 -8.43 -12.63
C ASP A 24 -10.72 -8.09 -12.71
N GLY A 25 -10.00 -8.19 -11.60
CA GLY A 25 -8.57 -7.90 -11.63
C GLY A 25 -8.18 -6.55 -11.06
N GLU A 26 -8.98 -6.02 -10.13
CA GLU A 26 -8.65 -4.73 -9.52
C GLU A 26 -7.95 -4.96 -8.19
N PHE A 27 -6.69 -4.54 -8.10
CA PHE A 27 -5.91 -4.72 -6.89
C PHE A 27 -5.49 -3.39 -6.27
N TYR A 28 -5.61 -3.32 -4.96
CA TYR A 28 -5.23 -2.14 -4.21
C TYR A 28 -4.24 -2.52 -3.11
N MET A 29 -3.61 -1.52 -2.53
CA MET A 29 -2.64 -1.76 -1.46
C MET A 29 -2.92 -0.84 -0.29
N ILE A 30 -2.63 -1.31 0.92
CA ILE A 30 -2.86 -0.49 2.11
C ILE A 30 -1.75 0.55 2.28
N GLY A 31 -2.16 1.82 2.33
CA GLY A 31 -1.20 2.91 2.46
C GLY A 31 -0.28 2.75 3.65
N SER A 32 -0.75 2.08 4.68
CA SER A 32 0.07 1.86 5.87
C SER A 32 1.31 1.05 5.50
N GLU A 33 1.11 0.03 4.66
CA GLU A 33 2.20 -0.81 4.22
C GLU A 33 3.09 -0.05 3.25
N VAL A 34 2.46 0.72 2.37
CA VAL A 34 3.20 1.51 1.39
C VAL A 34 4.06 2.53 2.11
N GLY A 35 3.53 3.13 3.17
CA GLY A 35 4.27 4.11 3.92
C GLY A 35 5.48 3.51 4.61
N ASN A 36 5.30 2.42 5.32
CA ASN A 36 6.41 1.77 6.00
C ASN A 36 7.41 1.22 4.98
N TYR A 37 6.89 0.78 3.84
CA TYR A 37 7.72 0.24 2.77
C TYR A 37 8.69 1.29 2.24
N LEU A 38 8.18 2.50 2.06
CA LEU A 38 8.99 3.61 1.56
C LEU A 38 9.58 4.42 2.71
N ARG A 39 9.20 4.06 3.94
CA ARG A 39 9.68 4.76 5.13
C ARG A 39 9.12 6.18 5.22
N MET A 40 7.91 6.37 4.69
CA MET A 40 7.26 7.66 4.74
C MET A 40 6.18 7.66 5.82
N PHE A 41 6.24 8.63 6.72
CA PHE A 41 5.27 8.74 7.80
C PHE A 41 4.64 10.12 7.84
N ARG A 42 3.66 10.29 8.73
CA ARG A 42 2.97 11.57 8.87
C ARG A 42 2.30 11.98 7.57
N GLY A 43 1.65 11.00 6.92
CA GLY A 43 0.97 11.27 5.67
C GLY A 43 1.91 11.82 4.61
N SER A 44 3.21 11.58 4.78
CA SER A 44 4.21 12.05 3.84
C SER A 44 3.97 11.47 2.45
N LEU A 45 3.46 10.24 2.41
CA LEU A 45 3.19 9.58 1.14
C LEU A 45 2.09 10.30 0.37
N TYR A 46 0.96 10.54 1.03
CA TYR A 46 -0.16 11.23 0.40
C TYR A 46 0.16 12.70 0.16
N LYS A 47 0.92 13.29 1.09
CA LYS A 47 1.29 14.70 0.97
C LYS A 47 2.34 14.88 -0.13
N ARG A 48 3.17 13.86 -0.32
CA ARG A 48 4.21 13.90 -1.34
C ARG A 48 3.72 13.31 -2.66
N TYR A 49 2.59 12.61 -2.62
CA TYR A 49 2.02 12.00 -3.82
C TYR A 49 0.52 12.31 -3.94
N PRO A 50 0.16 13.60 -4.13
CA PRO A 50 -1.24 14.01 -4.25
C PRO A 50 -1.96 13.36 -5.43
N SER A 51 -1.21 13.09 -6.50
CA SER A 51 -1.79 12.48 -7.69
C SER A 51 -2.07 11.00 -7.49
N LEU A 52 -1.51 10.44 -6.42
CA LEU A 52 -1.71 9.03 -6.11
C LEU A 52 -3.16 8.74 -5.73
N TRP A 53 -3.72 7.67 -6.30
CA TRP A 53 -5.08 7.29 -6.00
C TRP A 53 -5.20 6.77 -4.57
N ARG A 54 -6.03 7.42 -3.76
CA ARG A 54 -6.22 7.02 -2.39
C ARG A 54 -7.70 7.11 -1.99
N ARG A 55 -8.17 6.12 -1.25
CA ARG A 55 -9.57 6.09 -0.82
C ARG A 55 -9.72 5.37 0.52
N LEU A 56 -10.90 5.54 1.13
CA LEU A 56 -11.20 4.90 2.40
C LEU A 56 -11.95 3.60 2.17
N ALA A 57 -11.78 2.65 3.09
CA ALA A 57 -12.45 1.37 2.98
C ALA A 57 -13.70 1.28 3.85
N THR A 58 -14.82 0.91 3.22
CA THR A 58 -16.09 0.77 3.93
C THR A 58 -16.05 -0.45 4.84
N VAL A 59 -17.06 -0.61 5.68
CA VAL A 59 -17.12 -1.76 6.58
C VAL A 59 -17.04 -3.06 5.79
N GLU A 60 -17.69 -3.09 4.63
CA GLU A 60 -17.68 -4.26 3.78
C GLU A 60 -16.29 -4.44 3.16
N GLU A 61 -15.70 -3.34 2.72
CA GLU A 61 -14.38 -3.37 2.12
C GLU A 61 -13.31 -3.80 3.14
N ARG A 62 -13.43 -3.30 4.37
CA ARG A 62 -12.47 -3.64 5.41
C ARG A 62 -12.57 -5.11 5.78
N LYS A 63 -13.79 -5.64 5.84
CA LYS A 63 -13.96 -7.05 6.17
C LYS A 63 -13.33 -7.89 5.07
N LYS A 64 -13.53 -7.48 3.83
CA LYS A 64 -12.96 -8.16 2.69
C LYS A 64 -11.44 -7.99 2.67
N ILE A 65 -11.00 -6.82 3.12
CA ILE A 65 -9.58 -6.50 3.17
C ILE A 65 -8.82 -7.49 4.06
N VAL A 66 -9.31 -7.67 5.28
CA VAL A 66 -8.67 -8.58 6.21
C VAL A 66 -8.65 -10.02 5.69
N ALA A 67 -9.78 -10.46 5.16
CA ALA A 67 -9.89 -11.82 4.63
C ALA A 67 -9.14 -11.99 3.32
N SER A 68 -9.27 -11.02 2.42
CA SER A 68 -8.63 -11.08 1.11
C SER A 68 -7.15 -10.70 1.19
N SER A 69 -6.86 -9.55 1.80
CA SER A 69 -5.48 -9.08 1.89
C SER A 69 -4.63 -10.01 2.76
N HIS A 70 -5.06 -10.23 3.99
CA HIS A 70 -4.33 -11.10 4.92
C HIS A 70 -4.94 -11.05 6.32
N GLY A 71 -4.82 -12.16 7.04
CA GLY A 71 -5.36 -12.22 8.39
C GLY A 71 -4.71 -13.29 9.22
N LYS A 72 -3.88 -12.87 10.17
CA LYS A 72 -3.18 -13.81 11.05
C LYS A 72 -2.27 -14.73 10.25
N LYS A 73 -0.97 -14.53 10.38
CA LYS A 73 0.01 -15.34 9.67
C LYS A 73 1.06 -15.91 10.63
N THR A 74 1.54 -15.07 11.53
CA THR A 74 2.53 -15.48 12.51
C THR A 74 2.36 -14.72 13.82
N LYS A 75 2.22 -15.46 14.92
CA LYS A 75 2.04 -14.85 16.24
C LYS A 75 2.13 -15.91 17.34
N PRO A 76 2.91 -15.64 18.40
CA PRO A 76 3.07 -16.58 19.52
C PRO A 76 1.73 -17.00 20.11
N ASN A 77 0.75 -16.12 20.03
CA ASN A 77 -0.58 -16.40 20.57
C ASN A 77 -1.37 -17.26 19.59
N THR A 78 -2.22 -18.12 20.13
CA THR A 78 -3.05 -19.01 19.31
C THR A 78 -4.25 -18.27 18.76
N LYS A 79 -5.10 -18.98 18.02
CA LYS A 79 -6.30 -18.40 17.43
C LYS A 79 -7.35 -18.11 18.50
N ASP A 80 -8.20 -17.14 18.24
CA ASP A 80 -9.25 -16.77 19.18
C ASP A 80 -10.44 -16.17 18.46
N HIS A 81 -10.22 -15.07 17.75
CA HIS A 81 -11.28 -14.41 17.00
C HIS A 81 -10.86 -14.16 15.55
N GLY A 82 -9.65 -13.64 15.38
CA GLY A 82 -9.16 -13.36 14.04
C GLY A 82 -8.28 -12.13 13.99
N TYR A 83 -8.90 -10.96 13.84
CA TYR A 83 -8.15 -9.71 13.77
C TYR A 83 -8.82 -8.64 14.64
N THR A 84 -8.04 -7.65 15.07
CA THR A 84 -8.56 -6.58 15.90
C THR A 84 -8.24 -5.21 15.29
N THR A 85 -7.02 -5.06 14.80
CA THR A 85 -6.58 -3.81 14.19
C THR A 85 -6.92 -3.79 12.70
N LEU A 86 -6.87 -2.60 12.11
CA LEU A 86 -7.16 -2.45 10.68
C LEU A 86 -8.59 -2.91 10.37
N ALA A 87 -9.53 -1.98 10.45
CA ALA A 87 -10.93 -2.30 10.18
C ALA A 87 -11.82 -1.07 10.30
N THR A 88 -11.48 -0.18 11.23
CA THR A 88 -12.25 1.03 11.44
C THR A 88 -12.02 2.02 10.29
N SER A 89 -10.80 2.00 9.75
CA SER A 89 -10.46 2.88 8.64
C SER A 89 -9.24 2.35 7.89
N VAL A 90 -9.49 1.81 6.71
CA VAL A 90 -8.41 1.26 5.88
C VAL A 90 -8.22 2.11 4.63
N THR A 91 -6.98 2.56 4.40
CA THR A 91 -6.66 3.37 3.24
C THR A 91 -6.24 2.50 2.07
N LEU A 92 -7.02 2.52 1.00
CA LEU A 92 -6.73 1.73 -0.19
C LEU A 92 -6.02 2.56 -1.24
N LEU A 93 -5.09 1.93 -1.96
CA LEU A 93 -4.35 2.60 -3.01
C LEU A 93 -4.29 1.73 -4.26
N LYS A 94 -4.23 2.37 -5.43
CA LYS A 94 -4.17 1.62 -6.68
C LYS A 94 -2.85 0.89 -6.83
N ALA A 95 -2.92 -0.43 -6.98
CA ALA A 95 -1.73 -1.25 -7.14
C ALA A 95 -0.85 -0.72 -8.27
N SER A 96 -1.49 -0.14 -9.28
CA SER A 96 -0.78 0.41 -10.41
C SER A 96 0.08 1.61 -10.00
N GLU A 97 -0.46 2.44 -9.12
CA GLU A 97 0.28 3.62 -8.66
C GLU A 97 1.48 3.18 -7.83
N VAL A 98 1.22 2.29 -6.87
CA VAL A 98 2.29 1.78 -6.01
C VAL A 98 3.32 1.04 -6.84
N GLU A 99 2.85 0.27 -7.81
CA GLU A 99 3.73 -0.50 -8.68
C GLU A 99 4.72 0.42 -9.39
N GLU A 100 4.21 1.52 -9.94
CA GLU A 100 5.06 2.47 -10.63
C GLU A 100 6.11 3.05 -9.70
N ILE A 101 5.67 3.50 -8.52
CA ILE A 101 6.59 4.07 -7.56
C ILE A 101 7.61 3.02 -7.14
N LEU A 102 7.13 1.80 -6.99
CA LEU A 102 8.00 0.69 -6.61
C LEU A 102 9.00 0.40 -7.72
N ASP A 103 8.55 0.57 -8.97
CA ASP A 103 9.40 0.35 -10.13
C ASP A 103 10.32 1.55 -10.33
N GLY A 104 10.02 2.64 -9.64
CA GLY A 104 10.82 3.85 -9.73
C GLY A 104 10.18 4.90 -10.63
N ASN A 105 8.99 4.60 -11.12
CA ASN A 105 8.25 5.54 -11.95
C ASN A 105 7.13 6.18 -11.14
N ASP A 106 7.26 7.47 -10.84
CA ASP A 106 6.26 8.15 -10.05
C ASP A 106 6.36 9.67 -10.15
N GLU A 107 7.13 10.16 -11.11
CA GLU A 107 7.31 11.59 -11.30
C GLU A 107 5.97 12.30 -11.42
N LYS A 108 5.06 11.71 -12.18
CA LYS A 108 3.74 12.27 -12.37
C LYS A 108 2.98 12.35 -11.05
N TYR A 109 3.28 11.40 -10.16
CA TYR A 109 2.62 11.35 -8.86
C TYR A 109 3.25 12.36 -7.89
N LYS A 110 4.58 12.41 -7.86
CA LYS A 110 5.29 13.33 -6.96
C LYS A 110 5.06 14.78 -7.37
N ALA A 111 4.53 14.99 -8.57
CA ALA A 111 4.28 16.33 -9.08
C ALA A 111 2.85 16.79 -8.78
N VAL A 112 2.24 16.21 -7.76
CA VAL A 112 0.88 16.56 -7.36
C VAL A 112 -0.14 16.07 -8.39
N SER A 113 0.04 16.50 -9.63
CA SER A 113 -0.85 16.10 -10.71
C SER A 113 -0.06 15.69 -11.95
N ILE A 114 -0.75 15.12 -12.93
CA ILE A 114 -0.11 14.69 -14.17
C ILE A 114 0.33 15.88 -15.01
N SER A 115 -0.41 16.97 -14.91
CA SER A 115 -0.10 18.18 -15.66
C SER A 115 -0.88 19.38 -15.12
N GLY A 2 26.65 -8.24 -20.90
CA GLY A 2 25.93 -8.95 -21.99
C GLY A 2 24.44 -9.01 -21.76
N SER A 3 24.02 -9.72 -20.72
CA SER A 3 22.60 -9.85 -20.39
C SER A 3 22.34 -9.43 -18.95
N MET A 4 21.44 -8.47 -18.77
CA MET A 4 21.09 -7.98 -17.45
C MET A 4 19.58 -7.90 -17.27
N MET A 5 19.10 -8.28 -16.09
CA MET A 5 17.67 -8.24 -15.80
C MET A 5 17.43 -7.85 -14.35
N MET A 6 16.16 -7.82 -13.96
CA MET A 6 15.79 -7.46 -12.59
C MET A 6 16.21 -6.02 -12.28
N ALA A 7 15.22 -5.17 -11.98
CA ALA A 7 15.49 -3.78 -11.66
C ALA A 7 14.23 -3.07 -11.18
N LEU A 8 14.31 -2.43 -10.02
CA LEU A 8 13.18 -1.71 -9.46
C LEU A 8 13.62 -0.44 -8.76
N SER A 9 12.65 0.35 -8.30
CA SER A 9 12.95 1.60 -7.61
C SER A 9 13.59 1.34 -6.25
N LYS A 10 13.65 2.37 -5.43
CA LYS A 10 14.23 2.26 -4.09
C LYS A 10 13.16 1.94 -3.05
N THR A 11 13.16 0.69 -2.59
CA THR A 11 12.18 0.25 -1.58
C THR A 11 12.89 -0.51 -0.47
N PHE A 12 12.19 -0.72 0.64
CA PHE A 12 12.77 -1.43 1.78
C PHE A 12 11.79 -2.39 2.41
N GLY A 13 12.18 -3.65 2.54
CA GLY A 13 11.31 -4.63 3.18
C GLY A 13 10.47 -5.42 2.20
N GLN A 14 9.54 -6.18 2.73
CA GLN A 14 8.63 -6.98 1.92
C GLN A 14 7.65 -6.06 1.19
N LYS A 15 7.09 -6.55 0.08
CA LYS A 15 6.16 -5.76 -0.70
C LYS A 15 4.86 -5.55 0.09
N PRO A 16 4.25 -4.36 -0.04
CA PRO A 16 3.01 -4.05 0.69
C PRO A 16 1.88 -5.01 0.33
N VAL A 17 0.92 -5.13 1.22
CA VAL A 17 -0.21 -6.03 1.02
C VAL A 17 -1.17 -5.52 -0.04
N LYS A 18 -1.32 -6.30 -1.11
CA LYS A 18 -2.22 -5.96 -2.20
C LYS A 18 -3.38 -6.96 -2.24
N PHE A 19 -4.51 -6.53 -2.78
CA PHE A 19 -5.68 -7.40 -2.86
C PHE A 19 -6.59 -7.00 -4.02
N GLN A 20 -7.56 -7.85 -4.32
CA GLN A 20 -8.50 -7.59 -5.41
C GLN A 20 -9.83 -7.11 -4.86
N LEU A 21 -10.30 -5.98 -5.38
CA LEU A 21 -11.58 -5.40 -4.94
C LEU A 21 -12.67 -5.63 -5.98
N GLU A 22 -12.26 -5.68 -7.25
CA GLU A 22 -13.21 -5.89 -8.34
C GLU A 22 -12.88 -7.18 -9.11
N ASP A 23 -13.93 -7.87 -9.56
CA ASP A 23 -13.77 -9.11 -10.30
C ASP A 23 -13.12 -8.88 -11.67
N ASP A 24 -13.03 -7.61 -12.08
CA ASP A 24 -12.44 -7.27 -13.37
C ASP A 24 -10.91 -7.25 -13.31
N GLY A 25 -10.35 -7.51 -12.14
CA GLY A 25 -8.90 -7.54 -12.01
C GLY A 25 -8.35 -6.29 -11.35
N GLU A 26 -9.16 -5.63 -10.53
CA GLU A 26 -8.71 -4.42 -9.84
C GLU A 26 -7.96 -4.77 -8.57
N PHE A 27 -6.68 -4.41 -8.52
CA PHE A 27 -5.85 -4.69 -7.36
C PHE A 27 -5.48 -3.42 -6.63
N TYR A 28 -5.62 -3.43 -5.31
CA TYR A 28 -5.28 -2.28 -4.48
C TYR A 28 -4.27 -2.66 -3.42
N MET A 29 -3.68 -1.65 -2.79
CA MET A 29 -2.68 -1.87 -1.76
C MET A 29 -2.97 -0.99 -0.55
N ILE A 30 -2.70 -1.51 0.65
CA ILE A 30 -2.94 -0.73 1.87
C ILE A 30 -1.87 0.34 2.05
N GLY A 31 -2.31 1.60 2.09
CA GLY A 31 -1.38 2.71 2.24
C GLY A 31 -0.50 2.57 3.47
N SER A 32 -1.00 1.89 4.49
CA SER A 32 -0.21 1.69 5.70
C SER A 32 1.03 0.87 5.39
N GLU A 33 0.87 -0.14 4.56
CA GLU A 33 1.98 -0.99 4.17
C GLU A 33 2.92 -0.23 3.25
N VAL A 34 2.35 0.54 2.33
CA VAL A 34 3.14 1.34 1.41
C VAL A 34 3.94 2.39 2.16
N GLY A 35 3.31 2.99 3.16
CA GLY A 35 3.98 4.01 3.95
C GLY A 35 5.18 3.45 4.71
N ASN A 36 4.97 2.35 5.42
CA ASN A 36 6.07 1.73 6.17
C ASN A 36 7.13 1.22 5.19
N TYR A 37 6.69 0.79 4.02
CA TYR A 37 7.58 0.27 2.99
C TYR A 37 8.57 1.34 2.55
N LEU A 38 8.07 2.56 2.38
CA LEU A 38 8.91 3.68 1.97
C LEU A 38 9.39 4.48 3.19
N ARG A 39 8.92 4.08 4.37
CA ARG A 39 9.31 4.76 5.61
C ARG A 39 8.70 6.16 5.68
N MET A 40 7.54 6.34 5.06
CA MET A 40 6.86 7.62 5.08
C MET A 40 5.72 7.60 6.07
N PHE A 41 5.71 8.56 6.99
CA PHE A 41 4.68 8.64 8.01
C PHE A 41 4.02 10.01 8.02
N ARG A 42 2.98 10.16 8.85
CA ARG A 42 2.26 11.42 8.96
C ARG A 42 1.67 11.83 7.60
N GLY A 43 1.27 10.83 6.82
CA GLY A 43 0.70 11.09 5.51
C GLY A 43 1.73 11.64 4.53
N SER A 44 3.00 11.40 4.83
CA SER A 44 4.09 11.87 3.95
C SER A 44 3.93 11.31 2.55
N LEU A 45 3.41 10.10 2.45
CA LEU A 45 3.21 9.45 1.16
C LEU A 45 2.18 10.21 0.32
N TYR A 46 1.02 10.45 0.91
CA TYR A 46 -0.06 11.16 0.23
C TYR A 46 0.32 12.62 0.00
N LYS A 47 0.97 13.22 0.99
CA LYS A 47 1.38 14.62 0.90
C LYS A 47 2.46 14.80 -0.16
N ARG A 48 3.27 13.76 -0.35
CA ARG A 48 4.35 13.79 -1.34
C ARG A 48 3.88 13.24 -2.68
N TYR A 49 2.76 12.52 -2.67
CA TYR A 49 2.21 11.94 -3.89
C TYR A 49 0.72 12.24 -4.02
N PRO A 50 0.36 13.52 -4.24
CA PRO A 50 -1.04 13.94 -4.38
C PRO A 50 -1.74 13.29 -5.58
N SER A 51 -0.98 13.03 -6.64
CA SER A 51 -1.54 12.41 -7.84
C SER A 51 -1.87 10.94 -7.61
N LEU A 52 -1.42 10.39 -6.48
CA LEU A 52 -1.66 8.99 -6.16
C LEU A 52 -3.11 8.78 -5.71
N TRP A 53 -3.72 7.71 -6.21
CA TRP A 53 -5.10 7.38 -5.86
C TRP A 53 -5.19 6.81 -4.45
N ARG A 54 -5.98 7.45 -3.60
CA ARG A 54 -6.15 7.00 -2.22
C ARG A 54 -7.61 7.10 -1.78
N ARG A 55 -8.07 6.09 -1.06
CA ARG A 55 -9.44 6.06 -0.57
C ARG A 55 -9.57 5.28 0.73
N LEU A 56 -10.70 5.45 1.39
CA LEU A 56 -10.97 4.74 2.64
C LEU A 56 -11.72 3.45 2.38
N ALA A 57 -11.39 2.42 3.14
CA ALA A 57 -12.04 1.12 2.99
C ALA A 57 -13.44 1.10 3.58
N THR A 58 -14.41 0.68 2.76
CA THR A 58 -15.79 0.60 3.19
C THR A 58 -15.99 -0.62 4.08
N VAL A 59 -17.17 -0.74 4.69
CA VAL A 59 -17.45 -1.88 5.56
C VAL A 59 -17.26 -3.19 4.81
N GLU A 60 -17.67 -3.20 3.55
CA GLU A 60 -17.52 -4.38 2.70
C GLU A 60 -16.06 -4.62 2.38
N GLU A 61 -15.38 -3.58 1.90
CA GLU A 61 -13.97 -3.68 1.57
C GLU A 61 -13.18 -4.14 2.79
N ARG A 62 -13.56 -3.63 3.94
CA ARG A 62 -12.92 -3.98 5.21
C ARG A 62 -13.04 -5.46 5.50
N LYS A 63 -14.26 -6.00 5.37
CA LYS A 63 -14.46 -7.42 5.61
C LYS A 63 -13.55 -8.21 4.68
N LYS A 64 -13.43 -7.73 3.46
CA LYS A 64 -12.55 -8.36 2.48
C LYS A 64 -11.10 -8.17 2.90
N ILE A 65 -10.82 -7.01 3.50
CA ILE A 65 -9.47 -6.69 3.96
C ILE A 65 -9.08 -7.55 5.16
N VAL A 66 -10.07 -7.99 5.94
CA VAL A 66 -9.78 -8.81 7.12
C VAL A 66 -9.11 -10.11 6.70
N ALA A 67 -9.73 -10.80 5.74
CA ALA A 67 -9.17 -12.05 5.22
C ALA A 67 -7.95 -11.77 4.36
N SER A 68 -8.08 -10.75 3.52
CA SER A 68 -7.01 -10.33 2.61
C SER A 68 -5.89 -9.61 3.35
N SER A 69 -6.15 -9.21 4.60
CA SER A 69 -5.17 -8.47 5.40
C SER A 69 -3.83 -9.18 5.47
N HIS A 70 -3.77 -10.45 5.05
CA HIS A 70 -2.53 -11.21 5.08
C HIS A 70 -2.15 -11.59 6.50
N GLY A 71 -1.07 -12.35 6.65
CA GLY A 71 -0.62 -12.77 7.96
C GLY A 71 -0.86 -14.25 8.20
N LYS A 72 -1.85 -14.81 7.51
CA LYS A 72 -2.17 -16.23 7.66
C LYS A 72 -1.17 -17.09 6.88
N LYS A 73 -0.69 -16.57 5.77
CA LYS A 73 0.27 -17.29 4.93
C LYS A 73 1.53 -17.63 5.71
N THR A 74 2.12 -18.78 5.40
CA THR A 74 3.34 -19.22 6.08
C THR A 74 4.55 -18.45 5.56
N LYS A 75 5.33 -17.91 6.48
CA LYS A 75 6.53 -17.15 6.12
C LYS A 75 7.76 -17.67 6.86
N PRO A 76 8.78 -18.13 6.12
CA PRO A 76 10.02 -18.67 6.73
C PRO A 76 10.63 -17.69 7.73
N ASN A 77 10.39 -16.41 7.53
CA ASN A 77 10.92 -15.37 8.41
C ASN A 77 9.82 -14.84 9.34
N THR A 78 10.24 -14.35 10.51
CA THR A 78 9.29 -13.81 11.48
C THR A 78 9.23 -12.29 11.39
N LYS A 79 8.06 -11.73 11.71
CA LYS A 79 7.86 -10.30 11.66
C LYS A 79 6.47 -9.92 12.18
N ASP A 80 5.48 -10.74 11.86
CA ASP A 80 4.11 -10.50 12.29
C ASP A 80 3.53 -11.72 12.98
N HIS A 81 2.95 -11.51 14.16
CA HIS A 81 2.35 -12.61 14.92
C HIS A 81 0.91 -12.84 14.48
N GLY A 82 0.14 -11.76 14.39
CA GLY A 82 -1.25 -11.88 13.99
C GLY A 82 -2.06 -10.65 14.36
N TYR A 83 -2.81 -10.14 13.40
CA TYR A 83 -3.64 -8.95 13.62
C TYR A 83 -4.84 -9.29 14.51
N THR A 84 -5.22 -8.34 15.36
CA THR A 84 -6.35 -8.54 16.26
C THR A 84 -7.54 -7.68 15.83
N THR A 85 -7.25 -6.45 15.41
CA THR A 85 -8.28 -5.52 14.98
C THR A 85 -7.67 -4.35 14.22
N LEU A 86 -8.37 -3.89 13.18
CA LEU A 86 -7.90 -2.78 12.37
C LEU A 86 -9.01 -2.23 11.49
N ALA A 87 -10.25 -2.29 11.98
CA ALA A 87 -11.38 -1.79 11.22
C ALA A 87 -11.79 -0.39 11.65
N THR A 88 -10.80 0.48 11.82
CA THR A 88 -11.06 1.86 12.22
C THR A 88 -10.72 2.81 11.07
N SER A 89 -9.64 2.52 10.38
CA SER A 89 -9.20 3.34 9.25
C SER A 89 -8.27 2.55 8.34
N VAL A 90 -8.78 2.15 7.18
CA VAL A 90 -7.98 1.40 6.21
C VAL A 90 -7.82 2.20 4.91
N THR A 91 -6.58 2.50 4.56
CA THR A 91 -6.30 3.26 3.35
C THR A 91 -6.05 2.34 2.16
N LEU A 92 -6.68 2.66 1.04
CA LEU A 92 -6.53 1.85 -0.17
C LEU A 92 -5.85 2.67 -1.27
N LEU A 93 -5.03 2.00 -2.08
CA LEU A 93 -4.32 2.65 -3.17
C LEU A 93 -4.39 1.82 -4.45
N LYS A 94 -4.18 2.47 -5.58
CA LYS A 94 -4.21 1.79 -6.87
C LYS A 94 -2.94 0.99 -7.09
N ALA A 95 -3.10 -0.32 -7.32
CA ALA A 95 -1.96 -1.20 -7.54
C ALA A 95 -1.04 -0.65 -8.63
N SER A 96 -1.65 -0.04 -9.64
CA SER A 96 -0.90 0.54 -10.75
C SER A 96 -0.01 1.69 -10.27
N GLU A 97 -0.54 2.49 -9.35
CA GLU A 97 0.21 3.62 -8.81
C GLU A 97 1.39 3.15 -7.99
N VAL A 98 1.14 2.23 -7.07
CA VAL A 98 2.18 1.68 -6.22
C VAL A 98 3.22 0.95 -7.06
N GLU A 99 2.74 0.09 -7.95
CA GLU A 99 3.62 -0.68 -8.82
C GLU A 99 4.56 0.25 -9.58
N GLU A 100 4.01 1.34 -10.11
CA GLU A 100 4.79 2.30 -10.87
C GLU A 100 5.91 2.91 -10.00
N ILE A 101 5.55 3.35 -8.81
CA ILE A 101 6.53 3.93 -7.89
C ILE A 101 7.58 2.89 -7.54
N LEU A 102 7.13 1.65 -7.36
CA LEU A 102 8.04 0.57 -7.04
C LEU A 102 8.94 0.26 -8.24
N ASP A 103 8.38 0.44 -9.44
CA ASP A 103 9.13 0.22 -10.68
C ASP A 103 10.06 1.39 -10.94
N GLY A 104 9.83 2.48 -10.23
CA GLY A 104 10.64 3.68 -10.38
C GLY A 104 9.97 4.74 -11.21
N ASN A 105 8.73 4.47 -11.62
CA ASN A 105 7.96 5.44 -12.39
C ASN A 105 6.92 6.08 -11.48
N ASP A 106 7.09 7.36 -11.18
CA ASP A 106 6.15 8.04 -10.30
C ASP A 106 6.33 9.55 -10.31
N GLU A 107 7.04 10.06 -11.31
CA GLU A 107 7.29 11.49 -11.42
C GLU A 107 5.98 12.27 -11.49
N LYS A 108 5.01 11.71 -12.20
CA LYS A 108 3.71 12.34 -12.34
C LYS A 108 2.92 12.30 -11.03
N TYR A 109 3.29 11.36 -10.15
CA TYR A 109 2.63 11.21 -8.87
C TYR A 109 3.20 12.16 -7.82
N LYS A 110 4.52 12.25 -7.77
CA LYS A 110 5.21 13.11 -6.80
C LYS A 110 4.90 14.58 -7.03
N ALA A 111 4.48 14.93 -8.25
CA ALA A 111 4.18 16.32 -8.58
C ALA A 111 2.72 16.52 -8.93
N VAL A 112 1.85 15.68 -8.37
CA VAL A 112 0.40 15.78 -8.63
C VAL A 112 0.12 16.04 -10.11
N SER A 113 0.98 15.52 -10.98
CA SER A 113 0.83 15.70 -12.41
C SER A 113 -0.41 14.97 -12.93
N ILE A 114 -1.18 15.64 -13.77
CA ILE A 114 -2.38 15.05 -14.34
C ILE A 114 -3.04 16.00 -15.33
N SER A 115 -2.23 16.65 -16.15
CA SER A 115 -2.73 17.60 -17.15
C SER A 115 -2.73 16.97 -18.54
N GLY A 2 25.59 -3.47 -14.69
CA GLY A 2 24.67 -3.97 -15.75
C GLY A 2 23.72 -2.88 -16.24
N SER A 3 23.30 -3.00 -17.50
CA SER A 3 22.39 -2.02 -18.09
C SER A 3 23.00 -0.63 -18.08
N MET A 4 22.32 0.32 -18.72
CA MET A 4 22.80 1.70 -18.78
C MET A 4 21.92 2.61 -17.96
N MET A 5 22.44 3.04 -16.80
CA MET A 5 21.69 3.93 -15.92
C MET A 5 20.40 3.28 -15.45
N MET A 6 20.33 2.96 -14.16
CA MET A 6 19.15 2.33 -13.59
C MET A 6 19.15 2.46 -12.07
N ALA A 7 17.96 2.44 -11.47
CA ALA A 7 17.82 2.56 -10.02
C ALA A 7 18.48 1.37 -9.32
N LEU A 8 18.47 1.40 -8.00
CA LEU A 8 19.06 0.32 -7.20
C LEU A 8 18.32 0.16 -5.88
N SER A 9 18.09 1.28 -5.20
CA SER A 9 17.39 1.26 -3.92
C SER A 9 16.23 2.26 -3.92
N LYS A 10 15.03 1.76 -3.64
CA LYS A 10 13.84 2.59 -3.60
C LYS A 10 12.84 2.08 -2.56
N THR A 11 12.68 0.77 -2.51
CA THR A 11 11.75 0.15 -1.56
C THR A 11 12.51 -0.58 -0.46
N PHE A 12 11.87 -0.74 0.70
CA PHE A 12 12.50 -1.42 1.83
C PHE A 12 11.54 -2.36 2.53
N GLY A 13 11.94 -3.62 2.69
CA GLY A 13 11.08 -4.57 3.38
C GLY A 13 10.23 -5.40 2.45
N GLN A 14 9.30 -6.15 3.02
CA GLN A 14 8.38 -6.98 2.26
C GLN A 14 7.43 -6.08 1.46
N LYS A 15 6.87 -6.63 0.39
CA LYS A 15 5.96 -5.86 -0.45
C LYS A 15 4.66 -5.56 0.30
N PRO A 16 4.07 -4.37 0.08
CA PRO A 16 2.84 -3.97 0.76
C PRO A 16 1.70 -4.92 0.48
N VAL A 17 0.73 -4.96 1.39
CA VAL A 17 -0.42 -5.85 1.25
C VAL A 17 -1.37 -5.36 0.16
N LYS A 18 -1.52 -6.19 -0.87
CA LYS A 18 -2.40 -5.87 -1.99
C LYS A 18 -3.59 -6.84 -2.01
N PHE A 19 -4.72 -6.38 -2.51
CA PHE A 19 -5.92 -7.21 -2.58
C PHE A 19 -6.79 -6.83 -3.75
N GLN A 20 -7.78 -7.67 -4.05
CA GLN A 20 -8.70 -7.42 -5.15
C GLN A 20 -10.03 -6.91 -4.62
N LEU A 21 -10.49 -5.78 -5.17
CA LEU A 21 -11.75 -5.20 -4.74
C LEU A 21 -12.84 -5.36 -5.80
N GLU A 22 -12.43 -5.60 -7.04
CA GLU A 22 -13.39 -5.77 -8.14
C GLU A 22 -13.11 -7.06 -8.91
N ASP A 23 -14.19 -7.71 -9.34
CA ASP A 23 -14.09 -8.96 -10.11
C ASP A 23 -13.41 -8.75 -11.46
N ASP A 24 -13.23 -7.50 -11.86
CA ASP A 24 -12.60 -7.19 -13.14
C ASP A 24 -11.09 -7.26 -13.07
N GLY A 25 -10.55 -7.57 -11.89
CA GLY A 25 -9.11 -7.67 -11.74
C GLY A 25 -8.48 -6.42 -11.16
N GLU A 26 -9.25 -5.64 -10.42
CA GLU A 26 -8.73 -4.42 -9.81
C GLU A 26 -8.04 -4.74 -8.49
N PHE A 27 -6.73 -4.47 -8.44
CA PHE A 27 -5.95 -4.73 -7.24
C PHE A 27 -5.52 -3.43 -6.57
N TYR A 28 -5.74 -3.36 -5.26
CA TYR A 28 -5.36 -2.18 -4.49
C TYR A 28 -4.41 -2.56 -3.37
N MET A 29 -3.78 -1.56 -2.77
CA MET A 29 -2.84 -1.78 -1.68
C MET A 29 -3.15 -0.85 -0.51
N ILE A 30 -2.86 -1.30 0.70
CA ILE A 30 -3.12 -0.49 1.88
C ILE A 30 -2.07 0.61 2.04
N GLY A 31 -2.53 1.85 2.06
CA GLY A 31 -1.62 2.99 2.18
C GLY A 31 -0.71 2.89 3.39
N SER A 32 -1.23 2.36 4.49
CA SER A 32 -0.43 2.20 5.70
C SER A 32 0.81 1.35 5.40
N GLU A 33 0.62 0.33 4.57
CA GLU A 33 1.71 -0.55 4.19
C GLU A 33 2.67 0.18 3.28
N VAL A 34 2.12 0.95 2.35
CA VAL A 34 2.93 1.71 1.41
C VAL A 34 3.78 2.74 2.15
N GLY A 35 3.17 3.38 3.16
CA GLY A 35 3.87 4.37 3.93
C GLY A 35 5.05 3.79 4.70
N ASN A 36 4.80 2.71 5.45
CA ASN A 36 5.87 2.09 6.21
C ASN A 36 6.92 1.49 5.28
N TYR A 37 6.46 1.03 4.12
CA TYR A 37 7.35 0.44 3.12
C TYR A 37 8.35 1.48 2.60
N LEU A 38 7.86 2.69 2.36
CA LEU A 38 8.71 3.77 1.87
C LEU A 38 9.24 4.62 3.03
N ARG A 39 8.80 4.29 4.26
CA ARG A 39 9.23 5.02 5.44
C ARG A 39 8.67 6.43 5.47
N MET A 40 7.50 6.62 4.87
CA MET A 40 6.86 7.92 4.85
C MET A 40 5.76 7.98 5.91
N PHE A 41 5.83 8.99 6.77
CA PHE A 41 4.83 9.15 7.82
C PHE A 41 4.22 10.55 7.81
N ARG A 42 3.23 10.77 8.67
CA ARG A 42 2.57 12.06 8.75
C ARG A 42 2.00 12.47 7.40
N GLY A 43 1.38 11.52 6.72
CA GLY A 43 0.81 11.79 5.41
C GLY A 43 1.84 12.25 4.41
N SER A 44 3.11 11.96 4.68
CA SER A 44 4.19 12.36 3.79
C SER A 44 4.01 11.73 2.42
N LEU A 45 3.47 10.51 2.39
CA LEU A 45 3.25 9.80 1.14
C LEU A 45 2.22 10.54 0.28
N TYR A 46 1.07 10.84 0.87
CA TYR A 46 0.00 11.54 0.16
C TYR A 46 0.42 12.96 -0.18
N LYS A 47 1.12 13.61 0.75
CA LYS A 47 1.57 14.98 0.55
C LYS A 47 2.61 15.04 -0.58
N ARG A 48 3.49 14.05 -0.62
CA ARG A 48 4.52 13.99 -1.65
C ARG A 48 3.98 13.36 -2.93
N TYR A 49 2.84 12.69 -2.82
CA TYR A 49 2.22 12.04 -3.98
C TYR A 49 0.73 12.33 -4.03
N PRO A 50 0.35 13.60 -4.25
CA PRO A 50 -1.05 14.02 -4.31
C PRO A 50 -1.80 13.35 -5.47
N SER A 51 -1.11 13.09 -6.57
CA SER A 51 -1.72 12.47 -7.72
C SER A 51 -2.02 10.99 -7.47
N LEU A 52 -1.49 10.47 -6.36
CA LEU A 52 -1.69 9.08 -6.00
C LEU A 52 -3.14 8.80 -5.61
N TRP A 53 -3.74 7.80 -6.22
CA TRP A 53 -5.12 7.43 -5.94
C TRP A 53 -5.24 6.82 -4.54
N ARG A 54 -6.02 7.46 -3.67
CA ARG A 54 -6.21 6.98 -2.32
C ARG A 54 -7.66 7.12 -1.88
N ARG A 55 -8.15 6.16 -1.10
CA ARG A 55 -9.52 6.19 -0.61
C ARG A 55 -9.66 5.40 0.68
N LEU A 56 -10.79 5.59 1.38
CA LEU A 56 -11.06 4.89 2.62
C LEU A 56 -11.87 3.62 2.36
N ALA A 57 -11.71 2.64 3.23
CA ALA A 57 -12.43 1.38 3.08
C ALA A 57 -13.57 1.24 4.09
N THR A 58 -14.69 0.69 3.64
CA THR A 58 -15.84 0.48 4.49
C THR A 58 -15.63 -0.74 5.38
N VAL A 59 -16.53 -0.94 6.33
CA VAL A 59 -16.42 -2.09 7.24
C VAL A 59 -16.46 -3.40 6.45
N GLU A 60 -17.28 -3.44 5.40
CA GLU A 60 -17.40 -4.62 4.57
C GLU A 60 -16.13 -4.83 3.74
N GLU A 61 -15.70 -3.77 3.05
CA GLU A 61 -14.50 -3.84 2.23
C GLU A 61 -13.27 -4.17 3.08
N ARG A 62 -13.14 -3.47 4.21
CA ARG A 62 -12.01 -3.69 5.10
C ARG A 62 -12.00 -5.12 5.62
N LYS A 63 -13.18 -5.63 5.96
CA LYS A 63 -13.30 -7.01 6.43
C LYS A 63 -12.74 -7.95 5.38
N LYS A 64 -13.11 -7.68 4.13
CA LYS A 64 -12.63 -8.49 3.01
C LYS A 64 -11.13 -8.28 2.80
N ILE A 65 -10.67 -7.06 3.07
CA ILE A 65 -9.26 -6.72 2.92
C ILE A 65 -8.40 -7.60 3.83
N VAL A 66 -8.83 -7.77 5.08
CA VAL A 66 -8.11 -8.57 6.04
C VAL A 66 -8.04 -10.03 5.62
N ALA A 67 -9.19 -10.59 5.27
CA ALA A 67 -9.27 -11.99 4.86
C ALA A 67 -8.66 -12.22 3.47
N SER A 68 -8.90 -11.26 2.56
CA SER A 68 -8.39 -11.38 1.19
C SER A 68 -6.92 -11.00 1.11
N SER A 69 -6.56 -9.84 1.65
CA SER A 69 -5.18 -9.37 1.61
C SER A 69 -4.32 -10.11 2.63
N HIS A 70 -4.72 -10.08 3.88
CA HIS A 70 -3.97 -10.75 4.95
C HIS A 70 -4.47 -12.18 5.16
N GLY A 71 -3.63 -13.00 5.76
CA GLY A 71 -3.99 -14.39 6.01
C GLY A 71 -3.26 -15.35 5.11
N LYS A 72 -3.04 -16.57 5.61
CA LYS A 72 -2.34 -17.60 4.84
C LYS A 72 -0.89 -17.20 4.54
N LYS A 73 -0.43 -16.15 5.20
CA LYS A 73 0.94 -15.67 4.99
C LYS A 73 1.93 -16.46 5.86
N THR A 74 3.17 -16.55 5.39
CA THR A 74 4.20 -17.28 6.12
C THR A 74 5.16 -16.31 6.82
N LYS A 75 5.05 -16.22 8.15
CA LYS A 75 5.90 -15.33 8.93
C LYS A 75 5.77 -15.62 10.42
N PRO A 76 6.69 -16.43 10.98
CA PRO A 76 6.67 -16.78 12.40
C PRO A 76 6.54 -15.55 13.30
N ASN A 77 6.97 -14.41 12.80
CA ASN A 77 6.90 -13.16 13.56
C ASN A 77 5.46 -12.73 13.78
N THR A 78 4.76 -12.43 12.69
CA THR A 78 3.37 -12.01 12.76
C THR A 78 2.45 -13.18 13.07
N LYS A 79 2.81 -14.36 12.56
CA LYS A 79 2.01 -15.56 12.78
C LYS A 79 0.62 -15.42 12.17
N ASP A 80 -0.16 -16.49 12.25
CA ASP A 80 -1.52 -16.47 11.71
C ASP A 80 -2.42 -17.43 12.49
N HIS A 81 -3.35 -16.85 13.25
CA HIS A 81 -4.28 -17.64 14.04
C HIS A 81 -5.62 -16.92 14.19
N GLY A 82 -5.57 -15.65 14.56
CA GLY A 82 -6.79 -14.87 14.73
C GLY A 82 -6.53 -13.38 14.68
N TYR A 83 -7.14 -12.71 13.71
CA TYR A 83 -6.97 -11.27 13.57
C TYR A 83 -8.14 -10.52 14.20
N THR A 84 -7.83 -9.39 14.85
CA THR A 84 -8.86 -8.59 15.50
C THR A 84 -8.50 -7.11 15.44
N THR A 85 -7.81 -6.72 14.37
CA THR A 85 -7.42 -5.32 14.18
C THR A 85 -7.38 -4.96 12.70
N LEU A 86 -6.95 -3.73 12.41
CA LEU A 86 -6.88 -3.26 11.04
C LEU A 86 -8.27 -3.25 10.38
N ALA A 87 -9.30 -3.08 11.19
CA ALA A 87 -10.66 -3.06 10.70
C ALA A 87 -11.40 -1.80 11.16
N THR A 88 -10.66 -0.72 11.33
CA THR A 88 -11.24 0.54 11.77
C THR A 88 -11.16 1.58 10.64
N SER A 89 -10.04 1.56 9.92
CA SER A 89 -9.83 2.49 8.82
C SER A 89 -8.75 1.96 7.88
N VAL A 90 -9.16 1.50 6.71
CA VAL A 90 -8.23 0.96 5.72
C VAL A 90 -8.15 1.87 4.50
N THR A 91 -6.96 2.37 4.22
CA THR A 91 -6.74 3.24 3.08
C THR A 91 -6.34 2.42 1.86
N LEU A 92 -7.15 2.48 0.80
CA LEU A 92 -6.88 1.74 -0.41
C LEU A 92 -6.16 2.59 -1.45
N LEU A 93 -5.28 1.97 -2.20
CA LEU A 93 -4.52 2.67 -3.24
C LEU A 93 -4.44 1.81 -4.51
N LYS A 94 -4.33 2.46 -5.67
CA LYS A 94 -4.25 1.73 -6.93
C LYS A 94 -2.92 0.98 -7.06
N ALA A 95 -3.01 -0.34 -7.22
CA ALA A 95 -1.83 -1.18 -7.35
C ALA A 95 -0.88 -0.66 -8.41
N SER A 96 -1.42 -0.21 -9.54
CA SER A 96 -0.61 0.30 -10.62
C SER A 96 0.27 1.46 -10.15
N GLU A 97 -0.30 2.32 -9.31
CA GLU A 97 0.43 3.46 -8.78
C GLU A 97 1.55 3.02 -7.85
N VAL A 98 1.20 2.15 -6.90
CA VAL A 98 2.17 1.65 -5.94
C VAL A 98 3.28 0.90 -6.65
N GLU A 99 2.90 -0.02 -7.52
CA GLU A 99 3.86 -0.82 -8.27
C GLU A 99 4.82 0.08 -9.03
N GLU A 100 4.30 1.14 -9.63
CA GLU A 100 5.11 2.08 -10.38
C GLU A 100 6.17 2.73 -9.48
N ILE A 101 5.73 3.23 -8.33
CA ILE A 101 6.65 3.86 -7.39
C ILE A 101 7.67 2.84 -6.91
N LEU A 102 7.21 1.62 -6.69
CA LEU A 102 8.09 0.54 -6.25
C LEU A 102 9.08 0.19 -7.36
N ASP A 103 8.62 0.29 -8.60
CA ASP A 103 9.46 0.00 -9.75
C ASP A 103 10.41 1.17 -10.02
N GLY A 104 10.10 2.30 -9.40
CA GLY A 104 10.92 3.49 -9.57
C GLY A 104 10.30 4.49 -10.52
N ASN A 105 9.09 4.18 -11.00
CA ASN A 105 8.39 5.08 -11.89
C ASN A 105 7.28 5.77 -11.10
N ASP A 106 7.42 7.07 -10.87
CA ASP A 106 6.40 7.80 -10.12
C ASP A 106 6.54 9.30 -10.27
N GLU A 107 7.32 9.74 -11.26
CA GLU A 107 7.53 11.17 -11.50
C GLU A 107 6.19 11.89 -11.67
N LYS A 108 5.26 11.23 -12.35
CA LYS A 108 3.94 11.81 -12.58
C LYS A 108 3.18 11.95 -11.27
N TYR A 109 3.47 11.06 -10.32
CA TYR A 109 2.83 11.09 -9.02
C TYR A 109 3.45 12.15 -8.11
N LYS A 110 4.78 12.19 -8.09
CA LYS A 110 5.50 13.15 -7.25
C LYS A 110 5.29 14.59 -7.73
N ALA A 111 4.71 14.74 -8.91
CA ALA A 111 4.47 16.07 -9.48
C ALA A 111 3.06 16.57 -9.16
N VAL A 112 2.40 15.94 -8.19
CA VAL A 112 1.06 16.33 -7.81
C VAL A 112 0.08 16.19 -8.98
N SER A 113 0.51 15.48 -10.03
CA SER A 113 -0.32 15.27 -11.21
C SER A 113 0.52 14.77 -12.38
N ILE A 114 -0.15 14.21 -13.40
CA ILE A 114 0.55 13.70 -14.56
C ILE A 114 0.92 14.82 -15.53
N SER A 115 0.10 15.88 -15.53
CA SER A 115 0.34 17.02 -16.41
C SER A 115 -0.45 18.24 -15.94
N GLY A 2 15.58 -5.90 14.74
CA GLY A 2 15.23 -6.57 13.46
C GLY A 2 16.43 -7.21 12.80
N SER A 3 16.47 -7.15 11.47
CA SER A 3 17.57 -7.73 10.70
C SER A 3 18.37 -6.64 9.99
N MET A 4 19.63 -6.94 9.69
CA MET A 4 20.49 -5.98 9.00
C MET A 4 20.24 -6.01 7.49
N MET A 5 20.12 -4.83 6.89
CA MET A 5 19.89 -4.71 5.45
C MET A 5 20.80 -3.67 4.83
N MET A 6 21.22 -3.92 3.59
CA MET A 6 22.10 -2.99 2.89
C MET A 6 21.63 -2.80 1.44
N ALA A 7 22.14 -1.75 0.80
CA ALA A 7 21.78 -1.46 -0.59
C ALA A 7 20.28 -1.22 -0.71
N LEU A 8 19.88 0.05 -0.63
CA LEU A 8 18.47 0.41 -0.74
C LEU A 8 18.28 1.58 -1.69
N SER A 9 17.05 2.06 -1.83
CA SER A 9 16.74 3.16 -2.71
C SER A 9 15.44 3.84 -2.31
N LYS A 10 14.32 3.22 -2.67
CA LYS A 10 13.01 3.75 -2.35
C LYS A 10 12.16 2.72 -1.60
N THR A 11 12.27 1.47 -1.99
CA THR A 11 11.51 0.39 -1.36
C THR A 11 12.39 -0.39 -0.38
N PHE A 12 11.84 -0.67 0.80
CA PHE A 12 12.59 -1.39 1.83
C PHE A 12 11.70 -2.44 2.51
N GLY A 13 12.15 -3.69 2.54
CA GLY A 13 11.37 -4.72 3.21
C GLY A 13 10.48 -5.49 2.27
N GLN A 14 9.60 -6.30 2.84
CA GLN A 14 8.66 -7.10 2.06
C GLN A 14 7.65 -6.17 1.38
N LYS A 15 7.04 -6.64 0.30
CA LYS A 15 6.08 -5.82 -0.44
C LYS A 15 4.82 -5.61 0.39
N PRO A 16 4.21 -4.40 0.29
CA PRO A 16 3.00 -4.08 1.06
C PRO A 16 1.85 -5.01 0.71
N VAL A 17 0.84 -5.03 1.58
CA VAL A 17 -0.31 -5.89 1.38
C VAL A 17 -1.22 -5.39 0.27
N LYS A 18 -1.35 -6.22 -0.77
CA LYS A 18 -2.20 -5.90 -1.92
C LYS A 18 -3.36 -6.88 -1.97
N PHE A 19 -4.47 -6.47 -2.56
CA PHE A 19 -5.65 -7.32 -2.65
C PHE A 19 -6.54 -6.95 -3.82
N GLN A 20 -7.51 -7.81 -4.11
CA GLN A 20 -8.45 -7.57 -5.20
C GLN A 20 -9.80 -7.14 -4.66
N LEU A 21 -10.32 -6.02 -5.16
CA LEU A 21 -11.61 -5.51 -4.71
C LEU A 21 -12.68 -5.68 -5.78
N GLU A 22 -12.26 -5.74 -7.04
CA GLU A 22 -13.21 -5.90 -8.15
C GLU A 22 -12.93 -7.20 -8.92
N ASP A 23 -14.00 -7.83 -9.38
CA ASP A 23 -13.89 -9.07 -10.14
C ASP A 23 -13.22 -8.86 -11.50
N ASP A 24 -13.08 -7.59 -11.89
CA ASP A 24 -12.47 -7.25 -13.17
C ASP A 24 -10.94 -7.29 -13.11
N GLY A 25 -10.39 -7.55 -11.93
CA GLY A 25 -8.95 -7.62 -11.77
C GLY A 25 -8.36 -6.38 -11.15
N GLU A 26 -9.17 -5.65 -10.38
CA GLU A 26 -8.70 -4.44 -9.72
C GLU A 26 -7.95 -4.78 -8.44
N PHE A 27 -6.66 -4.45 -8.41
CA PHE A 27 -5.84 -4.73 -7.24
C PHE A 27 -5.44 -3.45 -6.53
N TYR A 28 -5.66 -3.41 -5.22
CA TYR A 28 -5.33 -2.25 -4.41
C TYR A 28 -4.36 -2.64 -3.30
N MET A 29 -3.78 -1.64 -2.67
CA MET A 29 -2.83 -1.86 -1.59
C MET A 29 -3.11 -0.92 -0.44
N ILE A 30 -2.81 -1.36 0.79
CA ILE A 30 -3.04 -0.53 1.96
C ILE A 30 -1.93 0.50 2.13
N GLY A 31 -2.32 1.78 2.07
CA GLY A 31 -1.36 2.86 2.19
C GLY A 31 -0.52 2.77 3.45
N SER A 32 -1.05 2.11 4.47
CA SER A 32 -0.32 1.96 5.73
C SER A 32 0.93 1.13 5.49
N GLU A 33 0.77 0.05 4.72
CA GLU A 33 1.89 -0.82 4.40
C GLU A 33 2.84 -0.12 3.45
N VAL A 34 2.28 0.63 2.50
CA VAL A 34 3.07 1.38 1.55
C VAL A 34 3.89 2.44 2.27
N GLY A 35 3.27 3.10 3.23
CA GLY A 35 3.94 4.13 3.99
C GLY A 35 5.14 3.60 4.76
N ASN A 36 4.92 2.53 5.52
CA ASN A 36 6.01 1.93 6.29
C ASN A 36 7.07 1.38 5.34
N TYR A 37 6.62 0.90 4.19
CA TYR A 37 7.51 0.34 3.17
C TYR A 37 8.50 1.39 2.69
N LEU A 38 8.00 2.60 2.46
CA LEU A 38 8.84 3.70 2.01
C LEU A 38 9.34 4.54 3.19
N ARG A 39 8.90 4.19 4.39
CA ARG A 39 9.29 4.91 5.61
C ARG A 39 8.70 6.31 5.64
N MET A 40 7.53 6.47 5.02
CA MET A 40 6.85 7.76 5.00
C MET A 40 5.74 7.79 6.05
N PHE A 41 5.77 8.79 6.91
CA PHE A 41 4.76 8.91 7.96
C PHE A 41 4.10 10.29 7.93
N ARG A 42 3.10 10.48 8.78
CA ARG A 42 2.39 11.76 8.85
C ARG A 42 1.76 12.10 7.50
N GLY A 43 1.26 11.09 6.81
CA GLY A 43 0.65 11.31 5.51
C GLY A 43 1.64 11.83 4.49
N SER A 44 2.92 11.63 4.74
CA SER A 44 3.96 12.09 3.83
C SER A 44 3.77 11.49 2.44
N LEU A 45 3.27 10.26 2.39
CA LEU A 45 3.04 9.59 1.12
C LEU A 45 1.97 10.30 0.31
N TYR A 46 0.83 10.56 0.94
CA TYR A 46 -0.27 11.24 0.27
C TYR A 46 0.06 12.69 -0.01
N LYS A 47 0.75 13.34 0.94
CA LYS A 47 1.14 14.73 0.78
C LYS A 47 2.22 14.88 -0.27
N ARG A 48 3.03 13.84 -0.43
CA ARG A 48 4.12 13.86 -1.41
C ARG A 48 3.66 13.33 -2.76
N TYR A 49 2.61 12.50 -2.74
CA TYR A 49 2.07 11.91 -3.96
C TYR A 49 0.61 12.32 -4.17
N PRO A 50 0.37 13.60 -4.52
CA PRO A 50 -0.98 14.12 -4.74
C PRO A 50 -1.70 13.44 -5.89
N SER A 51 -0.95 12.95 -6.87
CA SER A 51 -1.54 12.28 -8.03
C SER A 51 -1.79 10.80 -7.76
N LEU A 52 -1.57 10.36 -6.52
CA LEU A 52 -1.77 8.97 -6.15
C LEU A 52 -3.23 8.71 -5.74
N TRP A 53 -3.82 7.67 -6.32
CA TRP A 53 -5.19 7.30 -6.01
C TRP A 53 -5.30 6.75 -4.60
N ARG A 54 -6.08 7.42 -3.76
CA ARG A 54 -6.26 6.98 -2.38
C ARG A 54 -7.72 7.12 -1.94
N ARG A 55 -8.22 6.13 -1.20
CA ARG A 55 -9.60 6.17 -0.72
C ARG A 55 -9.76 5.37 0.57
N LEU A 56 -10.84 5.66 1.31
CA LEU A 56 -11.11 4.98 2.58
C LEU A 56 -12.03 3.78 2.37
N ALA A 57 -11.65 2.65 2.94
CA ALA A 57 -12.43 1.43 2.82
C ALA A 57 -13.59 1.39 3.80
N THR A 58 -14.69 0.78 3.37
CA THR A 58 -15.89 0.64 4.19
C THR A 58 -15.76 -0.55 5.14
N VAL A 59 -16.71 -0.67 6.07
CA VAL A 59 -16.69 -1.77 7.02
C VAL A 59 -16.62 -3.10 6.28
N GLU A 60 -17.47 -3.26 5.28
CA GLU A 60 -17.47 -4.49 4.49
C GLU A 60 -16.13 -4.65 3.78
N GLU A 61 -15.60 -3.53 3.29
CA GLU A 61 -14.32 -3.53 2.61
C GLU A 61 -13.20 -4.00 3.53
N ARG A 62 -13.17 -3.48 4.76
CA ARG A 62 -12.14 -3.88 5.71
C ARG A 62 -12.22 -5.37 6.00
N LYS A 63 -13.44 -5.89 6.09
CA LYS A 63 -13.63 -7.32 6.34
C LYS A 63 -12.96 -8.13 5.25
N LYS A 64 -13.24 -7.76 4.00
CA LYS A 64 -12.65 -8.44 2.85
C LYS A 64 -11.16 -8.16 2.78
N ILE A 65 -10.76 -6.95 3.17
CA ILE A 65 -9.37 -6.54 3.15
C ILE A 65 -8.52 -7.42 4.07
N VAL A 66 -8.98 -7.60 5.29
CA VAL A 66 -8.24 -8.41 6.27
C VAL A 66 -8.29 -9.89 5.93
N ALA A 67 -9.50 -10.41 5.68
CA ALA A 67 -9.69 -11.82 5.38
C ALA A 67 -9.20 -12.23 3.98
N SER A 68 -9.52 -11.43 2.97
CA SER A 68 -9.15 -11.75 1.59
C SER A 68 -7.68 -11.41 1.27
N SER A 69 -7.27 -10.18 1.58
CA SER A 69 -5.91 -9.75 1.27
C SER A 69 -4.86 -10.69 1.87
N HIS A 70 -4.91 -10.88 3.18
CA HIS A 70 -3.94 -11.74 3.86
C HIS A 70 -4.59 -12.50 5.02
N GLY A 71 -3.77 -13.23 5.76
CA GLY A 71 -4.28 -13.99 6.89
C GLY A 71 -3.59 -15.34 7.02
N LYS A 72 -3.19 -15.91 5.89
CA LYS A 72 -2.52 -17.20 5.89
C LYS A 72 -1.01 -17.04 5.67
N LYS A 73 -0.23 -17.40 6.68
CA LYS A 73 1.22 -17.29 6.61
C LYS A 73 1.89 -18.66 6.72
N THR A 74 1.09 -19.72 6.72
CA THR A 74 1.61 -21.08 6.83
C THR A 74 2.32 -21.28 8.17
N LYS A 75 2.81 -22.49 8.40
CA LYS A 75 3.51 -22.82 9.62
C LYS A 75 2.59 -22.66 10.83
N PRO A 76 2.84 -23.42 11.91
CA PRO A 76 2.02 -23.36 13.13
C PRO A 76 1.89 -21.93 13.67
N ASN A 77 1.18 -21.78 14.77
CA ASN A 77 0.97 -20.46 15.37
C ASN A 77 0.76 -20.59 16.88
N THR A 78 0.93 -19.48 17.59
CA THR A 78 0.75 -19.47 19.04
C THR A 78 -0.41 -18.57 19.44
N LYS A 79 -0.56 -17.46 18.73
CA LYS A 79 -1.63 -16.51 19.01
C LYS A 79 -2.88 -16.85 18.20
N ASP A 80 -4.05 -16.56 18.77
CA ASP A 80 -5.32 -16.82 18.11
C ASP A 80 -5.88 -15.55 17.47
N HIS A 81 -4.99 -14.65 17.08
CA HIS A 81 -5.40 -13.40 16.46
C HIS A 81 -5.14 -13.41 14.96
N GLY A 82 -6.13 -12.95 14.19
CA GLY A 82 -5.99 -12.92 12.74
C GLY A 82 -5.29 -11.66 12.26
N TYR A 83 -5.93 -10.52 12.47
CA TYR A 83 -5.36 -9.23 12.05
C TYR A 83 -6.25 -8.08 12.49
N THR A 84 -5.63 -7.04 13.04
CA THR A 84 -6.37 -5.87 13.50
C THR A 84 -5.51 -4.62 13.43
N THR A 85 -4.62 -4.56 12.44
CA THR A 85 -3.73 -3.42 12.25
C THR A 85 -4.51 -2.21 11.74
N LEU A 86 -5.67 -2.46 11.13
CA LEU A 86 -6.49 -1.38 10.61
C LEU A 86 -7.97 -1.62 10.95
N ALA A 87 -8.81 -1.90 9.94
CA ALA A 87 -10.23 -2.15 10.16
C ALA A 87 -11.00 -0.86 10.43
N THR A 88 -10.55 -0.09 11.40
CA THR A 88 -11.20 1.16 11.75
C THR A 88 -10.96 2.22 10.67
N SER A 89 -9.84 2.09 9.98
CA SER A 89 -9.49 3.01 8.90
C SER A 89 -8.48 2.38 7.96
N VAL A 90 -8.96 1.98 6.78
CA VAL A 90 -8.11 1.35 5.78
C VAL A 90 -7.92 2.25 4.57
N THR A 91 -6.66 2.61 4.30
CA THR A 91 -6.35 3.47 3.16
C THR A 91 -6.03 2.61 1.94
N LEU A 92 -6.84 2.73 0.91
CA LEU A 92 -6.64 1.96 -0.31
C LEU A 92 -5.90 2.77 -1.37
N LEU A 93 -5.06 2.08 -2.13
CA LEU A 93 -4.28 2.72 -3.19
C LEU A 93 -4.30 1.87 -4.45
N LYS A 94 -4.07 2.49 -5.61
CA LYS A 94 -4.07 1.77 -6.87
C LYS A 94 -2.79 0.97 -7.03
N ALA A 95 -2.94 -0.35 -7.20
CA ALA A 95 -1.79 -1.24 -7.37
C ALA A 95 -0.85 -0.74 -8.44
N SER A 96 -1.40 -0.30 -9.57
CA SER A 96 -0.61 0.21 -10.67
C SER A 96 0.24 1.40 -10.24
N GLU A 97 -0.32 2.25 -9.38
CA GLU A 97 0.40 3.43 -8.91
C GLU A 97 1.57 3.00 -8.01
N VAL A 98 1.29 2.14 -7.05
CA VAL A 98 2.31 1.65 -6.14
C VAL A 98 3.37 0.88 -6.91
N GLU A 99 2.94 0.09 -7.88
CA GLU A 99 3.85 -0.70 -8.70
C GLU A 99 4.85 0.19 -9.40
N GLU A 100 4.37 1.27 -9.99
CA GLU A 100 5.24 2.22 -10.69
C GLU A 100 6.25 2.83 -9.74
N ILE A 101 5.77 3.30 -8.60
CA ILE A 101 6.65 3.91 -7.61
C ILE A 101 7.66 2.88 -7.13
N LEU A 102 7.20 1.64 -6.97
CA LEU A 102 8.08 0.55 -6.55
C LEU A 102 9.12 0.29 -7.63
N ASP A 103 8.70 0.43 -8.89
CA ASP A 103 9.60 0.22 -10.01
C ASP A 103 10.50 1.44 -10.21
N GLY A 104 10.16 2.54 -9.53
CA GLY A 104 10.93 3.76 -9.62
C GLY A 104 10.30 4.78 -10.53
N ASN A 105 9.12 4.47 -11.06
CA ASN A 105 8.39 5.38 -11.91
C ASN A 105 7.24 6.00 -11.13
N ASP A 106 7.33 7.29 -10.84
CA ASP A 106 6.27 7.95 -10.08
C ASP A 106 6.39 9.47 -10.11
N GLU A 107 7.16 9.98 -11.05
CA GLU A 107 7.35 11.44 -11.16
C GLU A 107 6.01 12.15 -11.34
N LYS A 108 5.09 11.49 -12.04
CA LYS A 108 3.78 12.06 -12.27
C LYS A 108 2.92 12.02 -11.01
N TYR A 109 3.22 11.08 -10.12
CA TYR A 109 2.49 10.94 -8.88
C TYR A 109 2.97 11.92 -7.82
N LYS A 110 4.26 12.25 -7.86
CA LYS A 110 4.85 13.17 -6.89
C LYS A 110 4.57 14.63 -7.25
N ALA A 111 4.24 14.88 -8.52
CA ALA A 111 3.97 16.24 -8.98
C ALA A 111 2.53 16.41 -9.44
N VAL A 112 1.61 15.66 -8.84
CA VAL A 112 0.19 15.74 -9.19
C VAL A 112 -0.02 15.82 -10.70
N SER A 113 0.43 14.78 -11.41
CA SER A 113 0.30 14.74 -12.87
C SER A 113 1.26 15.74 -13.52
N ILE A 114 1.65 15.43 -14.76
CA ILE A 114 2.57 16.30 -15.50
C ILE A 114 1.81 17.36 -16.27
N SER A 115 0.63 17.00 -16.77
CA SER A 115 -0.19 17.94 -17.53
C SER A 115 -1.67 17.57 -17.43
N GLY A 2 32.17 17.04 1.00
CA GLY A 2 31.57 15.99 1.87
C GLY A 2 30.14 15.66 1.48
N SER A 3 29.53 14.73 2.20
CA SER A 3 28.15 14.33 1.93
C SER A 3 27.43 13.91 3.21
N MET A 4 26.11 13.97 3.18
CA MET A 4 25.30 13.60 4.34
C MET A 4 24.16 12.68 3.94
N MET A 5 24.40 11.88 2.90
CA MET A 5 23.38 10.94 2.41
C MET A 5 23.79 9.50 2.70
N MET A 6 22.88 8.57 2.40
CA MET A 6 23.15 7.16 2.63
C MET A 6 22.13 6.29 1.88
N ALA A 7 20.87 6.68 1.96
CA ALA A 7 19.80 5.95 1.29
C ALA A 7 19.80 6.21 -0.21
N LEU A 8 19.48 5.19 -0.99
CA LEU A 8 19.44 5.30 -2.44
C LEU A 8 18.18 4.68 -3.01
N SER A 9 17.84 3.49 -2.52
CA SER A 9 16.65 2.78 -2.97
C SER A 9 15.38 3.48 -2.50
N LYS A 10 14.25 3.09 -3.07
CA LYS A 10 12.97 3.68 -2.69
C LYS A 10 12.10 2.68 -1.94
N THR A 11 12.33 1.39 -2.18
CA THR A 11 11.56 0.33 -1.53
C THR A 11 12.43 -0.42 -0.53
N PHE A 12 11.88 -0.68 0.66
CA PHE A 12 12.61 -1.40 1.69
C PHE A 12 11.71 -2.41 2.40
N GLY A 13 12.14 -3.67 2.46
CA GLY A 13 11.35 -4.67 3.15
C GLY A 13 10.45 -5.45 2.21
N GLN A 14 9.56 -6.24 2.79
CA GLN A 14 8.60 -7.03 2.02
C GLN A 14 7.63 -6.11 1.30
N LYS A 15 7.02 -6.60 0.23
CA LYS A 15 6.07 -5.79 -0.54
C LYS A 15 4.81 -5.54 0.27
N PRO A 16 4.19 -4.35 0.12
CA PRO A 16 2.98 -3.99 0.86
C PRO A 16 1.83 -4.95 0.57
N VAL A 17 0.87 -4.99 1.49
CA VAL A 17 -0.27 -5.88 1.36
C VAL A 17 -1.24 -5.38 0.28
N LYS A 18 -1.38 -6.20 -0.76
CA LYS A 18 -2.28 -5.90 -1.88
C LYS A 18 -3.46 -6.86 -1.87
N PHE A 19 -4.61 -6.39 -2.35
CA PHE A 19 -5.80 -7.22 -2.39
C PHE A 19 -6.69 -6.88 -3.57
N GLN A 20 -7.67 -7.74 -3.85
CA GLN A 20 -8.59 -7.53 -4.95
C GLN A 20 -9.94 -7.02 -4.43
N LEU A 21 -10.41 -5.91 -5.00
CA LEU A 21 -11.68 -5.32 -4.59
C LEU A 21 -12.74 -5.51 -5.66
N GLU A 22 -12.32 -5.63 -6.92
CA GLU A 22 -13.25 -5.81 -8.02
C GLU A 22 -12.99 -7.13 -8.75
N ASP A 23 -14.07 -7.77 -9.19
CA ASP A 23 -13.98 -9.04 -9.90
C ASP A 23 -13.28 -8.88 -11.26
N ASP A 24 -13.11 -7.64 -11.70
CA ASP A 24 -12.47 -7.38 -12.99
C ASP A 24 -10.95 -7.44 -12.89
N GLY A 25 -10.43 -7.68 -11.68
CA GLY A 25 -8.99 -7.77 -11.51
C GLY A 25 -8.38 -6.52 -10.91
N GLU A 26 -9.19 -5.76 -10.17
CA GLU A 26 -8.70 -4.54 -9.54
C GLU A 26 -7.95 -4.85 -8.26
N PHE A 27 -6.66 -4.53 -8.24
CA PHE A 27 -5.84 -4.78 -7.06
C PHE A 27 -5.43 -3.48 -6.40
N TYR A 28 -5.56 -3.44 -5.07
CA TYR A 28 -5.21 -2.26 -4.30
C TYR A 28 -4.23 -2.63 -3.19
N MET A 29 -3.62 -1.61 -2.60
CA MET A 29 -2.67 -1.81 -1.51
C MET A 29 -2.98 -0.88 -0.34
N ILE A 30 -2.72 -1.35 0.87
CA ILE A 30 -2.98 -0.52 2.05
C ILE A 30 -1.90 0.55 2.22
N GLY A 31 -2.34 1.80 2.25
CA GLY A 31 -1.40 2.91 2.38
C GLY A 31 -0.50 2.79 3.59
N SER A 32 -0.99 2.13 4.63
CA SER A 32 -0.19 1.94 5.84
C SER A 32 1.06 1.13 5.51
N GLU A 33 0.88 0.11 4.69
CA GLU A 33 1.99 -0.75 4.29
C GLU A 33 2.92 0.01 3.34
N VAL A 34 2.32 0.74 2.41
CA VAL A 34 3.09 1.52 1.46
C VAL A 34 3.92 2.58 2.18
N GLY A 35 3.31 3.20 3.19
CA GLY A 35 4.01 4.22 3.96
C GLY A 35 5.21 3.68 4.70
N ASN A 36 5.01 2.59 5.45
CA ASN A 36 6.11 1.98 6.19
C ASN A 36 7.15 1.42 5.21
N TYR A 37 6.68 0.95 4.07
CA TYR A 37 7.55 0.40 3.04
C TYR A 37 8.53 1.45 2.54
N LEU A 38 8.03 2.65 2.32
CA LEU A 38 8.87 3.76 1.85
C LEU A 38 9.39 4.58 3.02
N ARG A 39 8.96 4.23 4.24
CA ARG A 39 9.39 4.93 5.44
C ARG A 39 8.82 6.34 5.50
N MET A 40 7.65 6.53 4.92
CA MET A 40 7.00 7.83 4.92
C MET A 40 5.90 7.87 5.98
N PHE A 41 5.97 8.87 6.86
CA PHE A 41 4.98 9.01 7.93
C PHE A 41 4.37 10.40 7.93
N ARG A 42 3.38 10.61 8.80
CA ARG A 42 2.71 11.90 8.90
C ARG A 42 2.12 12.31 7.55
N GLY A 43 1.50 11.37 6.86
CA GLY A 43 0.91 11.66 5.57
C GLY A 43 1.94 12.12 4.55
N SER A 44 3.21 11.83 4.83
CA SER A 44 4.29 12.24 3.94
C SER A 44 4.12 11.62 2.56
N LEU A 45 3.57 10.41 2.52
CA LEU A 45 3.35 9.71 1.26
C LEU A 45 2.34 10.44 0.40
N TYR A 46 1.18 10.76 0.97
CA TYR A 46 0.13 11.46 0.26
C TYR A 46 0.54 12.90 -0.03
N LYS A 47 1.25 13.51 0.91
CA LYS A 47 1.71 14.88 0.74
C LYS A 47 2.71 14.97 -0.41
N ARG A 48 3.51 13.92 -0.57
CA ARG A 48 4.50 13.86 -1.63
C ARG A 48 3.94 13.21 -2.89
N TYR A 49 2.79 12.55 -2.74
CA TYR A 49 2.15 11.89 -3.88
C TYR A 49 0.64 12.18 -3.90
N PRO A 50 0.25 13.46 -4.01
CA PRO A 50 -1.17 13.85 -4.04
C PRO A 50 -1.90 13.28 -5.25
N SER A 51 -1.18 13.08 -6.34
CA SER A 51 -1.76 12.53 -7.56
C SER A 51 -2.07 11.05 -7.41
N LEU A 52 -1.50 10.42 -6.39
CA LEU A 52 -1.71 9.00 -6.14
C LEU A 52 -3.16 8.74 -5.73
N TRP A 53 -3.74 7.69 -6.31
CA TRP A 53 -5.12 7.32 -5.99
C TRP A 53 -5.23 6.73 -4.59
N ARG A 54 -6.02 7.38 -3.74
CA ARG A 54 -6.20 6.92 -2.37
C ARG A 54 -7.67 7.06 -1.95
N ARG A 55 -8.18 6.06 -1.25
CA ARG A 55 -9.57 6.10 -0.78
C ARG A 55 -9.77 5.24 0.46
N LEU A 56 -10.84 5.51 1.21
CA LEU A 56 -11.15 4.78 2.42
C LEU A 56 -12.13 3.64 2.14
N ALA A 57 -11.80 2.45 2.62
CA ALA A 57 -12.65 1.28 2.43
C ALA A 57 -13.77 1.22 3.46
N THR A 58 -14.92 0.71 3.03
CA THR A 58 -16.08 0.57 3.91
C THR A 58 -15.85 -0.55 4.90
N VAL A 59 -16.75 -0.68 5.88
CA VAL A 59 -16.62 -1.74 6.87
C VAL A 59 -16.64 -3.11 6.21
N GLU A 60 -17.45 -3.25 5.18
CA GLU A 60 -17.55 -4.51 4.45
C GLU A 60 -16.27 -4.76 3.65
N GLU A 61 -15.86 -3.76 2.88
CA GLU A 61 -14.65 -3.87 2.06
C GLU A 61 -13.43 -4.12 2.94
N ARG A 62 -13.31 -3.34 4.02
CA ARG A 62 -12.18 -3.49 4.93
C ARG A 62 -12.16 -4.88 5.54
N LYS A 63 -13.33 -5.38 5.91
CA LYS A 63 -13.42 -6.72 6.48
C LYS A 63 -12.86 -7.73 5.49
N LYS A 64 -13.21 -7.53 4.22
CA LYS A 64 -12.73 -8.40 3.15
C LYS A 64 -11.23 -8.20 2.95
N ILE A 65 -10.76 -6.97 3.15
CA ILE A 65 -9.35 -6.64 3.00
C ILE A 65 -8.52 -7.47 3.97
N VAL A 66 -8.99 -7.60 5.20
CA VAL A 66 -8.29 -8.36 6.22
C VAL A 66 -8.10 -9.81 5.80
N ALA A 67 -9.19 -10.43 5.36
CA ALA A 67 -9.15 -11.84 4.94
C ALA A 67 -8.45 -12.01 3.59
N SER A 68 -8.77 -11.15 2.63
CA SER A 68 -8.17 -11.23 1.30
C SER A 68 -6.72 -10.76 1.28
N SER A 69 -6.46 -9.57 1.83
CA SER A 69 -5.12 -9.02 1.86
C SER A 69 -4.22 -9.79 2.83
N HIS A 70 -4.73 -10.06 4.03
CA HIS A 70 -3.96 -10.78 5.03
C HIS A 70 -4.49 -12.18 5.23
N GLY A 71 -3.57 -13.15 5.31
CA GLY A 71 -3.96 -14.52 5.50
C GLY A 71 -2.83 -15.50 5.24
N LYS A 72 -2.08 -15.27 4.17
CA LYS A 72 -0.96 -16.13 3.81
C LYS A 72 -0.06 -15.45 2.77
N LYS A 73 1.20 -15.26 3.15
CA LYS A 73 2.16 -14.63 2.24
C LYS A 73 3.57 -15.15 2.49
N THR A 74 3.95 -15.22 3.75
CA THR A 74 5.28 -15.72 4.13
C THR A 74 5.40 -17.22 3.90
N LYS A 75 6.58 -17.76 4.14
CA LYS A 75 6.82 -19.18 3.96
C LYS A 75 6.00 -20.01 4.95
N PRO A 76 5.59 -21.22 4.54
CA PRO A 76 4.79 -22.10 5.40
C PRO A 76 5.64 -22.78 6.47
N ASN A 77 6.28 -21.98 7.31
CA ASN A 77 7.14 -22.51 8.38
C ASN A 77 6.48 -22.30 9.74
N THR A 78 5.87 -21.14 9.93
CA THR A 78 5.22 -20.82 11.20
C THR A 78 3.70 -21.04 11.08
N LYS A 79 3.05 -21.16 12.24
CA LYS A 79 1.61 -21.37 12.27
C LYS A 79 0.91 -20.26 13.04
N ASP A 80 0.00 -19.56 12.37
CA ASP A 80 -0.73 -18.47 13.00
C ASP A 80 -2.01 -18.98 13.65
N HIS A 81 -2.54 -18.21 14.60
CA HIS A 81 -3.76 -18.60 15.30
C HIS A 81 -4.85 -17.55 15.09
N GLY A 82 -4.49 -16.28 15.23
CA GLY A 82 -5.45 -15.21 15.05
C GLY A 82 -5.05 -14.26 13.94
N TYR A 83 -5.91 -13.28 13.66
CA TYR A 83 -5.65 -12.30 12.61
C TYR A 83 -5.46 -10.91 13.20
N THR A 84 -4.98 -9.98 12.38
CA THR A 84 -4.76 -8.61 12.82
C THR A 84 -6.07 -7.82 12.77
N THR A 85 -6.24 -6.91 13.73
CA THR A 85 -7.44 -6.09 13.80
C THR A 85 -7.19 -4.71 13.20
N LEU A 86 -7.97 -4.36 12.19
CA LEU A 86 -7.84 -3.07 11.53
C LEU A 86 -9.08 -2.76 10.69
N ALA A 87 -10.24 -3.10 11.22
CA ALA A 87 -11.50 -2.86 10.52
C ALA A 87 -12.14 -1.55 10.95
N THR A 88 -11.30 -0.55 11.20
CA THR A 88 -11.78 0.77 11.62
C THR A 88 -11.53 1.80 10.53
N SER A 89 -10.37 1.69 9.89
CA SER A 89 -9.99 2.61 8.82
C SER A 89 -8.92 2.01 7.92
N VAL A 90 -9.30 1.66 6.70
CA VAL A 90 -8.36 1.07 5.75
C VAL A 90 -8.21 1.96 4.52
N THR A 91 -6.98 2.42 4.27
CA THR A 91 -6.70 3.27 3.13
C THR A 91 -6.21 2.43 1.95
N LEU A 92 -6.99 2.41 0.87
CA LEU A 92 -6.63 1.65 -0.31
C LEU A 92 -5.95 2.52 -1.36
N LEU A 93 -5.04 1.92 -2.11
CA LEU A 93 -4.32 2.63 -3.16
C LEU A 93 -4.31 1.80 -4.45
N LYS A 94 -4.11 2.46 -5.58
CA LYS A 94 -4.09 1.77 -6.86
C LYS A 94 -2.83 0.92 -7.01
N ALA A 95 -3.01 -0.37 -7.22
CA ALA A 95 -1.88 -1.29 -7.38
C ALA A 95 -0.92 -0.80 -8.46
N SER A 96 -1.48 -0.24 -9.53
CA SER A 96 -0.69 0.28 -10.62
C SER A 96 0.16 1.46 -10.17
N GLU A 97 -0.38 2.26 -9.27
CA GLU A 97 0.33 3.44 -8.75
C GLU A 97 1.53 3.00 -7.93
N VAL A 98 1.29 2.10 -6.99
CA VAL A 98 2.35 1.60 -6.13
C VAL A 98 3.38 0.83 -6.95
N GLU A 99 2.91 0.09 -7.94
CA GLU A 99 3.78 -0.69 -8.81
C GLU A 99 4.77 0.22 -9.53
N GLU A 100 4.27 1.33 -10.07
CA GLU A 100 5.12 2.26 -10.78
C GLU A 100 6.16 2.86 -9.84
N ILE A 101 5.71 3.32 -8.67
CA ILE A 101 6.61 3.90 -7.70
C ILE A 101 7.63 2.86 -7.26
N LEU A 102 7.16 1.62 -7.11
CA LEU A 102 8.04 0.52 -6.72
C LEU A 102 9.04 0.23 -7.83
N ASP A 103 8.58 0.39 -9.07
CA ASP A 103 9.43 0.16 -10.23
C ASP A 103 10.35 1.36 -10.45
N GLY A 104 10.05 2.45 -9.76
CA GLY A 104 10.86 3.66 -9.87
C GLY A 104 10.22 4.70 -10.77
N ASN A 105 9.01 4.40 -11.26
CA ASN A 105 8.28 5.33 -12.10
C ASN A 105 7.16 5.98 -11.29
N ASP A 106 7.29 7.26 -11.00
CA ASP A 106 6.27 7.95 -10.21
C ASP A 106 6.39 9.46 -10.30
N GLU A 107 7.14 9.95 -11.27
CA GLU A 107 7.33 11.39 -11.45
C GLU A 107 5.99 12.11 -11.56
N LYS A 108 5.05 11.49 -12.27
CA LYS A 108 3.73 12.06 -12.45
C LYS A 108 2.98 12.12 -11.12
N TYR A 109 3.29 11.16 -10.24
CA TYR A 109 2.65 11.10 -8.94
C TYR A 109 3.27 12.10 -7.97
N LYS A 110 4.59 12.25 -8.04
CA LYS A 110 5.30 13.19 -7.15
C LYS A 110 5.09 14.63 -7.60
N ALA A 111 4.44 14.82 -8.75
CA ALA A 111 4.19 16.15 -9.29
C ALA A 111 2.78 16.64 -8.96
N VAL A 112 2.03 15.86 -8.20
CA VAL A 112 0.68 16.22 -7.81
C VAL A 112 -0.29 16.17 -9.01
N SER A 113 0.22 15.77 -10.18
CA SER A 113 -0.60 15.69 -11.39
C SER A 113 -1.57 16.86 -11.51
N ILE A 114 -1.05 18.01 -11.91
CA ILE A 114 -1.87 19.21 -12.06
C ILE A 114 -2.06 19.57 -13.53
N SER A 115 -1.06 19.24 -14.34
CA SER A 115 -1.12 19.53 -15.78
C SER A 115 -0.67 18.33 -16.60
N GLY A 2 38.24 11.70 2.99
CA GLY A 2 37.85 10.31 3.35
C GLY A 2 37.14 9.59 2.23
N SER A 3 36.19 8.73 2.58
CA SER A 3 35.44 7.97 1.58
C SER A 3 34.02 7.70 2.08
N MET A 4 33.07 8.50 1.58
CA MET A 4 31.68 8.35 1.97
C MET A 4 30.85 7.79 0.82
N MET A 5 30.24 6.63 1.05
CA MET A 5 29.42 5.98 0.03
C MET A 5 27.95 6.35 0.19
N MET A 6 27.44 7.16 -0.74
CA MET A 6 26.05 7.59 -0.70
C MET A 6 25.14 6.59 -1.42
N ALA A 7 24.18 6.05 -0.69
CA ALA A 7 23.24 5.09 -1.25
C ALA A 7 21.81 5.39 -0.83
N LEU A 8 20.92 5.48 -1.81
CA LEU A 8 19.51 5.77 -1.55
C LEU A 8 18.60 4.84 -2.36
N SER A 9 17.42 4.56 -1.81
CA SER A 9 16.46 3.70 -2.47
C SER A 9 15.03 4.22 -2.30
N LYS A 10 14.09 3.60 -3.00
CA LYS A 10 12.69 4.01 -2.91
C LYS A 10 11.85 2.93 -2.24
N THR A 11 12.27 1.67 -2.36
CA THR A 11 11.54 0.56 -1.76
C THR A 11 12.44 -0.23 -0.81
N PHE A 12 11.91 -0.56 0.37
CA PHE A 12 12.67 -1.32 1.36
C PHE A 12 11.82 -2.39 2.01
N GLY A 13 12.29 -3.64 2.00
CA GLY A 13 11.53 -4.71 2.63
C GLY A 13 10.66 -5.46 1.65
N GLN A 14 9.80 -6.32 2.19
CA GLN A 14 8.87 -7.09 1.38
C GLN A 14 7.85 -6.17 0.73
N LYS A 15 7.25 -6.61 -0.36
CA LYS A 15 6.26 -5.80 -1.07
C LYS A 15 5.00 -5.64 -0.22
N PRO A 16 4.35 -4.46 -0.30
CA PRO A 16 3.14 -4.17 0.49
C PRO A 16 2.01 -5.15 0.16
N VAL A 17 1.06 -5.26 1.08
CA VAL A 17 -0.07 -6.16 0.90
C VAL A 17 -1.05 -5.64 -0.15
N LYS A 18 -1.19 -6.41 -1.23
CA LYS A 18 -2.09 -6.08 -2.32
C LYS A 18 -3.24 -7.08 -2.39
N PHE A 19 -4.39 -6.63 -2.86
CA PHE A 19 -5.56 -7.50 -2.97
C PHE A 19 -6.46 -7.08 -4.13
N GLN A 20 -7.42 -7.94 -4.45
CA GLN A 20 -8.35 -7.66 -5.53
C GLN A 20 -9.70 -7.20 -4.97
N LEU A 21 -10.18 -6.06 -5.47
CA LEU A 21 -11.45 -5.51 -5.01
C LEU A 21 -12.53 -5.70 -6.08
N GLU A 22 -12.14 -5.69 -7.34
CA GLU A 22 -13.08 -5.85 -8.44
C GLU A 22 -12.78 -7.12 -9.23
N ASP A 23 -13.84 -7.78 -9.70
CA ASP A 23 -13.69 -9.01 -10.48
C ASP A 23 -13.04 -8.75 -11.83
N ASP A 24 -12.93 -7.48 -12.21
CA ASP A 24 -12.33 -7.12 -13.49
C ASP A 24 -10.80 -7.13 -13.43
N GLY A 25 -10.24 -7.46 -12.27
CA GLY A 25 -8.80 -7.49 -12.12
C GLY A 25 -8.23 -6.26 -11.45
N GLU A 26 -9.04 -5.60 -10.65
CA GLU A 26 -8.59 -4.40 -9.94
C GLU A 26 -7.84 -4.77 -8.67
N PHE A 27 -6.56 -4.42 -8.62
CA PHE A 27 -5.72 -4.73 -7.47
C PHE A 27 -5.32 -3.47 -6.72
N TYR A 28 -5.51 -3.48 -5.40
CA TYR A 28 -5.17 -2.34 -4.56
C TYR A 28 -4.19 -2.76 -3.47
N MET A 29 -3.60 -1.77 -2.83
CA MET A 29 -2.65 -2.02 -1.75
C MET A 29 -2.98 -1.17 -0.53
N ILE A 30 -2.67 -1.69 0.66
CA ILE A 30 -2.93 -0.93 1.88
C ILE A 30 -1.90 0.16 2.08
N GLY A 31 -2.37 1.40 2.17
CA GLY A 31 -1.47 2.54 2.34
C GLY A 31 -0.55 2.39 3.54
N SER A 32 -1.01 1.68 4.57
CA SER A 32 -0.19 1.47 5.75
C SER A 32 1.08 0.70 5.39
N GLU A 33 0.92 -0.30 4.52
CA GLU A 33 2.05 -1.10 4.08
C GLU A 33 2.95 -0.30 3.16
N VAL A 34 2.33 0.47 2.28
CA VAL A 34 3.07 1.32 1.35
C VAL A 34 3.87 2.36 2.11
N GLY A 35 3.25 2.93 3.14
CA GLY A 35 3.91 3.94 3.94
C GLY A 35 5.14 3.40 4.65
N ASN A 36 4.98 2.27 5.35
CA ASN A 36 6.11 1.68 6.04
C ASN A 36 7.16 1.20 5.05
N TYR A 37 6.69 0.76 3.88
CA TYR A 37 7.57 0.28 2.82
C TYR A 37 8.53 1.38 2.37
N LEU A 38 8.00 2.58 2.22
CA LEU A 38 8.81 3.73 1.82
C LEU A 38 9.30 4.51 3.04
N ARG A 39 8.87 4.09 4.23
CA ARG A 39 9.26 4.75 5.47
C ARG A 39 8.66 6.14 5.58
N MET A 40 7.48 6.32 5.00
CA MET A 40 6.79 7.60 5.06
C MET A 40 5.68 7.56 6.10
N PHE A 41 5.71 8.50 7.03
CA PHE A 41 4.71 8.56 8.09
C PHE A 41 4.04 9.94 8.14
N ARG A 42 3.04 10.07 9.00
CA ARG A 42 2.33 11.34 9.15
C ARG A 42 1.76 11.81 7.82
N GLY A 43 1.29 10.86 7.00
CA GLY A 43 0.74 11.20 5.71
C GLY A 43 1.80 11.67 4.74
N SER A 44 3.05 11.30 5.00
CA SER A 44 4.16 11.69 4.13
C SER A 44 3.98 11.12 2.73
N LEU A 45 3.40 9.93 2.65
CA LEU A 45 3.18 9.28 1.36
C LEU A 45 2.19 10.07 0.52
N TYR A 46 1.04 10.38 1.10
CA TYR A 46 0.01 11.15 0.40
C TYR A 46 0.48 12.58 0.15
N LYS A 47 1.16 13.15 1.13
CA LYS A 47 1.67 14.50 1.01
C LYS A 47 2.74 14.57 -0.09
N ARG A 48 3.45 13.46 -0.26
CA ARG A 48 4.50 13.38 -1.27
C ARG A 48 3.95 12.84 -2.59
N TYR A 49 2.74 12.27 -2.54
CA TYR A 49 2.11 11.71 -3.73
C TYR A 49 0.64 12.16 -3.82
N PRO A 50 0.40 13.47 -3.97
CA PRO A 50 -0.96 14.03 -4.07
C PRO A 50 -1.76 13.49 -5.24
N SER A 51 -1.08 13.17 -6.34
CA SER A 51 -1.76 12.66 -7.53
C SER A 51 -1.96 11.14 -7.46
N LEU A 52 -1.68 10.54 -6.31
CA LEU A 52 -1.83 9.10 -6.13
C LEU A 52 -3.28 8.75 -5.77
N TRP A 53 -3.78 7.66 -6.34
CA TRP A 53 -5.14 7.21 -6.06
C TRP A 53 -5.24 6.68 -4.64
N ARG A 54 -6.04 7.34 -3.81
CA ARG A 54 -6.24 6.92 -2.43
C ARG A 54 -7.69 7.07 -2.02
N ARG A 55 -8.21 6.09 -1.29
CA ARG A 55 -9.60 6.14 -0.85
C ARG A 55 -9.81 5.33 0.43
N LEU A 56 -10.80 5.73 1.23
CA LEU A 56 -11.11 5.05 2.47
C LEU A 56 -11.78 3.71 2.19
N ALA A 57 -11.63 2.76 3.11
CA ALA A 57 -12.22 1.44 2.96
C ALA A 57 -13.59 1.35 3.63
N THR A 58 -14.58 0.91 2.87
CA THR A 58 -15.93 0.76 3.38
C THR A 58 -16.00 -0.43 4.33
N VAL A 59 -17.12 -0.59 5.02
CA VAL A 59 -17.29 -1.71 5.95
C VAL A 59 -17.11 -3.04 5.22
N GLU A 60 -17.60 -3.11 3.99
CA GLU A 60 -17.47 -4.32 3.19
C GLU A 60 -16.03 -4.52 2.77
N GLU A 61 -15.39 -3.44 2.31
CA GLU A 61 -14.00 -3.50 1.88
C GLU A 61 -13.09 -3.89 3.03
N ARG A 62 -13.29 -3.25 4.19
CA ARG A 62 -12.48 -3.53 5.37
C ARG A 62 -12.64 -4.99 5.78
N LYS A 63 -13.88 -5.48 5.73
CA LYS A 63 -14.13 -6.88 6.07
C LYS A 63 -13.30 -7.77 5.16
N LYS A 64 -13.25 -7.38 3.89
CA LYS A 64 -12.47 -8.12 2.91
C LYS A 64 -10.99 -7.94 3.20
N ILE A 65 -10.62 -6.75 3.69
CA ILE A 65 -9.24 -6.45 4.02
C ILE A 65 -8.79 -7.22 5.26
N VAL A 66 -9.73 -7.57 6.13
CA VAL A 66 -9.38 -8.31 7.34
C VAL A 66 -8.79 -9.66 6.97
N ALA A 67 -9.48 -10.39 6.11
CA ALA A 67 -9.01 -11.69 5.64
C ALA A 67 -7.84 -11.51 4.66
N SER A 68 -8.00 -10.52 3.78
CA SER A 68 -6.98 -10.21 2.77
C SER A 68 -5.79 -9.48 3.39
N SER A 69 -5.93 -9.02 4.62
CA SER A 69 -4.87 -8.29 5.31
C SER A 69 -3.55 -9.05 5.34
N HIS A 70 -3.59 -10.34 4.97
CA HIS A 70 -2.38 -11.17 4.95
C HIS A 70 -1.95 -11.55 6.37
N GLY A 71 -1.45 -12.78 6.51
CA GLY A 71 -1.01 -13.24 7.82
C GLY A 71 -0.62 -14.70 7.80
N LYS A 72 0.04 -15.13 6.73
CA LYS A 72 0.48 -16.52 6.60
C LYS A 72 1.99 -16.62 6.67
N LYS A 73 2.68 -15.61 6.14
CA LYS A 73 4.14 -15.59 6.15
C LYS A 73 4.66 -15.20 7.52
N THR A 74 5.66 -15.92 8.00
CA THR A 74 6.25 -15.65 9.30
C THR A 74 5.22 -15.78 10.41
N LYS A 75 5.15 -16.96 11.02
CA LYS A 75 4.20 -17.22 12.10
C LYS A 75 4.47 -16.30 13.29
N PRO A 76 3.56 -15.36 13.57
CA PRO A 76 3.72 -14.43 14.70
C PRO A 76 3.61 -15.13 16.05
N ASN A 77 4.11 -14.47 17.09
CA ASN A 77 4.08 -15.03 18.44
C ASN A 77 3.00 -14.35 19.28
N THR A 78 1.81 -14.94 19.30
CA THR A 78 0.70 -14.39 20.06
C THR A 78 -0.05 -15.49 20.81
N LYS A 79 -0.75 -15.11 21.88
CA LYS A 79 -1.50 -16.07 22.67
C LYS A 79 -2.94 -16.16 22.19
N ASP A 80 -3.48 -15.03 21.71
CA ASP A 80 -4.85 -14.99 21.21
C ASP A 80 -4.96 -14.06 20.01
N HIS A 81 -5.96 -14.29 19.17
CA HIS A 81 -6.19 -13.47 17.99
C HIS A 81 -7.35 -12.51 18.19
N GLY A 82 -7.09 -11.22 18.00
CA GLY A 82 -8.13 -10.22 18.17
C GLY A 82 -7.94 -9.04 17.23
N TYR A 83 -8.96 -8.77 16.42
CA TYR A 83 -8.91 -7.67 15.47
C TYR A 83 -10.20 -6.85 15.52
N THR A 84 -10.05 -5.53 15.53
CA THR A 84 -11.21 -4.64 15.58
C THR A 84 -10.81 -3.21 15.20
N THR A 85 -9.68 -2.76 15.73
CA THR A 85 -9.18 -1.41 15.45
C THR A 85 -8.86 -1.25 13.96
N LEU A 86 -8.36 -2.32 13.35
CA LEU A 86 -8.01 -2.29 11.94
C LEU A 86 -9.24 -2.25 11.05
N ALA A 87 -10.42 -2.38 11.64
CA ALA A 87 -11.67 -2.35 10.90
C ALA A 87 -12.43 -1.05 11.13
N THR A 88 -11.69 0.02 11.40
CA THR A 88 -12.29 1.32 11.64
C THR A 88 -11.96 2.30 10.52
N SER A 89 -10.73 2.21 10.01
CA SER A 89 -10.29 3.08 8.93
C SER A 89 -9.10 2.47 8.18
N VAL A 90 -9.34 2.06 6.94
CA VAL A 90 -8.28 1.47 6.13
C VAL A 90 -8.10 2.25 4.82
N THR A 91 -6.86 2.62 4.53
CA THR A 91 -6.56 3.37 3.32
C THR A 91 -6.23 2.44 2.16
N LEU A 92 -6.85 2.69 1.02
CA LEU A 92 -6.63 1.86 -0.17
C LEU A 92 -5.92 2.65 -1.27
N LEU A 93 -5.07 1.95 -2.01
CA LEU A 93 -4.32 2.57 -3.11
C LEU A 93 -4.34 1.67 -4.34
N LYS A 94 -4.23 2.27 -5.52
CA LYS A 94 -4.24 1.51 -6.77
C LYS A 94 -2.91 0.81 -6.99
N ALA A 95 -2.97 -0.51 -7.13
CA ALA A 95 -1.77 -1.32 -7.35
C ALA A 95 -0.92 -0.78 -8.48
N SER A 96 -1.58 -0.21 -9.49
CA SER A 96 -0.88 0.36 -10.63
C SER A 96 0.01 1.52 -10.19
N GLU A 97 -0.53 2.37 -9.32
CA GLU A 97 0.21 3.52 -8.82
C GLU A 97 1.40 3.08 -7.97
N VAL A 98 1.13 2.18 -7.03
CA VAL A 98 2.18 1.66 -6.15
C VAL A 98 3.25 0.93 -6.95
N GLU A 99 2.82 0.03 -7.81
CA GLU A 99 3.74 -0.75 -8.63
C GLU A 99 4.66 0.18 -9.42
N GLU A 100 4.10 1.23 -10.00
CA GLU A 100 4.88 2.18 -10.78
C GLU A 100 5.95 2.84 -9.90
N ILE A 101 5.54 3.33 -8.73
CA ILE A 101 6.48 3.99 -7.83
C ILE A 101 7.55 2.99 -7.40
N LEU A 102 7.14 1.75 -7.16
CA LEU A 102 8.06 0.70 -6.77
C LEU A 102 9.00 0.38 -7.93
N ASP A 103 8.47 0.50 -9.15
CA ASP A 103 9.26 0.24 -10.35
C ASP A 103 10.16 1.44 -10.66
N GLY A 104 9.88 2.55 -9.99
CA GLY A 104 10.66 3.77 -10.18
C GLY A 104 9.97 4.77 -11.08
N ASN A 105 8.75 4.45 -11.48
CA ASN A 105 7.96 5.36 -12.31
C ASN A 105 6.90 6.01 -11.45
N ASP A 106 7.04 7.31 -11.22
CA ASP A 106 6.07 8.02 -10.39
C ASP A 106 6.24 9.54 -10.49
N GLU A 107 6.88 9.99 -11.54
CA GLU A 107 7.12 11.42 -11.75
C GLU A 107 5.83 12.22 -11.64
N LYS A 108 4.79 11.74 -12.31
CA LYS A 108 3.49 12.40 -12.30
C LYS A 108 2.76 12.19 -10.98
N TYR A 109 3.29 11.29 -10.14
CA TYR A 109 2.66 10.99 -8.87
C TYR A 109 3.10 11.95 -7.77
N LYS A 110 4.40 12.21 -7.66
CA LYS A 110 4.89 13.13 -6.63
C LYS A 110 4.75 14.59 -7.08
N ALA A 111 4.36 14.79 -8.33
CA ALA A 111 4.18 16.13 -8.87
C ALA A 111 2.71 16.53 -8.95
N VAL A 112 1.86 15.81 -8.19
CA VAL A 112 0.43 16.09 -8.18
C VAL A 112 -0.12 16.33 -9.58
N SER A 113 0.38 15.56 -10.55
CA SER A 113 -0.05 15.71 -11.94
C SER A 113 -1.07 14.63 -12.30
N ILE A 114 -1.98 14.97 -13.21
CA ILE A 114 -3.01 14.04 -13.63
C ILE A 114 -3.82 14.61 -14.80
N SER A 115 -4.13 15.90 -14.71
CA SER A 115 -4.89 16.57 -15.76
C SER A 115 -6.26 15.93 -15.94
N GLY A 2 24.86 -10.93 -8.41
CA GLY A 2 24.91 -11.21 -6.95
C GLY A 2 23.72 -10.63 -6.20
N SER A 3 23.28 -11.35 -5.17
CA SER A 3 22.14 -10.90 -4.37
C SER A 3 22.50 -9.67 -3.55
N MET A 4 21.54 -9.19 -2.77
CA MET A 4 21.75 -8.01 -1.93
C MET A 4 22.08 -6.79 -2.79
N MET A 5 21.99 -5.62 -2.19
CA MET A 5 22.29 -4.37 -2.88
C MET A 5 23.58 -3.74 -2.38
N MET A 6 24.44 -3.33 -3.31
CA MET A 6 25.71 -2.71 -2.95
C MET A 6 25.74 -1.24 -3.36
N ALA A 7 25.10 -0.92 -4.48
CA ALA A 7 25.05 0.44 -4.98
C ALA A 7 23.64 0.83 -5.40
N LEU A 8 23.17 1.97 -4.91
CA LEU A 8 21.83 2.45 -5.24
C LEU A 8 20.77 1.45 -4.79
N SER A 9 19.53 1.93 -4.66
CA SER A 9 18.43 1.08 -4.24
C SER A 9 17.17 1.40 -5.03
N LYS A 10 16.32 0.40 -5.22
CA LYS A 10 15.07 0.57 -5.96
C LYS A 10 13.88 0.65 -5.01
N THR A 11 13.96 -0.10 -3.91
CA THR A 11 12.88 -0.10 -2.93
C THR A 11 13.40 -0.46 -1.54
N PHE A 12 12.54 -0.35 -0.54
CA PHE A 12 12.93 -0.66 0.83
C PHE A 12 11.83 -1.45 1.53
N GLY A 13 12.18 -2.60 2.09
CA GLY A 13 11.19 -3.37 2.83
C GLY A 13 10.52 -4.45 2.02
N GLN A 14 9.49 -5.05 2.63
CA GLN A 14 8.69 -6.10 2.02
C GLN A 14 7.58 -5.49 1.16
N LYS A 15 7.06 -6.27 0.22
CA LYS A 15 6.00 -5.77 -0.66
C LYS A 15 4.73 -5.54 0.14
N PRO A 16 4.06 -4.39 -0.07
CA PRO A 16 2.83 -4.05 0.65
C PRO A 16 1.72 -5.05 0.38
N VAL A 17 0.78 -5.14 1.31
CA VAL A 17 -0.32 -6.06 1.18
C VAL A 17 -1.31 -5.58 0.12
N LYS A 18 -1.44 -6.39 -0.93
CA LYS A 18 -2.34 -6.08 -2.03
C LYS A 18 -3.54 -7.03 -2.01
N PHE A 19 -4.63 -6.62 -2.64
CA PHE A 19 -5.82 -7.44 -2.69
C PHE A 19 -6.72 -7.04 -3.84
N GLN A 20 -7.72 -7.87 -4.13
CA GLN A 20 -8.66 -7.59 -5.21
C GLN A 20 -9.97 -7.09 -4.64
N LEU A 21 -10.44 -5.95 -5.15
CA LEU A 21 -11.69 -5.37 -4.68
C LEU A 21 -12.80 -5.50 -5.72
N GLU A 22 -12.41 -5.67 -6.98
CA GLU A 22 -13.38 -5.80 -8.06
C GLU A 22 -13.13 -7.07 -8.88
N ASP A 23 -14.22 -7.69 -9.32
CA ASP A 23 -14.14 -8.91 -10.11
C ASP A 23 -13.43 -8.69 -11.44
N ASP A 24 -13.22 -7.43 -11.82
CA ASP A 24 -12.57 -7.11 -13.08
C ASP A 24 -11.04 -7.22 -12.98
N GLY A 25 -10.54 -7.63 -11.82
CA GLY A 25 -9.11 -7.78 -11.65
C GLY A 25 -8.45 -6.58 -11.01
N GLU A 26 -9.26 -5.66 -10.48
CA GLU A 26 -8.71 -4.46 -9.84
C GLU A 26 -8.02 -4.82 -8.52
N PHE A 27 -6.72 -4.57 -8.48
CA PHE A 27 -5.92 -4.86 -7.29
C PHE A 27 -5.48 -3.59 -6.59
N TYR A 28 -5.70 -3.53 -5.28
CA TYR A 28 -5.32 -2.38 -4.49
C TYR A 28 -4.35 -2.79 -3.39
N MET A 29 -3.73 -1.79 -2.78
CA MET A 29 -2.78 -2.02 -1.70
C MET A 29 -3.05 -1.08 -0.54
N ILE A 30 -2.68 -1.50 0.67
CA ILE A 30 -2.91 -0.67 1.84
C ILE A 30 -1.83 0.42 1.97
N GLY A 31 -2.28 1.67 2.00
CA GLY A 31 -1.37 2.79 2.10
C GLY A 31 -0.43 2.69 3.28
N SER A 32 -0.92 2.15 4.39
CA SER A 32 -0.09 1.99 5.58
C SER A 32 1.14 1.14 5.24
N GLU A 33 0.91 0.10 4.43
CA GLU A 33 1.99 -0.78 4.02
C GLU A 33 2.95 -0.03 3.13
N VAL A 34 2.40 0.77 2.22
CA VAL A 34 3.21 1.57 1.31
C VAL A 34 4.04 2.57 2.11
N GLY A 35 3.43 3.17 3.13
CA GLY A 35 4.12 4.13 3.95
C GLY A 35 5.36 3.55 4.60
N ASN A 36 5.19 2.40 5.25
CA ASN A 36 6.33 1.74 5.88
C ASN A 36 7.36 1.34 4.83
N TYR A 37 6.87 1.02 3.64
CA TYR A 37 7.72 0.63 2.52
C TYR A 37 8.70 1.74 2.15
N LEU A 38 8.22 2.98 2.14
CA LEU A 38 9.08 4.12 1.81
C LEU A 38 9.50 4.88 3.07
N ARG A 39 9.07 4.38 4.23
CA ARG A 39 9.40 5.02 5.50
C ARG A 39 8.71 6.36 5.65
N MET A 40 7.56 6.51 5.01
CA MET A 40 6.80 7.75 5.10
C MET A 40 5.65 7.60 6.09
N PHE A 41 5.58 8.50 7.05
CA PHE A 41 4.54 8.47 8.07
C PHE A 41 3.82 9.81 8.17
N ARG A 42 2.78 9.86 8.98
CA ARG A 42 2.00 11.08 9.16
C ARG A 42 1.47 11.59 7.83
N GLY A 43 1.09 10.66 6.96
CA GLY A 43 0.57 11.04 5.66
C GLY A 43 1.64 11.56 4.73
N SER A 44 2.89 11.22 5.02
CA SER A 44 4.02 11.66 4.20
C SER A 44 3.88 11.16 2.77
N LEU A 45 3.30 9.96 2.62
CA LEU A 45 3.10 9.36 1.31
C LEU A 45 2.13 10.20 0.48
N TYR A 46 0.97 10.49 1.04
CA TYR A 46 -0.05 11.28 0.35
C TYR A 46 0.44 12.70 0.11
N LYS A 47 1.20 13.24 1.06
CA LYS A 47 1.72 14.59 0.95
C LYS A 47 2.78 14.67 -0.15
N ARG A 48 3.53 13.58 -0.33
CA ARG A 48 4.57 13.53 -1.35
C ARG A 48 4.03 12.95 -2.65
N TYR A 49 2.83 12.39 -2.61
CA TYR A 49 2.21 11.80 -3.79
C TYR A 49 0.74 12.23 -3.91
N PRO A 50 0.50 13.53 -4.13
CA PRO A 50 -0.86 14.07 -4.26
C PRO A 50 -1.62 13.50 -5.45
N SER A 51 -0.88 13.09 -6.48
CA SER A 51 -1.50 12.54 -7.69
C SER A 51 -1.74 11.03 -7.55
N LEU A 52 -1.53 10.49 -6.35
CA LEU A 52 -1.71 9.07 -6.11
C LEU A 52 -3.16 8.76 -5.72
N TRP A 53 -3.69 7.68 -6.30
CA TRP A 53 -5.05 7.25 -6.02
C TRP A 53 -5.17 6.72 -4.60
N ARG A 54 -5.95 7.40 -3.76
CA ARG A 54 -6.14 6.98 -2.38
C ARG A 54 -7.59 7.14 -1.96
N ARG A 55 -8.10 6.16 -1.22
CA ARG A 55 -9.49 6.21 -0.76
C ARG A 55 -9.67 5.39 0.52
N LEU A 56 -10.71 5.72 1.28
CA LEU A 56 -11.00 5.01 2.51
C LEU A 56 -11.94 3.84 2.23
N ALA A 57 -11.59 2.66 2.75
CA ALA A 57 -12.41 1.46 2.54
C ALA A 57 -13.59 1.43 3.50
N THR A 58 -14.73 0.94 3.01
CA THR A 58 -15.93 0.84 3.82
C THR A 58 -15.78 -0.26 4.85
N VAL A 59 -16.69 -0.30 5.82
CA VAL A 59 -16.66 -1.32 6.86
C VAL A 59 -16.61 -2.71 6.24
N GLU A 60 -17.49 -2.95 5.27
CA GLU A 60 -17.53 -4.23 4.59
C GLU A 60 -16.22 -4.47 3.85
N GLU A 61 -15.68 -3.42 3.25
CA GLU A 61 -14.42 -3.51 2.53
C GLU A 61 -13.28 -3.91 3.46
N ARG A 62 -13.25 -3.32 4.65
CA ARG A 62 -12.21 -3.62 5.62
C ARG A 62 -12.29 -5.09 6.03
N LYS A 63 -13.52 -5.58 6.24
CA LYS A 63 -13.73 -6.96 6.60
C LYS A 63 -13.13 -7.88 5.54
N LYS A 64 -13.40 -7.54 4.28
CA LYS A 64 -12.87 -8.32 3.17
C LYS A 64 -11.36 -8.12 3.08
N ILE A 65 -10.90 -6.92 3.41
CA ILE A 65 -9.48 -6.61 3.39
C ILE A 65 -8.70 -7.53 4.33
N VAL A 66 -9.23 -7.69 5.54
CA VAL A 66 -8.58 -8.54 6.53
C VAL A 66 -8.42 -9.97 6.03
N ALA A 67 -9.51 -10.54 5.51
CA ALA A 67 -9.50 -11.91 5.01
C ALA A 67 -8.75 -12.01 3.68
N SER A 68 -9.02 -11.09 2.77
CA SER A 68 -8.38 -11.10 1.46
C SER A 68 -6.91 -10.70 1.52
N SER A 69 -6.62 -9.57 2.17
CA SER A 69 -5.25 -9.08 2.29
C SER A 69 -4.39 -10.04 3.09
N HIS A 70 -4.81 -10.34 4.31
CA HIS A 70 -4.06 -11.24 5.18
C HIS A 70 -4.87 -11.62 6.43
N GLY A 71 -4.71 -10.85 7.50
CA GLY A 71 -5.44 -11.12 8.72
C GLY A 71 -4.70 -12.08 9.64
N LYS A 72 -4.71 -13.36 9.28
CA LYS A 72 -4.04 -14.37 10.08
C LYS A 72 -2.55 -14.44 9.74
N LYS A 73 -1.71 -14.16 10.73
CA LYS A 73 -0.27 -14.19 10.53
C LYS A 73 0.38 -15.24 11.42
N THR A 74 1.41 -15.91 10.89
CA THR A 74 2.12 -16.95 11.64
C THR A 74 3.49 -16.46 12.07
N LYS A 75 3.52 -15.45 12.95
CA LYS A 75 4.77 -14.89 13.44
C LYS A 75 4.55 -14.19 14.78
N PRO A 76 5.39 -14.50 15.79
CA PRO A 76 5.28 -13.88 17.12
C PRO A 76 5.28 -12.35 17.05
N ASN A 77 4.11 -11.76 17.15
CA ASN A 77 3.98 -10.31 17.09
C ASN A 77 2.77 -9.84 17.92
N THR A 78 2.92 -8.68 18.56
CA THR A 78 1.86 -8.13 19.38
C THR A 78 1.40 -9.12 20.45
N LYS A 79 0.43 -8.70 21.26
CA LYS A 79 -0.09 -9.55 22.32
C LYS A 79 -1.52 -9.99 22.02
N ASP A 80 -2.27 -9.11 21.36
CA ASP A 80 -3.65 -9.40 21.00
C ASP A 80 -3.73 -10.14 19.67
N HIS A 81 -4.51 -11.22 19.64
CA HIS A 81 -4.66 -12.02 18.43
C HIS A 81 -5.71 -11.40 17.50
N GLY A 82 -6.75 -10.81 18.09
CA GLY A 82 -7.78 -10.18 17.30
C GLY A 82 -7.28 -9.03 16.47
N TYR A 83 -7.77 -8.93 15.23
CA TYR A 83 -7.35 -7.86 14.33
C TYR A 83 -8.11 -6.57 14.63
N THR A 84 -7.39 -5.45 14.63
CA THR A 84 -7.99 -4.15 14.90
C THR A 84 -7.11 -3.03 14.39
N THR A 85 -6.39 -3.29 13.31
CA THR A 85 -5.49 -2.30 12.72
C THR A 85 -5.91 -1.96 11.28
N LEU A 86 -6.94 -2.65 10.78
CA LEU A 86 -7.42 -2.42 9.43
C LEU A 86 -8.90 -2.76 9.30
N ALA A 87 -9.64 -2.53 10.38
CA ALA A 87 -11.08 -2.82 10.39
C ALA A 87 -11.90 -1.56 10.69
N THR A 88 -11.24 -0.53 11.23
CA THR A 88 -11.90 0.72 11.55
C THR A 88 -11.61 1.78 10.50
N SER A 89 -10.42 1.71 9.92
CA SER A 89 -10.01 2.66 8.89
C SER A 89 -8.87 2.09 8.05
N VAL A 90 -9.17 1.74 6.80
CA VAL A 90 -8.18 1.18 5.89
C VAL A 90 -7.97 2.08 4.69
N THR A 91 -6.71 2.40 4.42
CA THR A 91 -6.36 3.26 3.28
C THR A 91 -6.10 2.40 2.05
N LEU A 92 -6.89 2.63 1.00
CA LEU A 92 -6.74 1.88 -0.24
C LEU A 92 -5.95 2.68 -1.27
N LEU A 93 -5.14 1.95 -2.06
CA LEU A 93 -4.33 2.57 -3.11
C LEU A 93 -4.30 1.70 -4.36
N LYS A 94 -4.02 2.32 -5.50
CA LYS A 94 -3.97 1.59 -6.76
C LYS A 94 -2.70 0.75 -6.87
N ALA A 95 -2.86 -0.56 -7.02
CA ALA A 95 -1.73 -1.47 -7.13
C ALA A 95 -0.70 -0.99 -8.15
N SER A 96 -1.16 -0.71 -9.36
CA SER A 96 -0.29 -0.25 -10.42
C SER A 96 0.48 1.00 -10.00
N GLU A 97 -0.14 1.84 -9.19
CA GLU A 97 0.51 3.07 -8.73
C GLU A 97 1.67 2.75 -7.79
N VAL A 98 1.41 1.91 -6.80
CA VAL A 98 2.45 1.53 -5.86
C VAL A 98 3.60 0.84 -6.57
N GLU A 99 3.25 -0.14 -7.39
CA GLU A 99 4.25 -0.89 -8.15
C GLU A 99 5.12 0.06 -8.98
N GLU A 100 4.50 1.08 -9.55
CA GLU A 100 5.22 2.05 -10.37
C GLU A 100 6.25 2.80 -9.53
N ILE A 101 5.81 3.32 -8.38
CA ILE A 101 6.71 4.05 -7.50
C ILE A 101 7.81 3.14 -7.00
N LEU A 102 7.45 1.89 -6.71
CA LEU A 102 8.41 0.90 -6.26
C LEU A 102 9.38 0.56 -7.39
N ASP A 103 8.86 0.61 -8.62
CA ASP A 103 9.67 0.32 -9.80
C ASP A 103 10.53 1.53 -10.15
N GLY A 104 10.20 2.67 -9.55
CA GLY A 104 10.94 3.89 -9.79
C GLY A 104 10.23 4.82 -10.76
N ASN A 105 9.03 4.45 -11.16
CA ASN A 105 8.22 5.27 -12.05
C ASN A 105 7.12 5.94 -11.24
N ASP A 106 7.20 7.26 -11.09
CA ASP A 106 6.20 7.97 -10.30
C ASP A 106 6.31 9.49 -10.46
N GLU A 107 6.97 9.92 -11.53
CA GLU A 107 7.16 11.35 -11.79
C GLU A 107 5.83 12.09 -11.74
N LYS A 108 4.81 11.52 -12.38
CA LYS A 108 3.49 12.12 -12.41
C LYS A 108 2.77 11.97 -11.08
N TYR A 109 3.21 11.03 -10.25
CA TYR A 109 2.59 10.78 -8.97
C TYR A 109 2.96 11.85 -7.93
N LYS A 110 4.25 12.19 -7.84
CA LYS A 110 4.67 13.20 -6.87
C LYS A 110 4.53 14.61 -7.45
N ALA A 111 4.26 14.70 -8.74
CA ALA A 111 4.11 15.99 -9.41
C ALA A 111 2.64 16.43 -9.46
N VAL A 112 1.82 15.84 -8.60
CA VAL A 112 0.39 16.16 -8.54
C VAL A 112 -0.22 16.27 -9.94
N SER A 113 0.24 15.41 -10.85
CA SER A 113 -0.25 15.42 -12.22
C SER A 113 -1.66 14.86 -12.29
N ILE A 114 -2.64 15.71 -11.97
CA ILE A 114 -4.05 15.30 -12.00
C ILE A 114 -4.87 16.20 -12.91
N SER A 115 -4.60 17.50 -12.83
CA SER A 115 -5.31 18.48 -13.64
C SER A 115 -4.40 19.04 -14.73
N GLY A 2 26.21 11.77 -10.15
CA GLY A 2 26.30 10.87 -8.98
C GLY A 2 27.73 10.70 -8.48
N SER A 3 28.22 11.68 -7.75
CA SER A 3 29.57 11.64 -7.21
C SER A 3 29.56 11.58 -5.69
N MET A 4 28.65 12.33 -5.08
CA MET A 4 28.52 12.37 -3.63
C MET A 4 27.31 11.56 -3.17
N MET A 5 26.96 10.53 -3.94
CA MET A 5 25.83 9.68 -3.61
C MET A 5 24.54 10.49 -3.52
N MET A 6 23.85 10.65 -4.64
CA MET A 6 22.60 11.41 -4.67
C MET A 6 21.41 10.48 -4.83
N ALA A 7 21.61 9.37 -5.51
CA ALA A 7 20.55 8.40 -5.73
C ALA A 7 21.07 6.97 -5.61
N LEU A 8 20.34 6.14 -4.88
CA LEU A 8 20.73 4.74 -4.69
C LEU A 8 19.50 3.83 -4.65
N SER A 9 18.50 4.24 -3.88
CA SER A 9 17.27 3.46 -3.76
C SER A 9 16.13 4.34 -3.25
N LYS A 10 14.94 4.12 -3.80
CA LYS A 10 13.76 4.89 -3.41
C LYS A 10 12.78 4.03 -2.61
N THR A 11 12.76 2.73 -2.92
CA THR A 11 11.87 1.80 -2.24
C THR A 11 12.65 0.98 -1.20
N PHE A 12 12.04 0.78 -0.03
CA PHE A 12 12.68 0.02 1.03
C PHE A 12 11.70 -0.93 1.71
N GLY A 13 12.08 -2.20 1.81
CA GLY A 13 11.23 -3.17 2.48
C GLY A 13 10.40 -4.04 1.55
N GLN A 14 9.60 -4.90 2.16
CA GLN A 14 8.72 -5.83 1.46
C GLN A 14 7.57 -5.11 0.76
N LYS A 15 6.99 -5.77 -0.23
CA LYS A 15 5.88 -5.20 -0.99
C LYS A 15 4.65 -5.08 -0.10
N PRO A 16 3.87 -4.00 -0.28
CA PRO A 16 2.66 -3.76 0.52
C PRO A 16 1.60 -4.82 0.31
N VAL A 17 0.68 -4.93 1.26
CA VAL A 17 -0.38 -5.90 1.16
C VAL A 17 -1.40 -5.48 0.10
N LYS A 18 -1.51 -6.28 -0.95
CA LYS A 18 -2.43 -6.00 -2.03
C LYS A 18 -3.62 -6.95 -1.99
N PHE A 19 -4.72 -6.55 -2.63
CA PHE A 19 -5.92 -7.37 -2.65
C PHE A 19 -6.82 -6.99 -3.82
N GLN A 20 -7.81 -7.82 -4.11
CA GLN A 20 -8.74 -7.57 -5.19
C GLN A 20 -10.07 -7.06 -4.64
N LEU A 21 -10.54 -5.93 -5.16
CA LEU A 21 -11.80 -5.35 -4.72
C LEU A 21 -12.88 -5.50 -5.78
N GLU A 22 -12.47 -5.60 -7.04
CA GLU A 22 -13.42 -5.76 -8.14
C GLU A 22 -13.18 -7.05 -8.90
N ASP A 23 -14.28 -7.67 -9.35
CA ASP A 23 -14.20 -8.93 -10.10
C ASP A 23 -13.53 -8.73 -11.46
N ASP A 24 -13.34 -7.49 -11.86
CA ASP A 24 -12.72 -7.19 -13.15
C ASP A 24 -11.19 -7.26 -13.08
N GLY A 25 -10.66 -7.59 -11.91
CA GLY A 25 -9.23 -7.70 -11.75
C GLY A 25 -8.59 -6.46 -11.16
N GLU A 26 -9.37 -5.71 -10.37
CA GLU A 26 -8.85 -4.50 -9.75
C GLU A 26 -8.11 -4.84 -8.47
N PHE A 27 -6.81 -4.55 -8.44
CA PHE A 27 -5.98 -4.83 -7.28
C PHE A 27 -5.55 -3.54 -6.59
N TYR A 28 -5.73 -3.49 -5.28
CA TYR A 28 -5.36 -2.33 -4.50
C TYR A 28 -4.39 -2.71 -3.39
N MET A 29 -3.76 -1.70 -2.79
CA MET A 29 -2.81 -1.92 -1.72
C MET A 29 -3.11 -0.98 -0.56
N ILE A 30 -2.79 -1.42 0.66
CA ILE A 30 -3.04 -0.60 1.84
C ILE A 30 -1.97 0.49 1.99
N GLY A 31 -2.43 1.74 2.05
CA GLY A 31 -1.53 2.87 2.17
C GLY A 31 -0.59 2.75 3.36
N SER A 32 -1.08 2.19 4.45
CA SER A 32 -0.25 2.01 5.64
C SER A 32 0.97 1.18 5.29
N GLU A 33 0.78 0.17 4.46
CA GLU A 33 1.87 -0.69 4.03
C GLU A 33 2.84 0.08 3.16
N VAL A 34 2.28 0.84 2.22
CA VAL A 34 3.09 1.66 1.32
C VAL A 34 3.90 2.67 2.14
N GLY A 35 3.26 3.24 3.15
CA GLY A 35 3.93 4.19 4.01
C GLY A 35 5.16 3.60 4.66
N ASN A 36 5.01 2.44 5.28
CA ASN A 36 6.15 1.79 5.92
C ASN A 36 7.22 1.46 4.89
N TYR A 37 6.79 1.17 3.67
CA TYR A 37 7.70 0.84 2.57
C TYR A 37 8.65 2.00 2.31
N LEU A 38 8.11 3.21 2.29
CA LEU A 38 8.92 4.40 2.05
C LEU A 38 9.29 5.11 3.36
N ARG A 39 8.85 4.54 4.48
CA ARG A 39 9.13 5.11 5.79
C ARG A 39 8.41 6.44 5.98
N MET A 40 7.31 6.63 5.27
CA MET A 40 6.53 7.85 5.38
C MET A 40 5.32 7.64 6.28
N PHE A 41 5.18 8.49 7.29
CA PHE A 41 4.07 8.39 8.22
C PHE A 41 3.33 9.73 8.34
N ARG A 42 2.23 9.73 9.07
CA ARG A 42 1.44 10.93 9.27
C ARG A 42 1.02 11.53 7.92
N GLY A 43 0.56 10.67 7.02
CA GLY A 43 0.14 11.14 5.71
C GLY A 43 1.28 11.69 4.88
N SER A 44 2.51 11.32 5.24
CA SER A 44 3.69 11.78 4.53
C SER A 44 3.72 11.21 3.11
N LEU A 45 3.21 9.99 2.96
CA LEU A 45 3.18 9.33 1.65
C LEU A 45 2.26 10.09 0.70
N TYR A 46 1.03 10.33 1.15
CA TYR A 46 0.06 11.05 0.33
C TYR A 46 0.53 12.47 0.05
N LYS A 47 1.22 13.06 1.02
CA LYS A 47 1.74 14.42 0.87
C LYS A 47 2.80 14.47 -0.22
N ARG A 48 3.63 13.44 -0.28
CA ARG A 48 4.69 13.36 -1.28
C ARG A 48 4.16 12.81 -2.60
N TYR A 49 2.98 12.18 -2.55
CA TYR A 49 2.36 11.62 -3.75
C TYR A 49 0.88 11.99 -3.82
N PRO A 50 0.58 13.29 -3.96
CA PRO A 50 -0.81 13.78 -4.03
C PRO A 50 -1.57 13.24 -5.24
N SER A 51 -0.86 12.95 -6.32
CA SER A 51 -1.48 12.43 -7.54
C SER A 51 -1.84 10.96 -7.38
N LEU A 52 -1.35 10.34 -6.32
CA LEU A 52 -1.61 8.93 -6.05
C LEU A 52 -3.07 8.70 -5.67
N TRP A 53 -3.66 7.66 -6.24
CA TRP A 53 -5.05 7.32 -5.97
C TRP A 53 -5.20 6.78 -4.55
N ARG A 54 -5.99 7.48 -3.74
CA ARG A 54 -6.21 7.05 -2.36
C ARG A 54 -7.70 7.11 -2.02
N ARG A 55 -8.19 6.09 -1.32
CA ARG A 55 -9.60 6.05 -0.94
C ARG A 55 -9.81 5.21 0.32
N LEU A 56 -10.74 5.64 1.16
CA LEU A 56 -11.05 4.91 2.39
C LEU A 56 -12.06 3.79 2.11
N ALA A 57 -11.79 2.61 2.65
CA ALA A 57 -12.68 1.46 2.44
C ALA A 57 -13.75 1.38 3.52
N THR A 58 -14.92 0.87 3.13
CA THR A 58 -16.04 0.72 4.05
C THR A 58 -15.76 -0.41 5.03
N VAL A 59 -16.52 -0.45 6.13
CA VAL A 59 -16.33 -1.51 7.13
C VAL A 59 -16.39 -2.89 6.47
N GLU A 60 -17.22 -3.01 5.45
CA GLU A 60 -17.36 -4.26 4.72
C GLU A 60 -16.11 -4.54 3.90
N GLU A 61 -15.69 -3.55 3.12
CA GLU A 61 -14.50 -3.68 2.29
C GLU A 61 -13.27 -3.98 3.16
N ARG A 62 -13.19 -3.30 4.30
CA ARG A 62 -12.08 -3.50 5.22
C ARG A 62 -12.07 -4.93 5.74
N LYS A 63 -13.26 -5.45 6.06
CA LYS A 63 -13.36 -6.83 6.52
C LYS A 63 -12.79 -7.76 5.47
N LYS A 64 -13.13 -7.50 4.21
CA LYS A 64 -12.64 -8.29 3.09
C LYS A 64 -11.14 -8.07 2.92
N ILE A 65 -10.70 -6.85 3.19
CA ILE A 65 -9.28 -6.51 3.07
C ILE A 65 -8.42 -7.38 3.98
N VAL A 66 -8.84 -7.50 5.23
CA VAL A 66 -8.11 -8.30 6.20
C VAL A 66 -8.01 -9.76 5.76
N ALA A 67 -9.14 -10.35 5.37
CA ALA A 67 -9.19 -11.74 4.95
C ALA A 67 -8.53 -11.93 3.58
N SER A 68 -8.85 -11.07 2.63
CA SER A 68 -8.30 -11.16 1.28
C SER A 68 -6.83 -10.74 1.22
N SER A 69 -6.53 -9.57 1.77
CA SER A 69 -5.16 -9.06 1.75
C SER A 69 -4.26 -9.84 2.70
N HIS A 70 -4.73 -10.01 3.94
CA HIS A 70 -3.96 -10.74 4.94
C HIS A 70 -4.51 -12.14 5.18
N GLY A 71 -3.64 -13.05 5.59
CA GLY A 71 -4.04 -14.40 5.85
C GLY A 71 -3.16 -15.42 5.15
N LYS A 72 -2.85 -15.14 3.89
CA LYS A 72 -2.01 -16.04 3.10
C LYS A 72 -0.68 -15.37 2.75
N LYS A 73 -0.72 -14.06 2.52
CA LYS A 73 0.47 -13.30 2.19
C LYS A 73 0.93 -12.44 3.35
N THR A 74 2.22 -12.10 3.37
CA THR A 74 2.77 -11.27 4.44
C THR A 74 2.59 -11.95 5.80
N LYS A 75 3.71 -12.41 6.37
CA LYS A 75 3.67 -13.07 7.67
C LYS A 75 4.97 -12.82 8.43
N PRO A 76 5.13 -11.61 9.00
CA PRO A 76 6.33 -11.26 9.77
C PRO A 76 6.64 -12.26 10.87
N ASN A 77 7.44 -13.27 10.54
CA ASN A 77 7.82 -14.30 11.51
C ASN A 77 6.59 -15.12 11.91
N THR A 78 5.77 -14.56 12.80
CA THR A 78 4.58 -15.23 13.27
C THR A 78 3.38 -14.28 13.32
N LYS A 79 2.22 -14.81 13.64
CA LYS A 79 1.01 -14.00 13.72
C LYS A 79 0.70 -13.36 12.37
N ASP A 80 -0.39 -12.59 12.33
CA ASP A 80 -0.79 -11.91 11.10
C ASP A 80 -0.88 -10.41 11.32
N HIS A 81 -1.45 -10.00 12.45
CA HIS A 81 -1.59 -8.58 12.78
C HIS A 81 -2.44 -7.87 11.73
N GLY A 82 -2.90 -6.67 12.08
CA GLY A 82 -3.72 -5.90 11.16
C GLY A 82 -5.16 -6.40 11.11
N TYR A 83 -5.86 -6.31 12.23
CA TYR A 83 -7.24 -6.76 12.30
C TYR A 83 -8.01 -5.98 13.37
N THR A 84 -7.41 -5.84 14.54
CA THR A 84 -8.02 -5.13 15.64
C THR A 84 -8.06 -3.62 15.36
N THR A 85 -7.02 -3.13 14.71
CA THR A 85 -6.93 -1.70 14.38
C THR A 85 -6.96 -1.49 12.86
N LEU A 86 -6.79 -2.56 12.10
CA LEU A 86 -6.79 -2.47 10.64
C LEU A 86 -8.22 -2.53 10.09
N ALA A 87 -9.21 -2.47 10.97
CA ALA A 87 -10.61 -2.51 10.54
C ALA A 87 -11.30 -1.18 10.78
N THR A 88 -10.76 -0.40 11.71
CA THR A 88 -11.34 0.91 12.03
C THR A 88 -11.07 1.91 10.92
N SER A 89 -9.92 1.75 10.26
CA SER A 89 -9.54 2.65 9.17
C SER A 89 -8.58 1.95 8.21
N VAL A 90 -8.99 1.85 6.95
CA VAL A 90 -8.17 1.19 5.93
C VAL A 90 -8.04 2.08 4.70
N THR A 91 -6.81 2.45 4.36
CA THR A 91 -6.55 3.28 3.19
C THR A 91 -6.27 2.43 1.97
N LEU A 92 -6.94 2.74 0.87
CA LEU A 92 -6.76 1.98 -0.36
C LEU A 92 -5.91 2.75 -1.38
N LEU A 93 -5.11 2.01 -2.13
CA LEU A 93 -4.23 2.58 -3.14
C LEU A 93 -4.29 1.75 -4.42
N LYS A 94 -4.04 2.38 -5.57
CA LYS A 94 -4.07 1.66 -6.84
C LYS A 94 -2.80 0.82 -7.01
N ALA A 95 -2.99 -0.48 -7.18
CA ALA A 95 -1.88 -1.41 -7.35
C ALA A 95 -0.88 -0.91 -8.40
N SER A 96 -1.39 -0.50 -9.54
CA SER A 96 -0.54 -0.02 -10.63
C SER A 96 0.32 1.15 -10.17
N GLU A 97 -0.25 2.01 -9.32
CA GLU A 97 0.49 3.17 -8.83
C GLU A 97 1.62 2.74 -7.90
N VAL A 98 1.31 1.88 -6.94
CA VAL A 98 2.32 1.40 -6.00
C VAL A 98 3.42 0.66 -6.74
N GLU A 99 3.01 -0.23 -7.64
CA GLU A 99 3.94 -1.01 -8.42
C GLU A 99 4.92 -0.11 -9.16
N GLU A 100 4.39 0.96 -9.75
CA GLU A 100 5.23 1.91 -10.49
C GLU A 100 6.28 2.55 -9.58
N ILE A 101 5.82 3.03 -8.43
CA ILE A 101 6.74 3.66 -7.48
C ILE A 101 7.77 2.65 -7.01
N LEU A 102 7.32 1.42 -6.79
CA LEU A 102 8.22 0.35 -6.36
C LEU A 102 9.20 0.01 -7.48
N ASP A 103 8.73 0.14 -8.72
CA ASP A 103 9.58 -0.11 -9.89
C ASP A 103 10.52 1.06 -10.12
N GLY A 104 10.21 2.18 -9.47
CA GLY A 104 11.01 3.38 -9.61
C GLY A 104 10.40 4.40 -10.56
N ASN A 105 9.21 4.08 -11.05
CA ASN A 105 8.49 4.99 -11.93
C ASN A 105 7.37 5.66 -11.15
N ASP A 106 7.48 6.95 -10.90
CA ASP A 106 6.45 7.64 -10.13
C ASP A 106 6.55 9.16 -10.23
N GLU A 107 7.31 9.64 -11.21
CA GLU A 107 7.48 11.08 -11.40
C GLU A 107 6.14 11.78 -11.53
N LYS A 108 5.19 11.11 -12.19
CA LYS A 108 3.86 11.67 -12.38
C LYS A 108 3.09 11.71 -11.07
N TYR A 109 3.39 10.76 -10.19
CA TYR A 109 2.73 10.69 -8.90
C TYR A 109 3.29 11.72 -7.92
N LYS A 110 4.57 12.06 -8.09
CA LYS A 110 5.21 13.03 -7.21
C LYS A 110 5.01 14.47 -7.73
N ALA A 111 4.40 14.59 -8.92
CA ALA A 111 4.17 15.89 -9.52
C ALA A 111 2.74 16.38 -9.35
N VAL A 112 1.92 15.60 -8.65
CA VAL A 112 0.53 15.97 -8.43
C VAL A 112 -0.21 16.15 -9.76
N SER A 113 -0.06 15.18 -10.66
CA SER A 113 -0.71 15.23 -11.96
C SER A 113 -2.20 14.92 -11.84
N ILE A 114 -3.02 15.96 -11.74
CA ILE A 114 -4.46 15.79 -11.62
C ILE A 114 -5.15 16.08 -12.95
N SER A 115 -4.64 15.48 -14.02
CA SER A 115 -5.21 15.67 -15.35
C SER A 115 -5.26 14.36 -16.11
N GLY A 2 27.00 -17.50 -1.77
CA GLY A 2 26.73 -16.43 -0.77
C GLY A 2 25.78 -15.38 -1.27
N SER A 3 24.75 -15.08 -0.48
CA SER A 3 23.76 -14.09 -0.85
C SER A 3 24.21 -12.69 -0.44
N MET A 4 24.22 -11.77 -1.39
CA MET A 4 24.64 -10.40 -1.13
C MET A 4 23.47 -9.44 -1.30
N MET A 5 22.86 -9.04 -0.20
CA MET A 5 21.73 -8.12 -0.23
C MET A 5 22.17 -6.72 -0.64
N MET A 6 21.21 -5.83 -0.84
CA MET A 6 21.50 -4.46 -1.24
C MET A 6 20.23 -3.62 -1.31
N ALA A 7 20.21 -2.50 -0.59
CA ALA A 7 19.05 -1.62 -0.57
C ALA A 7 19.46 -0.19 -0.93
N LEU A 8 19.27 0.17 -2.20
CA LEU A 8 19.60 1.51 -2.67
C LEU A 8 18.48 2.08 -3.52
N SER A 9 17.24 1.71 -3.19
CA SER A 9 16.07 2.20 -3.92
C SER A 9 15.10 2.91 -2.98
N LYS A 10 13.88 3.12 -3.46
CA LYS A 10 12.86 3.79 -2.66
C LYS A 10 11.95 2.79 -1.95
N THR A 11 12.31 1.50 -2.03
CA THR A 11 11.53 0.46 -1.39
C THR A 11 12.39 -0.32 -0.39
N PHE A 12 11.82 -0.60 0.78
CA PHE A 12 12.56 -1.33 1.82
C PHE A 12 11.66 -2.36 2.50
N GLY A 13 12.12 -3.61 2.54
CA GLY A 13 11.33 -4.65 3.19
C GLY A 13 10.46 -5.42 2.23
N GLN A 14 9.58 -6.25 2.78
CA GLN A 14 8.65 -7.04 1.99
C GLN A 14 7.64 -6.13 1.29
N LYS A 15 7.06 -6.62 0.21
CA LYS A 15 6.08 -5.81 -0.55
C LYS A 15 4.82 -5.62 0.28
N PRO A 16 4.21 -4.42 0.21
CA PRO A 16 2.98 -4.12 0.95
C PRO A 16 1.84 -5.06 0.59
N VAL A 17 0.84 -5.12 1.45
CA VAL A 17 -0.30 -5.99 1.24
C VAL A 17 -1.24 -5.48 0.15
N LYS A 18 -1.43 -6.30 -0.87
CA LYS A 18 -2.30 -5.99 -1.99
C LYS A 18 -3.49 -6.95 -2.00
N PHE A 19 -4.61 -6.52 -2.56
CA PHE A 19 -5.80 -7.36 -2.62
C PHE A 19 -6.69 -6.98 -3.79
N GLN A 20 -7.68 -7.81 -4.05
CA GLN A 20 -8.62 -7.57 -5.15
C GLN A 20 -9.95 -7.05 -4.61
N LEU A 21 -10.41 -5.93 -5.17
CA LEU A 21 -11.66 -5.33 -4.74
C LEU A 21 -12.76 -5.51 -5.79
N GLU A 22 -12.35 -5.75 -7.04
CA GLU A 22 -13.32 -5.93 -8.12
C GLU A 22 -13.03 -7.22 -8.89
N ASP A 23 -14.10 -7.88 -9.33
CA ASP A 23 -13.99 -9.12 -10.09
C ASP A 23 -13.31 -8.90 -11.44
N ASP A 24 -13.14 -7.65 -11.84
CA ASP A 24 -12.53 -7.32 -13.12
C ASP A 24 -11.00 -7.39 -13.05
N GLY A 25 -10.46 -7.71 -11.87
CA GLY A 25 -9.02 -7.81 -11.72
C GLY A 25 -8.40 -6.56 -11.12
N GLU A 26 -9.21 -5.76 -10.42
CA GLU A 26 -8.70 -4.54 -9.80
C GLU A 26 -7.99 -4.87 -8.50
N PHE A 27 -6.69 -4.58 -8.44
CA PHE A 27 -5.90 -4.85 -7.25
C PHE A 27 -5.48 -3.55 -6.57
N TYR A 28 -5.71 -3.50 -5.26
CA TYR A 28 -5.34 -2.32 -4.47
C TYR A 28 -4.37 -2.70 -3.36
N MET A 29 -3.76 -1.71 -2.76
CA MET A 29 -2.82 -1.92 -1.68
C MET A 29 -3.12 -0.99 -0.51
N ILE A 30 -2.77 -1.44 0.70
CA ILE A 30 -3.02 -0.62 1.89
C ILE A 30 -1.96 0.46 2.03
N GLY A 31 -2.41 1.72 2.00
CA GLY A 31 -1.49 2.85 2.11
C GLY A 31 -0.62 2.78 3.34
N SER A 32 -1.14 2.21 4.42
CA SER A 32 -0.39 2.08 5.66
C SER A 32 0.86 1.23 5.41
N GLU A 33 0.69 0.18 4.62
CA GLU A 33 1.80 -0.71 4.30
C GLU A 33 2.77 0.00 3.37
N VAL A 34 2.21 0.76 2.44
CA VAL A 34 3.02 1.51 1.48
C VAL A 34 3.84 2.57 2.21
N GLY A 35 3.22 3.21 3.19
CA GLY A 35 3.90 4.24 3.95
C GLY A 35 5.08 3.69 4.73
N ASN A 36 4.85 2.62 5.48
CA ASN A 36 5.93 2.00 6.25
C ASN A 36 7.00 1.45 5.31
N TYR A 37 6.56 0.98 4.14
CA TYR A 37 7.45 0.43 3.13
C TYR A 37 8.45 1.48 2.66
N LEU A 38 7.95 2.69 2.43
CA LEU A 38 8.80 3.79 1.99
C LEU A 38 9.29 4.63 3.18
N ARG A 39 8.84 4.26 4.38
CA ARG A 39 9.23 4.97 5.60
C ARG A 39 8.64 6.38 5.64
N MET A 40 7.48 6.55 5.04
CA MET A 40 6.81 7.84 5.03
C MET A 40 5.70 7.87 6.07
N PHE A 41 5.73 8.86 6.95
CA PHE A 41 4.73 8.99 8.00
C PHE A 41 4.09 10.38 7.98
N ARG A 42 3.09 10.57 8.84
CA ARG A 42 2.40 11.85 8.92
C ARG A 42 1.81 12.25 7.57
N GLY A 43 1.30 11.26 6.84
CA GLY A 43 0.72 11.52 5.54
C GLY A 43 1.73 12.04 4.54
N SER A 44 3.01 11.75 4.79
CA SER A 44 4.08 12.18 3.90
C SER A 44 3.91 11.59 2.51
N LEU A 45 3.38 10.37 2.46
CA LEU A 45 3.17 9.69 1.19
C LEU A 45 2.13 10.43 0.35
N TYR A 46 0.97 10.68 0.96
CA TYR A 46 -0.11 11.38 0.27
C TYR A 46 0.28 12.81 -0.05
N LYS A 47 0.98 13.45 0.88
CA LYS A 47 1.43 14.83 0.70
C LYS A 47 2.49 14.92 -0.39
N ARG A 48 3.33 13.91 -0.48
CA ARG A 48 4.38 13.87 -1.50
C ARG A 48 3.88 13.25 -2.79
N TYR A 49 2.72 12.59 -2.74
CA TYR A 49 2.15 11.96 -3.92
C TYR A 49 0.66 12.29 -4.06
N PRO A 50 0.33 13.57 -4.30
CA PRO A 50 -1.06 14.01 -4.45
C PRO A 50 -1.76 13.37 -5.64
N SER A 51 -1.01 13.05 -6.69
CA SER A 51 -1.59 12.43 -7.87
C SER A 51 -1.86 10.94 -7.65
N LEU A 52 -1.47 10.43 -6.49
CA LEU A 52 -1.67 9.04 -6.16
C LEU A 52 -3.12 8.76 -5.77
N TRP A 53 -3.64 7.63 -6.23
CA TRP A 53 -5.01 7.24 -5.93
C TRP A 53 -5.13 6.70 -4.51
N ARG A 54 -5.88 7.39 -3.67
CA ARG A 54 -6.06 6.97 -2.27
C ARG A 54 -7.50 7.16 -1.83
N ARG A 55 -8.02 6.19 -1.08
CA ARG A 55 -9.40 6.26 -0.60
C ARG A 55 -9.55 5.49 0.73
N LEU A 56 -10.67 5.72 1.40
CA LEU A 56 -10.96 5.04 2.66
C LEU A 56 -11.72 3.74 2.40
N ALA A 57 -11.56 2.79 3.31
CA ALA A 57 -12.22 1.50 3.17
C ALA A 57 -13.40 1.35 4.13
N THR A 58 -14.54 0.94 3.60
CA THR A 58 -15.75 0.73 4.40
C THR A 58 -15.60 -0.50 5.28
N VAL A 59 -16.54 -0.70 6.19
CA VAL A 59 -16.50 -1.86 7.07
C VAL A 59 -16.51 -3.15 6.25
N GLU A 60 -17.23 -3.13 5.13
CA GLU A 60 -17.31 -4.28 4.26
C GLU A 60 -15.97 -4.49 3.55
N GLU A 61 -15.42 -3.41 3.01
CA GLU A 61 -14.14 -3.46 2.32
C GLU A 61 -13.02 -3.88 3.26
N ARG A 62 -12.99 -3.28 4.45
CA ARG A 62 -11.96 -3.60 5.43
C ARG A 62 -12.03 -5.06 5.84
N LYS A 63 -13.24 -5.56 6.09
CA LYS A 63 -13.40 -6.95 6.46
C LYS A 63 -12.85 -7.85 5.36
N LYS A 64 -13.14 -7.46 4.11
CA LYS A 64 -12.64 -8.20 2.96
C LYS A 64 -11.13 -8.06 2.85
N ILE A 65 -10.64 -6.87 3.22
CA ILE A 65 -9.21 -6.59 3.17
C ILE A 65 -8.42 -7.55 4.04
N VAL A 66 -8.84 -7.69 5.29
CA VAL A 66 -8.16 -8.58 6.23
C VAL A 66 -8.15 -10.03 5.74
N ALA A 67 -9.32 -10.51 5.33
CA ALA A 67 -9.45 -11.89 4.87
C ALA A 67 -8.83 -12.09 3.49
N SER A 68 -9.09 -11.17 2.57
CA SER A 68 -8.56 -11.27 1.21
C SER A 68 -7.08 -10.91 1.15
N SER A 69 -6.72 -9.76 1.69
CA SER A 69 -5.32 -9.31 1.67
C SER A 69 -4.46 -10.11 2.64
N HIS A 70 -4.90 -10.21 3.88
CA HIS A 70 -4.16 -10.93 4.90
C HIS A 70 -4.73 -12.33 5.12
N GLY A 71 -3.90 -13.21 5.67
CA GLY A 71 -4.34 -14.57 5.93
C GLY A 71 -3.35 -15.60 5.42
N LYS A 72 -2.79 -15.34 4.25
CA LYS A 72 -1.82 -16.27 3.65
C LYS A 72 -0.51 -16.25 4.43
N LYS A 73 -0.18 -15.10 5.02
CA LYS A 73 1.05 -14.95 5.79
C LYS A 73 0.74 -14.80 7.27
N THR A 74 1.17 -15.78 8.07
CA THR A 74 0.94 -15.76 9.51
C THR A 74 2.26 -15.83 10.27
N LYS A 75 2.43 -14.92 11.23
CA LYS A 75 3.65 -14.88 12.03
C LYS A 75 3.31 -14.87 13.52
N PRO A 76 3.27 -16.05 14.16
CA PRO A 76 2.96 -16.16 15.59
C PRO A 76 4.05 -15.56 16.47
N ASN A 77 3.68 -14.56 17.26
CA ASN A 77 4.62 -13.90 18.15
C ASN A 77 3.88 -13.18 19.27
N THR A 78 2.96 -12.28 18.90
CA THR A 78 2.19 -11.53 19.89
C THR A 78 0.72 -11.91 19.83
N LYS A 79 0.23 -12.17 18.62
CA LYS A 79 -1.16 -12.56 18.43
C LYS A 79 -1.29 -13.58 17.30
N ASP A 80 -2.09 -14.62 17.54
CA ASP A 80 -2.30 -15.66 16.54
C ASP A 80 -3.06 -15.12 15.34
N HIS A 81 -4.35 -14.83 15.55
CA HIS A 81 -5.20 -14.31 14.48
C HIS A 81 -5.98 -13.10 14.96
N GLY A 82 -5.78 -11.97 14.30
CA GLY A 82 -6.48 -10.75 14.68
C GLY A 82 -5.56 -9.56 14.77
N TYR A 83 -5.92 -8.47 14.08
CA TYR A 83 -5.11 -7.26 14.09
C TYR A 83 -5.75 -6.19 14.97
N THR A 84 -7.06 -6.08 14.90
CA THR A 84 -7.81 -5.11 15.69
C THR A 84 -7.23 -3.70 15.50
N THR A 85 -7.07 -3.30 14.24
CA THR A 85 -6.53 -1.99 13.92
C THR A 85 -6.82 -1.61 12.47
N LEU A 86 -6.61 -2.58 11.57
CA LEU A 86 -6.84 -2.36 10.15
C LEU A 86 -8.26 -2.74 9.76
N ALA A 87 -9.23 -2.30 10.56
CA ALA A 87 -10.64 -2.60 10.31
C ALA A 87 -11.52 -1.36 10.46
N THR A 88 -11.15 -0.49 11.39
CA THR A 88 -11.92 0.74 11.62
C THR A 88 -11.71 1.73 10.48
N SER A 89 -10.51 1.74 9.92
CA SER A 89 -10.19 2.64 8.82
C SER A 89 -8.99 2.13 8.03
N VAL A 90 -9.24 1.64 6.82
CA VAL A 90 -8.19 1.13 5.97
C VAL A 90 -8.00 2.01 4.74
N THR A 91 -6.74 2.35 4.44
CA THR A 91 -6.42 3.18 3.30
C THR A 91 -6.18 2.33 2.06
N LEU A 92 -6.86 2.66 0.98
CA LEU A 92 -6.73 1.92 -0.28
C LEU A 92 -5.93 2.70 -1.31
N LEU A 93 -5.14 1.98 -2.10
CA LEU A 93 -4.32 2.59 -3.14
C LEU A 93 -4.34 1.73 -4.42
N LYS A 94 -4.07 2.35 -5.56
CA LYS A 94 -4.08 1.63 -6.83
C LYS A 94 -2.78 0.83 -7.00
N ALA A 95 -2.93 -0.49 -7.15
CA ALA A 95 -1.78 -1.38 -7.33
C ALA A 95 -0.84 -0.88 -8.41
N SER A 96 -1.42 -0.42 -9.52
CA SER A 96 -0.63 0.07 -10.63
C SER A 96 0.19 1.28 -10.22
N GLU A 97 -0.38 2.15 -9.40
CA GLU A 97 0.32 3.34 -8.94
C GLU A 97 1.46 2.97 -8.00
N VAL A 98 1.15 2.13 -7.02
CA VAL A 98 2.16 1.69 -6.06
C VAL A 98 3.28 0.95 -6.80
N GLU A 99 2.88 0.03 -7.67
CA GLU A 99 3.83 -0.75 -8.45
C GLU A 99 4.77 0.16 -9.23
N GLU A 100 4.22 1.24 -9.80
CA GLU A 100 5.02 2.18 -10.56
C GLU A 100 6.09 2.82 -9.69
N ILE A 101 5.68 3.30 -8.51
CA ILE A 101 6.61 3.91 -7.58
C ILE A 101 7.65 2.89 -7.15
N LEU A 102 7.20 1.66 -6.94
CA LEU A 102 8.08 0.57 -6.55
C LEU A 102 9.05 0.25 -7.68
N ASP A 103 8.58 0.40 -8.92
CA ASP A 103 9.41 0.16 -10.09
C ASP A 103 10.34 1.34 -10.33
N GLY A 104 10.04 2.45 -9.67
CA GLY A 104 10.84 3.66 -9.79
C GLY A 104 10.20 4.68 -10.71
N ASN A 105 9.01 4.38 -11.19
CA ASN A 105 8.27 5.30 -12.03
C ASN A 105 7.17 5.95 -11.23
N ASP A 106 7.28 7.24 -10.96
CA ASP A 106 6.27 7.94 -10.17
C ASP A 106 6.40 9.45 -10.25
N GLU A 107 7.13 9.94 -11.25
CA GLU A 107 7.32 11.36 -11.44
C GLU A 107 5.99 12.09 -11.54
N LYS A 108 5.03 11.46 -12.21
CA LYS A 108 3.71 12.04 -12.39
C LYS A 108 2.94 12.03 -11.06
N TYR A 109 3.28 11.10 -10.19
CA TYR A 109 2.63 10.98 -8.90
C TYR A 109 3.20 11.96 -7.89
N LYS A 110 4.51 12.15 -7.90
CA LYS A 110 5.17 13.05 -6.96
C LYS A 110 4.85 14.52 -7.28
N ALA A 111 4.46 14.79 -8.51
CA ALA A 111 4.15 16.16 -8.93
C ALA A 111 2.65 16.35 -9.17
N VAL A 112 1.83 15.60 -8.43
CA VAL A 112 0.38 15.71 -8.57
C VAL A 112 -0.04 15.82 -10.04
N SER A 113 0.73 15.19 -10.93
CA SER A 113 0.45 15.23 -12.35
C SER A 113 -0.35 14.01 -12.79
N ILE A 114 -1.08 14.15 -13.89
CA ILE A 114 -1.88 13.06 -14.42
C ILE A 114 -1.83 13.02 -15.94
N SER A 115 -1.97 14.18 -16.57
CA SER A 115 -1.94 14.28 -18.01
C SER A 115 -1.26 15.58 -18.45
N GLY A 2 33.22 -9.23 -4.11
CA GLY A 2 32.26 -8.41 -4.90
C GLY A 2 30.95 -8.19 -4.19
N SER A 3 30.96 -7.36 -3.16
CA SER A 3 29.76 -7.08 -2.38
C SER A 3 29.41 -5.60 -2.45
N MET A 4 28.22 -5.30 -2.98
CA MET A 4 27.77 -3.92 -3.11
C MET A 4 27.34 -3.35 -1.76
N MET A 5 28.08 -2.36 -1.28
CA MET A 5 27.78 -1.74 0.00
C MET A 5 26.95 -0.47 -0.18
N MET A 6 27.18 0.22 -1.29
CA MET A 6 26.46 1.45 -1.60
C MET A 6 25.26 1.16 -2.51
N ALA A 7 24.06 1.31 -1.97
CA ALA A 7 22.84 1.08 -2.74
C ALA A 7 21.81 2.16 -2.47
N LEU A 8 21.08 2.54 -3.52
CA LEU A 8 20.05 3.58 -3.41
C LEU A 8 18.77 3.14 -4.10
N SER A 9 17.73 2.89 -3.32
CA SER A 9 16.45 2.47 -3.85
C SER A 9 15.30 3.23 -3.18
N LYS A 10 14.11 3.11 -3.75
CA LYS A 10 12.94 3.78 -3.21
C LYS A 10 12.02 2.80 -2.47
N THR A 11 12.48 1.56 -2.33
CA THR A 11 11.70 0.54 -1.64
C THR A 11 12.57 -0.21 -0.63
N PHE A 12 12.01 -0.47 0.56
CA PHE A 12 12.75 -1.17 1.59
C PHE A 12 11.87 -2.19 2.31
N GLY A 13 12.32 -3.45 2.36
CA GLY A 13 11.55 -4.46 3.05
C GLY A 13 10.66 -5.26 2.12
N GLN A 14 9.79 -6.07 2.71
CA GLN A 14 8.85 -6.88 1.95
C GLN A 14 7.83 -5.98 1.26
N LYS A 15 7.22 -6.47 0.18
CA LYS A 15 6.24 -5.69 -0.55
C LYS A 15 4.98 -5.50 0.28
N PRO A 16 4.35 -4.30 0.21
CA PRO A 16 3.14 -4.00 0.98
C PRO A 16 2.00 -4.96 0.63
N VAL A 17 1.00 -5.02 1.51
CA VAL A 17 -0.13 -5.91 1.30
C VAL A 17 -1.08 -5.40 0.22
N LYS A 18 -1.26 -6.23 -0.81
CA LYS A 18 -2.15 -5.91 -1.92
C LYS A 18 -3.32 -6.90 -1.94
N PHE A 19 -4.48 -6.44 -2.38
CA PHE A 19 -5.66 -7.30 -2.43
C PHE A 19 -6.57 -6.92 -3.60
N GLN A 20 -7.54 -7.78 -3.87
CA GLN A 20 -8.49 -7.54 -4.95
C GLN A 20 -9.82 -7.05 -4.41
N LEU A 21 -10.30 -5.93 -4.93
CA LEU A 21 -11.57 -5.37 -4.48
C LEU A 21 -12.66 -5.52 -5.54
N GLU A 22 -12.25 -5.66 -6.80
CA GLU A 22 -13.21 -5.83 -7.89
C GLU A 22 -12.96 -7.14 -8.64
N ASP A 23 -14.05 -7.77 -9.08
CA ASP A 23 -13.97 -9.03 -9.81
C ASP A 23 -13.31 -8.86 -11.18
N ASP A 24 -13.14 -7.61 -11.61
CA ASP A 24 -12.55 -7.32 -12.90
C ASP A 24 -11.02 -7.39 -12.86
N GLY A 25 -10.46 -7.61 -11.67
CA GLY A 25 -9.02 -7.70 -11.54
C GLY A 25 -8.40 -6.44 -10.96
N GLU A 26 -9.18 -5.70 -10.18
CA GLU A 26 -8.68 -4.48 -9.56
C GLU A 26 -7.94 -4.80 -8.27
N PHE A 27 -6.64 -4.49 -8.24
CA PHE A 27 -5.81 -4.75 -7.07
C PHE A 27 -5.41 -3.46 -6.38
N TYR A 28 -5.58 -3.43 -5.06
CA TYR A 28 -5.22 -2.26 -4.28
C TYR A 28 -4.24 -2.64 -3.19
N MET A 29 -3.63 -1.63 -2.58
CA MET A 29 -2.66 -1.85 -1.51
C MET A 29 -2.93 -0.92 -0.34
N ILE A 30 -2.66 -1.39 0.87
CA ILE A 30 -2.88 -0.57 2.06
C ILE A 30 -1.82 0.51 2.19
N GLY A 31 -2.25 1.76 2.16
CA GLY A 31 -1.31 2.88 2.25
C GLY A 31 -0.44 2.82 3.48
N SER A 32 -0.91 2.17 4.53
CA SER A 32 -0.14 2.04 5.76
C SER A 32 1.10 1.20 5.48
N GLU A 33 0.92 0.13 4.71
CA GLU A 33 2.02 -0.75 4.35
C GLU A 33 2.97 -0.04 3.40
N VAL A 34 2.40 0.72 2.48
CA VAL A 34 3.18 1.47 1.51
C VAL A 34 3.99 2.54 2.21
N GLY A 35 3.37 3.19 3.19
CA GLY A 35 4.03 4.24 3.93
C GLY A 35 5.25 3.72 4.67
N ASN A 36 5.08 2.65 5.43
CA ASN A 36 6.20 2.06 6.17
C ASN A 36 7.25 1.54 5.19
N TYR A 37 6.78 1.06 4.04
CA TYR A 37 7.66 0.52 3.01
C TYR A 37 8.63 1.59 2.53
N LEU A 38 8.13 2.80 2.32
CA LEU A 38 8.95 3.92 1.88
C LEU A 38 9.44 4.74 3.08
N ARG A 39 9.00 4.36 4.28
CA ARG A 39 9.39 5.06 5.50
C ARG A 39 8.80 6.46 5.56
N MET A 40 7.62 6.62 4.97
CA MET A 40 6.95 7.91 4.98
C MET A 40 5.82 7.91 6.01
N PHE A 41 5.85 8.89 6.91
CA PHE A 41 4.84 8.99 7.96
C PHE A 41 4.19 10.36 7.96
N ARG A 42 3.15 10.52 8.79
CA ARG A 42 2.43 11.79 8.89
C ARG A 42 1.90 12.21 7.53
N GLY A 43 1.31 11.25 6.80
CA GLY A 43 0.77 11.55 5.49
C GLY A 43 1.84 12.00 4.50
N SER A 44 3.10 11.72 4.84
CA SER A 44 4.22 12.10 3.97
C SER A 44 4.07 11.47 2.59
N LEU A 45 3.50 10.27 2.55
CA LEU A 45 3.31 9.56 1.29
C LEU A 45 2.34 10.31 0.38
N TYR A 46 1.18 10.66 0.94
CA TYR A 46 0.16 11.38 0.18
C TYR A 46 0.60 12.80 -0.12
N LYS A 47 1.26 13.43 0.86
CA LYS A 47 1.74 14.79 0.69
C LYS A 47 2.80 14.85 -0.41
N ARG A 48 3.56 13.77 -0.55
CA ARG A 48 4.60 13.69 -1.57
C ARG A 48 4.08 13.06 -2.85
N TYR A 49 2.92 12.39 -2.75
CA TYR A 49 2.32 11.75 -3.92
C TYR A 49 0.83 12.07 -4.01
N PRO A 50 0.47 13.35 -4.20
CA PRO A 50 -0.93 13.78 -4.29
C PRO A 50 -1.67 13.15 -5.48
N SER A 51 -0.94 12.89 -6.56
CA SER A 51 -1.53 12.29 -7.75
C SER A 51 -1.86 10.81 -7.54
N LEU A 52 -1.39 10.25 -6.43
CA LEU A 52 -1.62 8.85 -6.12
C LEU A 52 -3.07 8.63 -5.67
N TRP A 53 -3.70 7.58 -6.23
CA TRP A 53 -5.07 7.25 -5.89
C TRP A 53 -5.17 6.68 -4.48
N ARG A 54 -5.94 7.33 -3.62
CA ARG A 54 -6.13 6.87 -2.25
C ARG A 54 -7.58 7.03 -1.82
N ARG A 55 -8.11 6.03 -1.13
CA ARG A 55 -9.49 6.10 -0.66
C ARG A 55 -9.70 5.21 0.58
N LEU A 56 -10.75 5.50 1.34
CA LEU A 56 -11.06 4.75 2.54
C LEU A 56 -12.02 3.60 2.23
N ALA A 57 -11.68 2.40 2.70
CA ALA A 57 -12.51 1.23 2.48
C ALA A 57 -13.73 1.21 3.39
N THR A 58 -14.85 0.75 2.85
CA THR A 58 -16.10 0.66 3.60
C THR A 58 -16.02 -0.45 4.63
N VAL A 59 -17.00 -0.50 5.53
CA VAL A 59 -17.03 -1.53 6.56
C VAL A 59 -16.93 -2.92 5.95
N GLU A 60 -17.77 -3.19 4.96
CA GLU A 60 -17.75 -4.47 4.28
C GLU A 60 -16.44 -4.66 3.53
N GLU A 61 -15.90 -3.56 3.02
CA GLU A 61 -14.63 -3.59 2.30
C GLU A 61 -13.51 -4.02 3.24
N ARG A 62 -13.50 -3.45 4.44
CA ARG A 62 -12.47 -3.78 5.43
C ARG A 62 -12.56 -5.26 5.80
N LYS A 63 -13.79 -5.76 5.96
CA LYS A 63 -14.00 -7.15 6.30
C LYS A 63 -13.36 -8.03 5.24
N LYS A 64 -13.62 -7.70 3.98
CA LYS A 64 -13.06 -8.44 2.85
C LYS A 64 -11.55 -8.22 2.80
N ILE A 65 -11.11 -7.02 3.16
CA ILE A 65 -9.70 -6.68 3.16
C ILE A 65 -8.92 -7.60 4.10
N VAL A 66 -9.41 -7.74 5.32
CA VAL A 66 -8.75 -8.59 6.31
C VAL A 66 -8.65 -10.03 5.82
N ALA A 67 -9.72 -10.54 5.23
CA ALA A 67 -9.74 -11.91 4.73
C ALA A 67 -8.90 -12.08 3.47
N SER A 68 -9.04 -11.14 2.53
CA SER A 68 -8.29 -11.22 1.27
C SER A 68 -6.84 -10.76 1.44
N SER A 69 -6.66 -9.58 2.02
CA SER A 69 -5.32 -9.02 2.22
C SER A 69 -4.46 -9.94 3.08
N HIS A 70 -4.95 -10.26 4.27
CA HIS A 70 -4.22 -11.13 5.19
C HIS A 70 -5.03 -11.41 6.46
N GLY A 71 -4.82 -10.60 7.49
CA GLY A 71 -5.54 -10.78 8.74
C GLY A 71 -4.63 -11.17 9.88
N LYS A 72 -3.59 -10.38 10.11
CA LYS A 72 -2.64 -10.65 11.18
C LYS A 72 -1.95 -11.99 10.97
N LYS A 73 -0.66 -11.94 10.63
CA LYS A 73 0.11 -13.16 10.41
C LYS A 73 0.53 -13.80 11.72
N THR A 74 -0.08 -14.93 12.05
CA THR A 74 0.23 -15.63 13.29
C THR A 74 0.26 -17.14 13.07
N LYS A 75 1.02 -17.84 13.90
CA LYS A 75 1.14 -19.29 13.81
C LYS A 75 -0.18 -19.98 14.19
N PRO A 76 -0.64 -19.78 15.43
CA PRO A 76 -1.88 -20.38 15.92
C PRO A 76 -3.12 -19.77 15.25
N ASN A 77 -4.08 -20.62 14.92
CA ASN A 77 -5.31 -20.17 14.28
C ASN A 77 -6.48 -21.05 14.68
N THR A 78 -7.15 -20.68 15.77
CA THR A 78 -8.29 -21.44 16.27
C THR A 78 -9.57 -20.63 16.13
N LYS A 79 -9.47 -19.33 16.34
CA LYS A 79 -10.63 -18.44 16.25
C LYS A 79 -10.63 -17.70 14.91
N ASP A 80 -11.83 -17.38 14.43
CA ASP A 80 -11.97 -16.68 13.16
C ASP A 80 -13.40 -16.18 12.96
N HIS A 81 -13.58 -14.87 12.95
CA HIS A 81 -14.90 -14.28 12.77
C HIS A 81 -14.80 -12.95 12.02
N GLY A 82 -14.51 -11.87 12.76
CA GLY A 82 -14.39 -10.57 12.14
C GLY A 82 -13.22 -9.77 12.68
N TYR A 83 -12.43 -10.37 13.58
CA TYR A 83 -11.28 -9.69 14.16
C TYR A 83 -11.69 -8.39 14.86
N THR A 84 -10.81 -7.85 15.68
CA THR A 84 -11.07 -6.62 16.40
C THR A 84 -9.99 -5.58 16.12
N THR A 85 -9.42 -5.64 14.92
CA THR A 85 -8.38 -4.71 14.53
C THR A 85 -8.25 -4.64 13.00
N LEU A 86 -7.68 -3.55 12.51
CA LEU A 86 -7.49 -3.36 11.07
C LEU A 86 -8.84 -3.39 10.36
N ALA A 87 -9.90 -3.00 11.06
CA ALA A 87 -11.23 -2.97 10.48
C ALA A 87 -11.97 -1.68 10.84
N THR A 88 -11.20 -0.65 11.21
CA THR A 88 -11.79 0.63 11.58
C THR A 88 -11.45 1.70 10.54
N SER A 89 -10.26 1.59 9.96
CA SER A 89 -9.81 2.55 8.96
C SER A 89 -8.75 1.93 8.06
N VAL A 90 -9.12 1.66 6.81
CA VAL A 90 -8.20 1.07 5.84
C VAL A 90 -8.04 1.97 4.62
N THR A 91 -6.81 2.40 4.38
CA THR A 91 -6.52 3.26 3.24
C THR A 91 -6.05 2.43 2.05
N LEU A 92 -6.85 2.43 0.99
CA LEU A 92 -6.52 1.66 -0.21
C LEU A 92 -5.86 2.54 -1.26
N LEU A 93 -4.98 1.93 -2.04
CA LEU A 93 -4.27 2.63 -3.10
C LEU A 93 -4.26 1.80 -4.39
N LYS A 94 -4.11 2.47 -5.53
CA LYS A 94 -4.10 1.77 -6.81
C LYS A 94 -2.81 0.96 -6.98
N ALA A 95 -2.97 -0.35 -7.17
CA ALA A 95 -1.82 -1.24 -7.34
C ALA A 95 -0.88 -0.74 -8.43
N SER A 96 -1.46 -0.20 -9.49
CA SER A 96 -0.67 0.32 -10.60
C SER A 96 0.16 1.52 -10.16
N GLU A 97 -0.38 2.34 -9.27
CA GLU A 97 0.32 3.52 -8.78
C GLU A 97 1.52 3.10 -7.94
N VAL A 98 1.28 2.20 -6.99
CA VAL A 98 2.34 1.71 -6.12
C VAL A 98 3.40 1.00 -6.93
N GLU A 99 2.95 0.11 -7.81
CA GLU A 99 3.84 -0.66 -8.66
C GLU A 99 4.76 0.26 -9.46
N GLU A 100 4.21 1.35 -9.97
CA GLU A 100 4.99 2.31 -10.74
C GLU A 100 6.08 2.94 -9.87
N ILE A 101 5.70 3.40 -8.69
CA ILE A 101 6.66 3.99 -7.77
C ILE A 101 7.70 2.96 -7.38
N LEU A 102 7.24 1.73 -7.19
CA LEU A 102 8.13 0.63 -6.83
C LEU A 102 9.08 0.33 -7.98
N ASP A 103 8.58 0.48 -9.20
CA ASP A 103 9.37 0.25 -10.40
C ASP A 103 10.31 1.43 -10.65
N GLY A 104 10.03 2.54 -9.96
CA GLY A 104 10.83 3.73 -10.10
C GLY A 104 10.19 4.77 -10.99
N ASN A 105 8.97 4.48 -11.44
CA ASN A 105 8.23 5.40 -12.26
C ASN A 105 7.14 6.07 -11.42
N ASP A 106 7.29 7.35 -11.15
CA ASP A 106 6.29 8.05 -10.34
C ASP A 106 6.44 9.57 -10.41
N GLU A 107 7.17 10.05 -11.41
CA GLU A 107 7.37 11.48 -11.58
C GLU A 107 6.05 12.22 -11.69
N LYS A 108 5.06 11.58 -12.30
CA LYS A 108 3.74 12.17 -12.46
C LYS A 108 2.98 12.16 -11.14
N TYR A 109 3.33 11.22 -10.27
CA TYR A 109 2.68 11.10 -8.98
C TYR A 109 3.25 12.09 -7.96
N LYS A 110 4.56 12.30 -8.02
CA LYS A 110 5.23 13.22 -7.09
C LYS A 110 4.91 14.67 -7.44
N ALA A 111 4.31 14.90 -8.61
CA ALA A 111 3.96 16.26 -9.03
C ALA A 111 2.46 16.44 -9.17
N VAL A 112 1.68 15.63 -8.45
CA VAL A 112 0.22 15.71 -8.49
C VAL A 112 -0.29 15.89 -9.92
N SER A 113 0.44 15.33 -10.88
CA SER A 113 0.06 15.43 -12.28
C SER A 113 -0.63 14.15 -12.76
N ILE A 114 -1.57 14.29 -13.68
CA ILE A 114 -2.30 13.15 -14.22
C ILE A 114 -2.99 13.51 -15.54
N SER A 115 -2.21 14.04 -16.48
CA SER A 115 -2.75 14.43 -17.78
C SER A 115 -1.79 14.07 -18.90
#